data_5IX7
# 
_entry.id   5IX7 
# 
_audit_conform.dict_name       mmcif_pdbx.dic 
_audit_conform.dict_version    5.387 
_audit_conform.dict_location   http://mmcif.pdb.org/dictionaries/ascii/mmcif_pdbx.dic 
# 
loop_
_database_2.database_id 
_database_2.database_code 
_database_2.pdbx_database_accession 
_database_2.pdbx_DOI 
PDB   5IX7         pdb_00005ix7 10.2210/pdb5ix7/pdb 
WWPDB D_1000219413 ?            ?                   
# 
loop_
_pdbx_audit_revision_history.ordinal 
_pdbx_audit_revision_history.data_content_type 
_pdbx_audit_revision_history.major_revision 
_pdbx_audit_revision_history.minor_revision 
_pdbx_audit_revision_history.revision_date 
1 'Structure model' 1 0 2017-07-05 
2 'Structure model' 1 1 2017-10-11 
3 'Structure model' 1 2 2024-03-20 
# 
_pdbx_audit_revision_details.ordinal             1 
_pdbx_audit_revision_details.revision_ordinal    1 
_pdbx_audit_revision_details.data_content_type   'Structure model' 
_pdbx_audit_revision_details.provider            repository 
_pdbx_audit_revision_details.type                'Initial release' 
_pdbx_audit_revision_details.description         ? 
_pdbx_audit_revision_details.details             ? 
# 
loop_
_pdbx_audit_revision_group.ordinal 
_pdbx_audit_revision_group.revision_ordinal 
_pdbx_audit_revision_group.data_content_type 
_pdbx_audit_revision_group.group 
1 2 'Structure model' 'Database references'  
2 3 'Structure model' 'Data collection'      
3 3 'Structure model' 'Database references'  
4 3 'Structure model' 'Derived calculations' 
# 
loop_
_pdbx_audit_revision_category.ordinal 
_pdbx_audit_revision_category.revision_ordinal 
_pdbx_audit_revision_category.data_content_type 
_pdbx_audit_revision_category.category 
1 2 'Structure model' citation               
2 3 'Structure model' chem_comp_atom         
3 3 'Structure model' chem_comp_bond         
4 3 'Structure model' database_2             
5 3 'Structure model' pdbx_struct_conn_angle 
6 3 'Structure model' struct_conn            
7 3 'Structure model' struct_conn_type       
# 
loop_
_pdbx_audit_revision_item.ordinal 
_pdbx_audit_revision_item.revision_ordinal 
_pdbx_audit_revision_item.data_content_type 
_pdbx_audit_revision_item.item 
1  2 'Structure model' '_citation.country'                           
2  2 'Structure model' '_citation.journal_abbrev'                    
3  2 'Structure model' '_citation.journal_id_CSD'                    
4  2 'Structure model' '_citation.journal_id_ISSN'                   
5  2 'Structure model' '_citation.journal_volume'                    
6  2 'Structure model' '_citation.page_first'                        
7  2 'Structure model' '_citation.page_last'                         
8  2 'Structure model' '_citation.pdbx_database_id_DOI'              
9  2 'Structure model' '_citation.pdbx_database_id_PubMed'           
10 2 'Structure model' '_citation.year'                              
11 3 'Structure model' '_database_2.pdbx_DOI'                        
12 3 'Structure model' '_database_2.pdbx_database_accession'         
13 3 'Structure model' '_pdbx_struct_conn_angle.ptnr1_auth_comp_id'  
14 3 'Structure model' '_pdbx_struct_conn_angle.ptnr1_auth_seq_id'   
15 3 'Structure model' '_pdbx_struct_conn_angle.ptnr1_label_asym_id' 
16 3 'Structure model' '_pdbx_struct_conn_angle.ptnr1_label_atom_id' 
17 3 'Structure model' '_pdbx_struct_conn_angle.ptnr1_label_comp_id' 
18 3 'Structure model' '_pdbx_struct_conn_angle.ptnr1_label_seq_id'  
19 3 'Structure model' '_pdbx_struct_conn_angle.ptnr1_symmetry'      
20 3 'Structure model' '_pdbx_struct_conn_angle.ptnr2_auth_comp_id'  
21 3 'Structure model' '_pdbx_struct_conn_angle.ptnr2_auth_seq_id'   
22 3 'Structure model' '_pdbx_struct_conn_angle.ptnr2_label_asym_id' 
23 3 'Structure model' '_pdbx_struct_conn_angle.ptnr2_label_atom_id' 
24 3 'Structure model' '_pdbx_struct_conn_angle.ptnr2_label_comp_id' 
25 3 'Structure model' '_pdbx_struct_conn_angle.ptnr3_auth_comp_id'  
26 3 'Structure model' '_pdbx_struct_conn_angle.ptnr3_auth_seq_id'   
27 3 'Structure model' '_pdbx_struct_conn_angle.ptnr3_label_asym_id' 
28 3 'Structure model' '_pdbx_struct_conn_angle.ptnr3_label_atom_id' 
29 3 'Structure model' '_pdbx_struct_conn_angle.ptnr3_label_comp_id' 
30 3 'Structure model' '_pdbx_struct_conn_angle.ptnr3_label_seq_id'  
31 3 'Structure model' '_pdbx_struct_conn_angle.ptnr3_symmetry'      
32 3 'Structure model' '_pdbx_struct_conn_angle.value'               
33 3 'Structure model' '_struct_conn.conn_type_id'                   
34 3 'Structure model' '_struct_conn.id'                             
35 3 'Structure model' '_struct_conn.pdbx_dist_value'                
36 3 'Structure model' '_struct_conn.pdbx_leaving_atom_flag'         
37 3 'Structure model' '_struct_conn.ptnr1_auth_comp_id'             
38 3 'Structure model' '_struct_conn.ptnr1_auth_seq_id'              
39 3 'Structure model' '_struct_conn.ptnr1_label_asym_id'            
40 3 'Structure model' '_struct_conn.ptnr1_label_atom_id'            
41 3 'Structure model' '_struct_conn.ptnr1_label_comp_id'            
42 3 'Structure model' '_struct_conn.ptnr1_label_seq_id'             
43 3 'Structure model' '_struct_conn.ptnr2_auth_comp_id'             
44 3 'Structure model' '_struct_conn.ptnr2_auth_seq_id'              
45 3 'Structure model' '_struct_conn.ptnr2_label_asym_id'            
46 3 'Structure model' '_struct_conn.ptnr2_label_atom_id'            
47 3 'Structure model' '_struct_conn.ptnr2_label_comp_id'            
48 3 'Structure model' '_struct_conn.ptnr2_label_seq_id'             
49 3 'Structure model' '_struct_conn.ptnr2_symmetry'                 
50 3 'Structure model' '_struct_conn_type.id'                        
# 
_pdbx_database_status.status_code                     REL 
_pdbx_database_status.status_code_sf                  REL 
_pdbx_database_status.status_code_mr                  ? 
_pdbx_database_status.entry_id                        5IX7 
_pdbx_database_status.recvd_initial_deposition_date   2016-03-23 
_pdbx_database_status.SG_entry                        N 
_pdbx_database_status.deposit_site                    PDBJ 
_pdbx_database_status.process_site                    PDBJ 
_pdbx_database_status.status_code_cs                  ? 
_pdbx_database_status.methods_development_category    ? 
_pdbx_database_status.pdb_format_compatible           Y 
_pdbx_database_status.status_code_nmr_data            ? 
# 
loop_
_audit_author.name 
_audit_author.pdbx_ordinal 
_audit_author.identifier_ORCID 
'Kondo, J.'     1 ? 
'Tada, Y.'      2 ? 
'Dairaku, T.'   3 ? 
'Hattori, Y.'   4 ? 
'Saneyoshi, H.' 5 ? 
'Ono, A.'       6 ? 
'Tanaka, Y.'    7 ? 
# 
_citation.abstract                  ? 
_citation.abstract_id_CAS           ? 
_citation.book_id_ISBN              ? 
_citation.book_publisher            ? 
_citation.book_publisher_city       ? 
_citation.book_title                ? 
_citation.coordinate_linkage        ? 
_citation.country                   UK 
_citation.database_id_Medline       ? 
_citation.details                   ? 
_citation.id                        primary 
_citation.journal_abbrev            'Nat Chem' 
_citation.journal_id_ASTM           ? 
_citation.journal_id_CSD            ? 
_citation.journal_id_ISSN           1755-4349 
_citation.journal_full              ? 
_citation.journal_issue             ? 
_citation.journal_volume            9 
_citation.language                  ? 
_citation.page_first                956 
_citation.page_last                 960 
_citation.title                     'A metallo-DNA nanowire with uninterrupted one-dimensional silver array' 
_citation.year                      2017 
_citation.database_id_CSD           ? 
_citation.pdbx_database_id_DOI      10.1038/nchem.2808 
_citation.pdbx_database_id_PubMed   28937663 
_citation.unpublished_flag          ? 
# 
loop_
_citation_author.citation_id 
_citation_author.name 
_citation_author.ordinal 
_citation_author.identifier_ORCID 
primary 'Kondo, J.'     1 ? 
primary 'Tada, Y.'      2 ? 
primary 'Dairaku, T.'   3 ? 
primary 'Hattori, Y.'   4 ? 
primary 'Saneyoshi, H.' 5 ? 
primary 'Ono, A.'       6 ? 
primary 'Tanaka, Y.'    7 ? 
# 
loop_
_entity.id 
_entity.type 
_entity.src_method 
_entity.pdbx_description 
_entity.formula_weight 
_entity.pdbx_number_of_molecules 
_entity.pdbx_ec 
_entity.pdbx_mutation 
_entity.pdbx_fragment 
_entity.details 
1 polymer     syn 
;DNA (5'-D(*GP*GP*AP*CP*TP*(CBR)P*GP*AP*CP*TP*CP*C)-3')
;
3702.264 1  ? ? ? ? 
2 non-polymer syn 'SILVER ION'                                             107.868  6  ? ? ? ? 
3 non-polymer syn 'POTASSIUM ION'                                          39.098   2  ? ? ? ? 
4 water       nat water                                                    18.015   88 ? ? ? ? 
# 
_entity_poly.entity_id                      1 
_entity_poly.type                           polydeoxyribonucleotide 
_entity_poly.nstd_linkage                   no 
_entity_poly.nstd_monomer                   yes 
_entity_poly.pdbx_seq_one_letter_code       '(DG)(DG)(DA)(DC)(DT)(CBR)(DG)(DA)(DC)(DT)(DC)(DC)' 
_entity_poly.pdbx_seq_one_letter_code_can   GGACTCGACTCC 
_entity_poly.pdbx_strand_id                 A 
_entity_poly.pdbx_target_identifier         ? 
# 
loop_
_pdbx_entity_nonpoly.entity_id 
_pdbx_entity_nonpoly.name 
_pdbx_entity_nonpoly.comp_id 
2 'SILVER ION'    AG  
3 'POTASSIUM ION' K   
4 water           HOH 
# 
loop_
_entity_poly_seq.entity_id 
_entity_poly_seq.num 
_entity_poly_seq.mon_id 
_entity_poly_seq.hetero 
1 1  DG  n 
1 2  DG  n 
1 3  DA  n 
1 4  DC  n 
1 5  DT  n 
1 6  CBR n 
1 7  DG  n 
1 8  DA  n 
1 9  DC  n 
1 10 DT  n 
1 11 DC  n 
1 12 DC  n 
# 
_pdbx_entity_src_syn.entity_id              1 
_pdbx_entity_src_syn.pdbx_src_id            1 
_pdbx_entity_src_syn.pdbx_alt_source_flag   sample 
_pdbx_entity_src_syn.pdbx_beg_seq_num       1 
_pdbx_entity_src_syn.pdbx_end_seq_num       12 
_pdbx_entity_src_syn.organism_scientific    'synthetic construct' 
_pdbx_entity_src_syn.organism_common_name   ? 
_pdbx_entity_src_syn.ncbi_taxonomy_id       32630 
_pdbx_entity_src_syn.details                ? 
# 
loop_
_chem_comp.id 
_chem_comp.type 
_chem_comp.mon_nstd_flag 
_chem_comp.name 
_chem_comp.pdbx_synonyms 
_chem_comp.formula 
_chem_comp.formula_weight 
AG  non-polymer   . 'SILVER ION'                                 ? 'Ag 1'              107.868 
CBR 'DNA linking' n "5-BROMO-2'-DEOXY-CYTIDINE-5'-MONOPHOSPHATE" ? 'C9 H13 Br N3 O7 P' 386.093 
DA  'DNA linking' y "2'-DEOXYADENOSINE-5'-MONOPHOSPHATE"         ? 'C10 H14 N5 O6 P'   331.222 
DC  'DNA linking' y "2'-DEOXYCYTIDINE-5'-MONOPHOSPHATE"          ? 'C9 H14 N3 O7 P'    307.197 
DG  'DNA linking' y "2'-DEOXYGUANOSINE-5'-MONOPHOSPHATE"         ? 'C10 H14 N5 O7 P'   347.221 
DT  'DNA linking' y "THYMIDINE-5'-MONOPHOSPHATE"                 ? 'C10 H15 N2 O8 P'   322.208 
HOH non-polymer   . WATER                                        ? 'H2 O'              18.015  
K   non-polymer   . 'POTASSIUM ION'                              ? 'K 1'               39.098  
# 
loop_
_pdbx_poly_seq_scheme.asym_id 
_pdbx_poly_seq_scheme.entity_id 
_pdbx_poly_seq_scheme.seq_id 
_pdbx_poly_seq_scheme.mon_id 
_pdbx_poly_seq_scheme.ndb_seq_num 
_pdbx_poly_seq_scheme.pdb_seq_num 
_pdbx_poly_seq_scheme.auth_seq_num 
_pdbx_poly_seq_scheme.pdb_mon_id 
_pdbx_poly_seq_scheme.auth_mon_id 
_pdbx_poly_seq_scheme.pdb_strand_id 
_pdbx_poly_seq_scheme.pdb_ins_code 
_pdbx_poly_seq_scheme.hetero 
A 1 1  DG  1  1  1  DG  DG  A . n 
A 1 2  DG  2  2  2  DG  DG  A . n 
A 1 3  DA  3  3  3  DA  DA  A . n 
A 1 4  DC  4  4  4  DC  DC  A . n 
A 1 5  DT  5  5  5  DT  DT  A . n 
A 1 6  CBR 6  6  6  CBR CB2 A . n 
A 1 7  DG  7  7  7  DG  DG  A . n 
A 1 8  DA  8  8  8  DA  DA  A . n 
A 1 9  DC  9  9  9  DC  DC  A . n 
A 1 10 DT  10 10 10 DT  DT  A . n 
A 1 11 DC  11 11 11 DC  DC  A . n 
A 1 12 DC  12 12 12 DC  DC  A . n 
# 
loop_
_pdbx_nonpoly_scheme.asym_id 
_pdbx_nonpoly_scheme.entity_id 
_pdbx_nonpoly_scheme.mon_id 
_pdbx_nonpoly_scheme.ndb_seq_num 
_pdbx_nonpoly_scheme.pdb_seq_num 
_pdbx_nonpoly_scheme.auth_seq_num 
_pdbx_nonpoly_scheme.pdb_mon_id 
_pdbx_nonpoly_scheme.auth_mon_id 
_pdbx_nonpoly_scheme.pdb_strand_id 
_pdbx_nonpoly_scheme.pdb_ins_code 
B 2 AG  1  101 51  AG  AG  A . 
C 2 AG  1  102 52  AG  AG  A . 
D 2 AG  1  103 53  AG  AG  A . 
E 2 AG  1  104 54  AG  AG  A . 
F 2 AG  1  105 55  AG  AG  A . 
G 2 AG  1  106 56  AG  AG  A . 
H 3 K   1  107 61  K   K   A . 
I 3 K   1  108 62  K   K   A . 
J 4 HOH 1  201 101 HOH HOH A . 
J 4 HOH 2  202 212 HOH HOH A . 
J 4 HOH 3  203 139 HOH HOH A . 
J 4 HOH 4  204 103 HOH HOH A . 
J 4 HOH 5  205 110 HOH HOH A . 
J 4 HOH 6  206 157 HOH HOH A . 
J 4 HOH 7  207 188 HOH HOH A . 
J 4 HOH 8  208 175 HOH HOH A . 
J 4 HOH 9  209 131 HOH HOH A . 
J 4 HOH 10 210 191 HOH HOH A . 
J 4 HOH 11 211 102 HOH HOH A . 
J 4 HOH 12 212 164 HOH HOH A . 
J 4 HOH 13 213 128 HOH HOH A . 
J 4 HOH 14 214 221 HOH HOH A . 
J 4 HOH 15 215 275 HOH HOH A . 
J 4 HOH 16 216 155 HOH HOH A . 
J 4 HOH 17 217 105 HOH HOH A . 
J 4 HOH 18 218 126 HOH HOH A . 
J 4 HOH 19 219 192 HOH HOH A . 
J 4 HOH 20 220 107 HOH HOH A . 
J 4 HOH 21 221 108 HOH HOH A . 
J 4 HOH 22 222 122 HOH HOH A . 
J 4 HOH 23 223 129 HOH HOH A . 
J 4 HOH 24 224 130 HOH HOH A . 
J 4 HOH 25 225 104 HOH HOH A . 
J 4 HOH 26 226 133 HOH HOH A . 
J 4 HOH 27 227 163 HOH HOH A . 
J 4 HOH 28 228 135 HOH HOH A . 
J 4 HOH 29 229 106 HOH HOH A . 
J 4 HOH 30 230 109 HOH HOH A . 
J 4 HOH 31 231 111 HOH HOH A . 
J 4 HOH 32 232 119 HOH HOH A . 
J 4 HOH 33 233 174 HOH HOH A . 
J 4 HOH 34 234 138 HOH HOH A . 
J 4 HOH 35 235 158 HOH HOH A . 
J 4 HOH 36 236 273 HOH HOH A . 
J 4 HOH 37 237 214 HOH HOH A . 
J 4 HOH 38 238 153 HOH HOH A . 
J 4 HOH 39 239 137 HOH HOH A . 
J 4 HOH 40 240 242 HOH HOH A . 
J 4 HOH 41 241 125 HOH HOH A . 
J 4 HOH 42 242 140 HOH HOH A . 
J 4 HOH 43 243 190 HOH HOH A . 
J 4 HOH 44 244 181 HOH HOH A . 
J 4 HOH 45 245 143 HOH HOH A . 
J 4 HOH 46 246 238 HOH HOH A . 
J 4 HOH 47 247 136 HOH HOH A . 
J 4 HOH 48 248 114 HOH HOH A . 
J 4 HOH 49 249 161 HOH HOH A . 
J 4 HOH 50 250 134 HOH HOH A . 
J 4 HOH 51 251 146 HOH HOH A . 
J 4 HOH 52 252 149 HOH HOH A . 
J 4 HOH 53 253 144 HOH HOH A . 
J 4 HOH 54 254 116 HOH HOH A . 
J 4 HOH 55 255 132 HOH HOH A . 
J 4 HOH 56 256 243 HOH HOH A . 
J 4 HOH 57 257 117 HOH HOH A . 
J 4 HOH 58 258 118 HOH HOH A . 
J 4 HOH 59 259 178 HOH HOH A . 
J 4 HOH 60 260 169 HOH HOH A . 
J 4 HOH 61 261 196 HOH HOH A . 
J 4 HOH 62 262 177 HOH HOH A . 
J 4 HOH 63 263 219 HOH HOH A . 
J 4 HOH 64 264 172 HOH HOH A . 
J 4 HOH 65 265 165 HOH HOH A . 
J 4 HOH 66 266 274 HOH HOH A . 
J 4 HOH 67 267 113 HOH HOH A . 
J 4 HOH 68 268 120 HOH HOH A . 
J 4 HOH 69 269 115 HOH HOH A . 
J 4 HOH 70 270 235 HOH HOH A . 
J 4 HOH 71 271 127 HOH HOH A . 
J 4 HOH 72 272 222 HOH HOH A . 
J 4 HOH 73 273 241 HOH HOH A . 
J 4 HOH 74 274 167 HOH HOH A . 
J 4 HOH 75 275 218 HOH HOH A . 
J 4 HOH 76 276 270 HOH HOH A . 
J 4 HOH 77 277 262 HOH HOH A . 
J 4 HOH 78 278 248 HOH HOH A . 
J 4 HOH 79 279 227 HOH HOH A . 
J 4 HOH 80 280 260 HOH HOH A . 
J 4 HOH 81 281 230 HOH HOH A . 
J 4 HOH 82 282 228 HOH HOH A . 
J 4 HOH 83 283 259 HOH HOH A . 
J 4 HOH 84 284 232 HOH HOH A . 
J 4 HOH 85 285 203 HOH HOH A . 
J 4 HOH 86 286 231 HOH HOH A . 
J 4 HOH 87 287 234 HOH HOH A . 
J 4 HOH 88 288 200 HOH HOH A . 
# 
loop_
_software.citation_id 
_software.classification 
_software.compiler_name 
_software.compiler_version 
_software.contact_author 
_software.contact_author_email 
_software.date 
_software.description 
_software.dependencies 
_software.hardware 
_software.language 
_software.location 
_software.mods 
_software.name 
_software.os 
_software.os_version 
_software.type 
_software.version 
_software.pdbx_ordinal 
? refinement        ? ? ? ? ? ? ? ? ? ? ? PHENIX      ? ? ? 1.6.4_486 1 
? 'data scaling'    ? ? ? ? ? ? ? ? ? ? ? XSCALE      ? ? ? .         2 
? phasing           ? ? ? ? ? ? ? ? ? ? ? AutoSol     ? ? ? .         3 
? 'data extraction' ? ? ? ? ? ? ? ? ? ? ? PDB_EXTRACT ? ? ? 3.20      4 
? 'data reduction'  ? ? ? ? ? ? ? ? ? ? ? XDS         ? ? ? .         5 
# 
_cell.length_a           30.150 
_cell.length_b           30.150 
_cell.length_c           118.420 
_cell.angle_alpha        90.000 
_cell.angle_beta         90.000 
_cell.angle_gamma        120.000 
_cell.entry_id           5IX7 
_cell.Z_PDB              12 
_cell.pdbx_unique_axis   ? 
# 
_symmetry.space_group_name_H-M             'P 61 2 2' 
_symmetry.entry_id                         5IX7 
_symmetry.Int_Tables_number                178 
_symmetry.pdbx_full_space_group_name_H-M   ? 
_symmetry.cell_setting                     ? 
# 
_exptl.absorpt_coefficient_mu     ? 
_exptl.absorpt_correction_T_max   ? 
_exptl.absorpt_correction_T_min   ? 
_exptl.absorpt_correction_type    ? 
_exptl.absorpt_process_details    ? 
_exptl.entry_id                   5IX7 
_exptl.crystals_number            1 
_exptl.details                    ? 
_exptl.method                     'X-RAY DIFFRACTION' 
_exptl.method_details             ? 
# 
_exptl_crystal.colour                      ? 
_exptl_crystal.density_diffrn              ? 
_exptl_crystal.density_Matthews            2.10 
_exptl_crystal.density_method              ? 
_exptl_crystal.density_percent_sol         41.38 
_exptl_crystal.description                 ? 
_exptl_crystal.F_000                       ? 
_exptl_crystal.id                          1 
_exptl_crystal.preparation                 ? 
_exptl_crystal.size_max                    ? 
_exptl_crystal.size_mid                    ? 
_exptl_crystal.size_min                    ? 
_exptl_crystal.size_rad                    ? 
_exptl_crystal.colour_lustre               ? 
_exptl_crystal.colour_modifier             ? 
_exptl_crystal.colour_primary              ? 
_exptl_crystal.density_meas                ? 
_exptl_crystal.density_meas_esd            ? 
_exptl_crystal.density_meas_gt             ? 
_exptl_crystal.density_meas_lt             ? 
_exptl_crystal.density_meas_temp           ? 
_exptl_crystal.density_meas_temp_esd       ? 
_exptl_crystal.density_meas_temp_gt        ? 
_exptl_crystal.density_meas_temp_lt        ? 
_exptl_crystal.pdbx_crystal_image_url      ? 
_exptl_crystal.pdbx_crystal_image_format   ? 
_exptl_crystal.pdbx_mosaicity              ? 
_exptl_crystal.pdbx_mosaicity_esd          ? 
# 
_exptl_crystal_grow.apparatus       ? 
_exptl_crystal_grow.atmosphere      ? 
_exptl_crystal_grow.crystal_id      1 
_exptl_crystal_grow.details         ? 
_exptl_crystal_grow.method          'VAPOR DIFFUSION, HANGING DROP' 
_exptl_crystal_grow.method_ref      ? 
_exptl_crystal_grow.pH              7.0 
_exptl_crystal_grow.pressure        ? 
_exptl_crystal_grow.pressure_esd    ? 
_exptl_crystal_grow.seeding         ? 
_exptl_crystal_grow.seeding_ref     ? 
_exptl_crystal_grow.temp            293 
_exptl_crystal_grow.temp_details    ? 
_exptl_crystal_grow.temp_esd        ? 
_exptl_crystal_grow.time            ? 
_exptl_crystal_grow.pdbx_details    'MOPS (pH 7.0), Spermine, MPD, KNO3' 
_exptl_crystal_grow.pdbx_pH_range   ? 
# 
_diffrn.ambient_environment    ? 
_diffrn.ambient_temp           100 
_diffrn.ambient_temp_details   ? 
_diffrn.ambient_temp_esd       ? 
_diffrn.crystal_id             1 
_diffrn.crystal_support        ? 
_diffrn.crystal_treatment      ? 
_diffrn.details                ? 
_diffrn.id                     1 
_diffrn.ambient_pressure       ? 
_diffrn.ambient_pressure_esd   ? 
_diffrn.ambient_pressure_gt    ? 
_diffrn.ambient_pressure_lt    ? 
_diffrn.ambient_temp_gt        ? 
_diffrn.ambient_temp_lt        ? 
# 
_diffrn_detector.details                      ? 
_diffrn_detector.detector                     PIXEL 
_diffrn_detector.diffrn_id                    1 
_diffrn_detector.type                         'DECTRIS EIGER X 4M' 
_diffrn_detector.area_resol_mean              ? 
_diffrn_detector.dtime                        ? 
_diffrn_detector.pdbx_frames_total            ? 
_diffrn_detector.pdbx_collection_time_total   ? 
_diffrn_detector.pdbx_collection_date         2015-05-25 
# 
_diffrn_radiation.collimation                      ? 
_diffrn_radiation.diffrn_id                        1 
_diffrn_radiation.filter_edge                      ? 
_diffrn_radiation.inhomogeneity                    ? 
_diffrn_radiation.monochromator                    ? 
_diffrn_radiation.polarisn_norm                    ? 
_diffrn_radiation.polarisn_ratio                   ? 
_diffrn_radiation.probe                            ? 
_diffrn_radiation.type                             ? 
_diffrn_radiation.xray_symbol                      ? 
_diffrn_radiation.wavelength_id                    1 
_diffrn_radiation.pdbx_monochromatic_or_laue_m_l   M 
_diffrn_radiation.pdbx_wavelength_list             ? 
_diffrn_radiation.pdbx_wavelength                  ? 
_diffrn_radiation.pdbx_diffrn_protocol             'SINGLE WAVELENGTH' 
_diffrn_radiation.pdbx_analyzer                    ? 
_diffrn_radiation.pdbx_scattering_type             x-ray 
# 
_diffrn_radiation_wavelength.id           1 
_diffrn_radiation_wavelength.wavelength   1.1 
_diffrn_radiation_wavelength.wt           1.0 
# 
_diffrn_source.current                     ? 
_diffrn_source.details                     ? 
_diffrn_source.diffrn_id                   1 
_diffrn_source.power                       ? 
_diffrn_source.size                        ? 
_diffrn_source.source                      SYNCHROTRON 
_diffrn_source.target                      ? 
_diffrn_source.type                        'PHOTON FACTORY BEAMLINE BL-1A' 
_diffrn_source.voltage                     ? 
_diffrn_source.take-off_angle              ? 
_diffrn_source.pdbx_wavelength_list        1.1 
_diffrn_source.pdbx_wavelength             ? 
_diffrn_source.pdbx_synchrotron_beamline   BL-1A 
_diffrn_source.pdbx_synchrotron_site       'Photon Factory' 
# 
_reflns.entry_id                     5IX7 
_reflns.pdbx_diffrn_id               1 
_reflns.pdbx_ordinal                 1 
_reflns.observed_criterion_sigma_I   -3.000 
_reflns.observed_criterion_sigma_F   ? 
_reflns.d_resolution_low             26.111 
_reflns.d_resolution_high            1.400 
_reflns.number_obs                   11942 
_reflns.number_all                   ? 
_reflns.percent_possible_obs         100.000 
_reflns.pdbx_Rmerge_I_obs            0.075 
_reflns.pdbx_Rsym_value              ? 
_reflns.pdbx_netI_over_sigmaI        19.680 
_reflns.B_iso_Wilson_estimate        10.160 
_reflns.pdbx_redundancy              10.020 
_reflns.pdbx_Rrim_I_all              0.079 
_reflns.pdbx_Rpim_I_all              ? 
_reflns.pdbx_CC_half                 0.998 
_reflns.pdbx_netI_over_av_sigmaI     ? 
_reflns.pdbx_number_measured_all     119653 
_reflns.pdbx_scaling_rejects         0 
_reflns.pdbx_chi_squared             1.169 
_reflns.Rmerge_F_all                 ? 
_reflns.Rmerge_F_obs                 ? 
_reflns.observed_criterion_F_max     ? 
_reflns.observed_criterion_F_min     ? 
_reflns.observed_criterion_I_max     ? 
_reflns.observed_criterion_I_min     ? 
_reflns.pdbx_d_res_high_opt          ? 
_reflns.pdbx_d_res_low_opt           ? 
_reflns.details                      ? 
# 
loop_
_reflns_shell.pdbx_diffrn_id 
_reflns_shell.pdbx_ordinal 
_reflns_shell.d_res_high 
_reflns_shell.d_res_low 
_reflns_shell.number_measured_obs 
_reflns_shell.number_measured_all 
_reflns_shell.number_unique_obs 
_reflns_shell.pdbx_rejects 
_reflns_shell.Rmerge_I_obs 
_reflns_shell.meanI_over_sigI_obs 
_reflns_shell.pdbx_Rsym_value 
_reflns_shell.pdbx_chi_squared 
_reflns_shell.pdbx_redundancy 
_reflns_shell.percent_possible_obs 
_reflns_shell.pdbx_netI_over_sigmaI_obs 
_reflns_shell.number_possible 
_reflns_shell.number_unique_all 
_reflns_shell.Rmerge_F_all 
_reflns_shell.Rmerge_F_obs 
_reflns_shell.Rmerge_I_all 
_reflns_shell.meanI_over_sigI_all 
_reflns_shell.percent_possible_all 
_reflns_shell.pdbx_Rrim_I_all 
_reflns_shell.pdbx_Rpim_I_all 
_reflns_shell.pdbx_CC_half 
1 1  1.400 1.430  8410 ? 907 ? 0.284 6.950  ? ? 9.272  ? ? 905 ? ? ? ? ? 100.000 0.301 ? 0.947 
1 2  1.430 1.470  8801 ? 840 ? 0.219 9.690  ? ? 10.477 ? ? 840 ? ? ? ? ? 100.000 0.231 ? 0.971 
1 3  1.470 1.520  8871 ? 845 ? 0.173 11.740 ? ? 10.498 ? ? 845 ? ? ? ? ? 100.000 0.182 ? 0.988 
1 4  1.520 1.560  8492 ? 801 ? 0.174 11.750 ? ? 10.602 ? ? 801 ? ? ? ? ? 100.000 0.183 ? 0.988 
1 5  1.560 1.610  8343 ? 784 ? 0.156 13.620 ? ? 10.642 ? ? 784 ? ? ? ? ? 100.000 0.165 ? 0.984 
1 6  1.610 1.670  8281 ? 788 ? 0.139 15.770 ? ? 10.509 ? ? 788 ? ? ? ? ? 100.000 0.146 ? 0.985 
1 7  1.670 1.730  7498 ? 718 ? 0.123 18.470 ? ? 10.443 ? ? 718 ? ? ? ? ? 100.000 0.129 ? 0.990 
1 8  1.730 1.800  7441 ? 714 ? 0.113 19.630 ? ? 10.422 ? ? 714 ? ? ? ? ? 100.000 0.119 ? 0.993 
1 9  1.800 1.880  7068 ? 683 ? 0.104 21.030 ? ? 10.348 ? ? 683 ? ? ? ? ? 100.000 0.110 ? 0.993 
1 10 1.880 1.980  6471 ? 633 ? 0.097 22.710 ? ? 10.223 ? ? 633 ? ? ? ? ? 100.000 0.102 ? 0.994 
1 11 1.980 2.080  6211 ? 616 ? 0.086 24.260 ? ? 10.083 ? ? 616 ? ? ? ? ? 100.000 0.091 ? 0.995 
1 12 2.080 2.210  5701 ? 584 ? 0.078 26.740 ? ? 9.762  ? ? 584 ? ? ? ? ? 100.000 0.082 ? 0.996 
1 13 2.210 2.360  5253 ? 554 ? 0.071 28.250 ? ? 9.482  ? ? 554 ? ? ? ? ? 100.000 0.076 ? 0.997 
1 14 2.360 2.550  4920 ? 519 ? 0.068 29.560 ? ? 9.480  ? ? 519 ? ? ? ? ? 100.000 0.071 ? 0.998 
1 15 2.550 2.800  4230 ? 453 ? 0.065 30.470 ? ? 9.338  ? ? 453 ? ? ? ? ? 100.000 0.068 ? 0.996 
1 16 2.800 3.130  4083 ? 427 ? 0.060 31.260 ? ? 9.562  ? ? 427 ? ? ? ? ? 100.000 0.064 ? 0.998 
1 17 3.130 3.610  3635 ? 378 ? 0.056 31.460 ? ? 9.616  ? ? 378 ? ? ? ? ? 100.000 0.060 ? 0.999 
1 18 3.610 4.420  2946 ? 322 ? 0.048 31.310 ? ? 9.149  ? ? 322 ? ? ? ? ? 100.000 0.051 ? 0.999 
1 19 4.420 6.250  1808 ? 241 ? 0.044 29.330 ? ? 7.502  ? ? 241 ? ? ? ? ? 100.000 0.047 ? 0.999 
1 20 6.250 26.111 1190 ? 135 ? 0.054 32.170 ? ? 8.815  ? ? 136 ? ? ? ? ? 99.300  0.058 ? 0.993 
# 
_refine.entry_id                                 5IX7 
_refine.pdbx_refine_id                           'X-RAY DIFFRACTION' 
_refine.ls_d_res_high                            1.3980 
_refine.ls_d_res_low                             26.1110 
_refine.pdbx_ls_sigma_F                          1.980 
_refine.pdbx_data_cutoff_high_absF               ? 
_refine.pdbx_data_cutoff_low_absF                ? 
_refine.ls_percent_reflns_obs                    99.9500 
_refine.ls_number_reflns_obs                     11937 
_refine.ls_number_reflns_all                     ? 
_refine.pdbx_ls_cross_valid_method               'FREE R-VALUE' 
_refine.ls_matrix_type                           ? 
_refine.pdbx_R_Free_selection_details            ? 
_refine.details                                  
'THE STRUCTURE FACTOR FILE CONTAINS FRIEDEL PAIRS IN F_PLUS/MINUS AND I_PLUS/MINUS COLUMNS' 
_refine.ls_R_factor_all                          ? 
_refine.ls_R_factor_obs                          0.1675 
_refine.ls_R_factor_R_work                       0.1651 
_refine.ls_wR_factor_R_work                      ? 
_refine.ls_R_factor_R_free                       0.1886 
_refine.ls_wR_factor_R_free                      ? 
_refine.ls_percent_reflns_R_free                 10.0100 
_refine.ls_number_reflns_R_free                  1195 
_refine.ls_number_reflns_R_work                  10742 
_refine.ls_R_factor_R_free_error                 ? 
_refine.B_iso_mean                               25.0900 
_refine.solvent_model_param_bsol                 44.4990 
_refine.solvent_model_param_ksol                 0.5420 
_refine.pdbx_isotropic_thermal_model             ? 
_refine.aniso_B[1][1]                            0.5821 
_refine.aniso_B[2][2]                            0.5821 
_refine.aniso_B[3][3]                            -1.1643 
_refine.aniso_B[1][2]                            0.0000 
_refine.aniso_B[1][3]                            -0.0000 
_refine.aniso_B[2][3]                            0.0000 
_refine.correlation_coeff_Fo_to_Fc               ? 
_refine.correlation_coeff_Fo_to_Fc_free          ? 
_refine.overall_SU_R_Cruickshank_DPI             ? 
_refine.pdbx_overall_SU_R_free_Cruickshank_DPI   ? 
_refine.pdbx_overall_SU_R_Blow_DPI               ? 
_refine.pdbx_overall_SU_R_free_Blow_DPI          ? 
_refine.overall_SU_R_free                        ? 
_refine.pdbx_overall_ESU_R                       ? 
_refine.pdbx_overall_ESU_R_Free                  ? 
_refine.overall_SU_ML                            0.1200 
_refine.overall_SU_B                             ? 
_refine.solvent_model_details                    'FLAT BULK SOLVENT MODEL' 
_refine.pdbx_solvent_vdw_probe_radii             0.3000 
_refine.pdbx_solvent_ion_probe_radii             ? 
_refine.pdbx_solvent_shrinkage_radii             0.0500 
_refine.ls_number_parameters                     ? 
_refine.ls_number_restraints                     ? 
_refine.pdbx_starting_model                      ? 
_refine.pdbx_method_to_determine_struct          SAD 
_refine.pdbx_stereochemistry_target_values       ML 
_refine.pdbx_stereochem_target_val_spec_case     ? 
_refine.overall_FOM_work_R_set                   0.9069 
_refine.B_iso_max                                57.200 
_refine.B_iso_min                                5.280 
_refine.pdbx_overall_phase_error                 15.7300 
_refine.occupancy_max                            ? 
_refine.occupancy_min                            ? 
_refine.pdbx_diffrn_id                           1 
_refine.pdbx_TLS_residual_ADP_flag               ? 
_refine.pdbx_ls_sigma_I                          ? 
_refine.pdbx_data_cutoff_high_rms_absF           ? 
_refine.ls_R_factor_R_free_error_details         ? 
# 
_refine_hist.cycle_id                         final 
_refine_hist.pdbx_refine_id                   'X-RAY DIFFRACTION' 
_refine_hist.d_res_high                       1.3980 
_refine_hist.d_res_low                        26.1110 
_refine_hist.pdbx_number_atoms_ligand         8 
_refine_hist.number_atoms_solvent             88 
_refine_hist.number_atoms_total               337 
_refine_hist.pdbx_number_residues_total       12 
_refine_hist.pdbx_B_iso_mean_ligand           16.46 
_refine_hist.pdbx_B_iso_mean_solvent          33.59 
_refine_hist.pdbx_number_atoms_protein        0 
_refine_hist.pdbx_number_atoms_nucleic_acid   241 
# 
loop_
_refine_ls_restr.pdbx_refine_id 
_refine_ls_restr.type 
_refine_ls_restr.number 
_refine_ls_restr.dev_ideal 
_refine_ls_restr.dev_ideal_target 
_refine_ls_restr.weight 
_refine_ls_restr.pdbx_restraint_function 
'X-RAY DIFFRACTION' f_bond_d           269 0.019  ? ? ? 
'X-RAY DIFFRACTION' f_angle_d          411 1.310  ? ? ? 
'X-RAY DIFFRACTION' f_chiral_restr     46  0.088  ? ? ? 
'X-RAY DIFFRACTION' f_plane_restr      12  0.015  ? ? ? 
'X-RAY DIFFRACTION' f_dihedral_angle_d 125 33.488 ? ? ? 
# 
loop_
_refine_ls_shell.d_res_high 
_refine_ls_shell.d_res_low 
_refine_ls_shell.pdbx_total_number_of_bins_used 
_refine_ls_shell.percent_reflns_obs 
_refine_ls_shell.number_reflns_R_work 
_refine_ls_shell.R_factor_all 
_refine_ls_shell.R_factor_R_work 
_refine_ls_shell.R_factor_R_free 
_refine_ls_shell.percent_reflns_R_free 
_refine_ls_shell.number_reflns_R_free 
_refine_ls_shell.R_factor_R_free_error 
_refine_ls_shell.number_reflns_all 
_refine_ls_shell.number_reflns_obs 
_refine_ls_shell.pdbx_refine_id 
_refine_ls_shell.R_factor_obs 
1.3976 1.4535  9 100.0000 1169 . 0.1939 0.2784 . 166 0.0000 1335 . 'X-RAY DIFFRACTION' . 
1.4535 1.5197  9 100.0000 1177 . 0.1873 0.2248 . 140 0.0000 1317 . 'X-RAY DIFFRACTION' . 
1.5197 1.5998  9 100.0000 1203 . 0.1997 0.2294 . 126 0.0000 1329 . 'X-RAY DIFFRACTION' . 
1.5998 1.7000  9 100.0000 1220 . 0.1761 0.2356 . 114 0.0000 1334 . 'X-RAY DIFFRACTION' . 
1.7000 1.8312  9 100.0000 1187 . 0.1648 0.2046 . 106 0.0000 1293 . 'X-RAY DIFFRACTION' . 
1.8312 2.0154  9 100.0000 1236 . 0.1741 0.2409 . 127 0.0000 1363 . 'X-RAY DIFFRACTION' . 
2.0154 2.3069  9 100.0000 1192 . 0.1524 0.1768 . 124 0.0000 1316 . 'X-RAY DIFFRACTION' . 
2.3069 2.9059  9 100.0000 1156 . 0.1361 0.1610 . 167 0.0000 1323 . 'X-RAY DIFFRACTION' . 
2.9059 26.1152 9 100.0000 1202 . 0.1690 0.1532 . 125 0.0000 1327 . 'X-RAY DIFFRACTION' . 
# 
_struct.entry_id                     5IX7 
_struct.title                        'Crystal structure of metallo-DNA nanowire with infinite one-dimensional silver array' 
_struct.pdbx_model_details           ? 
_struct.pdbx_formula_weight          ? 
_struct.pdbx_formula_weight_method   ? 
_struct.pdbx_model_type_details      ? 
_struct.pdbx_CASP_flag               N 
# 
_struct_keywords.entry_id        5IX7 
_struct_keywords.text            'DNA, nanowire, X-ray analysis, metallo-base pairs, silver' 
_struct_keywords.pdbx_keywords   DNA 
# 
loop_
_struct_asym.id 
_struct_asym.pdbx_blank_PDB_chainid_flag 
_struct_asym.pdbx_modified 
_struct_asym.entity_id 
_struct_asym.details 
A N N 1 ? 
B N N 2 ? 
C N N 2 ? 
D N N 2 ? 
E N N 2 ? 
F N N 2 ? 
G N N 2 ? 
H N N 3 ? 
I N N 3 ? 
J N N 4 ? 
# 
_struct_ref.id                         1 
_struct_ref.db_name                    PDB 
_struct_ref.db_code                    5IX7 
_struct_ref.pdbx_db_accession          5IX7 
_struct_ref.pdbx_db_isoform            ? 
_struct_ref.entity_id                  1 
_struct_ref.pdbx_seq_one_letter_code   ? 
_struct_ref.pdbx_align_begin           1 
# 
_struct_ref_seq.align_id                      1 
_struct_ref_seq.ref_id                        1 
_struct_ref_seq.pdbx_PDB_id_code              5IX7 
_struct_ref_seq.pdbx_strand_id                A 
_struct_ref_seq.seq_align_beg                 1 
_struct_ref_seq.pdbx_seq_align_beg_ins_code   ? 
_struct_ref_seq.seq_align_end                 12 
_struct_ref_seq.pdbx_seq_align_end_ins_code   ? 
_struct_ref_seq.pdbx_db_accession             5IX7 
_struct_ref_seq.db_align_beg                  1 
_struct_ref_seq.pdbx_db_align_beg_ins_code    ? 
_struct_ref_seq.db_align_end                  12 
_struct_ref_seq.pdbx_db_align_end_ins_code    ? 
_struct_ref_seq.pdbx_auth_seq_align_beg       1 
_struct_ref_seq.pdbx_auth_seq_align_end       12 
# 
_pdbx_struct_assembly.id                   1 
_pdbx_struct_assembly.details              author_and_software_defined_assembly 
_pdbx_struct_assembly.method_details       PISA 
_pdbx_struct_assembly.oligomeric_details   dimeric 
_pdbx_struct_assembly.oligomeric_count     2 
# 
loop_
_pdbx_struct_assembly_prop.biol_id 
_pdbx_struct_assembly_prop.type 
_pdbx_struct_assembly_prop.value 
_pdbx_struct_assembly_prop.details 
1 'ABSA (A^2)' 5080 ? 
1 MORE         -86  ? 
1 'SSA (A^2)'  3570 ? 
# 
_pdbx_struct_assembly_gen.assembly_id       1 
_pdbx_struct_assembly_gen.oper_expression   1,2 
_pdbx_struct_assembly_gen.asym_id_list      A,B,C,D,E,F,G,H,I,J 
# 
loop_
_pdbx_struct_oper_list.id 
_pdbx_struct_oper_list.type 
_pdbx_struct_oper_list.name 
_pdbx_struct_oper_list.symmetry_operation 
_pdbx_struct_oper_list.matrix[1][1] 
_pdbx_struct_oper_list.matrix[1][2] 
_pdbx_struct_oper_list.matrix[1][3] 
_pdbx_struct_oper_list.vector[1] 
_pdbx_struct_oper_list.matrix[2][1] 
_pdbx_struct_oper_list.matrix[2][2] 
_pdbx_struct_oper_list.matrix[2][3] 
_pdbx_struct_oper_list.vector[2] 
_pdbx_struct_oper_list.matrix[3][1] 
_pdbx_struct_oper_list.matrix[3][2] 
_pdbx_struct_oper_list.matrix[3][3] 
_pdbx_struct_oper_list.vector[3] 
1 'identity operation'         1_555  x,y,z        1.0000000000  0.0000000000 0.0000000000  0.0000000000 0.0000000000 1.0000000000  0.0000000000  0.0000000000  0.0000000000  0.0000000000  1.0000000000 0.0000000000  
2 'crystal symmetry operation' 12_555 x,x-y,-z+1/6 -0.9801020932 0.0676616101 -0.1866059845 0.7010995340 0.0676616101 -0.7699208502 -0.6345421900 -1.9207335635 -0.1866059845 -0.6345421900 0.7500229434 -0.6216816280 
# 
loop_
_struct_conn.id 
_struct_conn.conn_type_id 
_struct_conn.pdbx_leaving_atom_flag 
_struct_conn.pdbx_PDB_id 
_struct_conn.ptnr1_label_asym_id 
_struct_conn.ptnr1_label_comp_id 
_struct_conn.ptnr1_label_seq_id 
_struct_conn.ptnr1_label_atom_id 
_struct_conn.pdbx_ptnr1_label_alt_id 
_struct_conn.pdbx_ptnr1_PDB_ins_code 
_struct_conn.pdbx_ptnr1_standard_comp_id 
_struct_conn.ptnr1_symmetry 
_struct_conn.ptnr2_label_asym_id 
_struct_conn.ptnr2_label_comp_id 
_struct_conn.ptnr2_label_seq_id 
_struct_conn.ptnr2_label_atom_id 
_struct_conn.pdbx_ptnr2_label_alt_id 
_struct_conn.pdbx_ptnr2_PDB_ins_code 
_struct_conn.ptnr1_auth_asym_id 
_struct_conn.ptnr1_auth_comp_id 
_struct_conn.ptnr1_auth_seq_id 
_struct_conn.ptnr2_auth_asym_id 
_struct_conn.ptnr2_auth_comp_id 
_struct_conn.ptnr2_auth_seq_id 
_struct_conn.ptnr2_symmetry 
_struct_conn.pdbx_ptnr3_label_atom_id 
_struct_conn.pdbx_ptnr3_label_seq_id 
_struct_conn.pdbx_ptnr3_label_comp_id 
_struct_conn.pdbx_ptnr3_label_asym_id 
_struct_conn.pdbx_ptnr3_label_alt_id 
_struct_conn.pdbx_ptnr3_PDB_ins_code 
_struct_conn.details 
_struct_conn.pdbx_dist_value 
_struct_conn.pdbx_value_order 
_struct_conn.pdbx_role 
covale1  covale both ? A DT  5  "O3'" ? ? ? 1_555 A CBR 6  P  ? ? A DT  5   A CBR 6   1_555  ? ? ? ? ? ? ?                1.608 ? 
? 
covale2  covale both ? A CBR 6  "O3'" ? ? ? 1_555 A DG  7  P  ? ? A CBR 6   A DG  7   1_555  ? ? ? ? ? ? ?                1.604 ? 
? 
metalc1  metalc ?    ? A DG  1  N7    ? ? ? 1_555 G AG  .  AG ? ? A DG  1   A AG  106 1_555  ? ? ? ? ? ? ?                2.258 ? 
? 
metalc2  metalc ?    ? A DG  1  N7    ? ? ? 1_555 G AG  .  AG ? ? A DG  1   A AG  106 12_565 ? ? ? ? ? ? ?                2.258 ? 
? 
metalc3  metalc ?    ? A DG  2  N1    ? ? ? 1_555 F AG  .  AG ? ? A DG  2   A AG  105 1_555  ? ? ? ? ? ? ?                2.247 ? 
? 
metalc4  metalc ?    ? A DC  4  N3    ? ? ? 1_555 E AG  .  AG ? ? A DC  4   A AG  104 1_555  ? ? ? ? ? ? ?                2.357 ? 
? 
metalc5  metalc ?    ? A DC  4  O2    ? ? ? 1_555 I K   .  K  ? ? A DC  4   A K   108 1_555  ? ? ? ? ? ? ?                2.962 ? 
? 
metalc6  metalc ?    ? A DT  5  N3    ? ? ? 1_555 D AG  .  AG ? ? A DT  5   A AG  103 1_555  ? ? ? ? ? ? ?                2.205 ? 
? 
metalc7  metalc ?    ? A DT  5  O2    ? ? ? 1_555 I K   .  K  ? ? A DT  5   A K   108 1_555  ? ? ? ? ? ? ?                2.780 ? 
? 
metalc8  metalc ?    ? A CBR 6  N3    ? ? ? 1_555 C AG  .  AG ? ? A CBR 6   A AG  102 1_555  ? ? ? ? ? ? ?                2.177 ? 
? 
metalc9  metalc ?    ? A CBR 6  O2    ? ? ? 1_555 H K   .  K  ? ? A CBR 6   A K   107 1_555  ? ? ? ? ? ? ?                2.611 ? 
? 
metalc10 metalc ?    ? A DG  7  N7    ? ? ? 1_555 B AG  .  AG ? ? A DG  7   A AG  101 1_555  ? ? ? ? ? ? ?                2.322 ? 
? 
metalc11 metalc ?    ? A DG  7  N7    ? ? ? 1_555 B AG  .  AG ? ? A DG  7   A AG  101 12_555 ? ? ? ? ? ? ?                2.323 ? 
? 
metalc12 metalc ?    ? A DC  9  N3    ? ? ? 1_555 C AG  .  AG ? ? A DC  9   A AG  102 12_555 ? ? ? ? ? ? ?                2.268 ? 
? 
metalc13 metalc ?    ? A DC  9  O2    ? ? ? 1_555 H K   .  K  ? ? A DC  9   A K   107 12_555 ? ? ? ? ? ? ?                2.729 ? 
? 
metalc14 metalc ?    ? A DT  10 N3    ? ? ? 1_555 D AG  .  AG ? ? A DT  10  A AG  103 12_555 ? ? ? ? ? ? ?                2.196 ? 
? 
metalc15 metalc ?    ? A DT  10 "O4'" ? ? ? 1_555 H K   .  K  ? ? A DT  10  A K   107 12_555 ? ? ? ? ? ? ?                2.873 ? 
? 
metalc16 metalc ?    ? A DT  10 O2    ? ? ? 1_555 H K   .  K  ? ? A DT  10  A K   107 12_555 ? ? ? ? ? ? ?                2.865 ? 
? 
metalc17 metalc ?    ? A DC  11 N3    ? ? ? 1_555 E AG  .  AG ? ? A DC  11  A AG  104 12_555 ? ? ? ? ? ? ?                2.353 ? 
? 
metalc18 metalc ?    ? A DC  11 O2    ? ? ? 1_555 I K   .  K  ? ? A DC  11  A K   108 12_555 ? ? ? ? ? ? ?                2.715 ? 
? 
metalc19 metalc ?    ? A DC  12 N3    ? ? ? 1_555 F AG  .  AG ? ? A DC  12  A AG  105 12_555 ? ? ? ? ? ? ?                2.325 ? 
? 
metalc20 metalc ?    ? H K   .  K     ? ? ? 1_555 J HOH .  O  ? ? A K   107 A HOH 229 8_565  ? ? ? ? ? ? ?                2.794 ? 
? 
metalc21 metalc ?    ? H K   .  K     ? ? ? 1_555 J HOH .  O  ? ? A K   107 A HOH 245 1_555  ? ? ? ? ? ? ?                2.677 ? 
? 
metalc22 metalc ?    ? I K   .  K     ? ? ? 1_555 J HOH .  O  ? ? A K   108 A HOH 251 1_555  ? ? ? ? ? ? ?                2.606 ? 
? 
hydrog1  hydrog ?    ? A DG  1  O6    ? ? ? 1_555 A DC  12 N4 ? ? A DG  1   A DC  12  12_555 ? ? ? ? ? ? 'DG-DC PAIR'     ?     ? 
? 
hydrog2  hydrog ?    ? A DG  2  O6    ? ? ? 1_555 A DC  11 N4 ? ? A DG  2   A DC  11  12_555 ? ? ? ? ? ? 'DG-DC PAIR'     ?     ? 
? 
hydrog3  hydrog ?    ? A DG  2  N2    ? ? ? 1_555 A DC  12 O2 ? ? A DG  2   A DC  12  12_555 ? ? ? ? ? ? 'DG-DC PAIR'     ?     ? 
? 
hydrog4  hydrog ?    ? A DC  4  N4    ? ? ? 1_555 A DT  10 O4 ? ? A DC  4   A DT  10  12_555 ? ? ? ? ? ? 'DC-DT MISPAIR'  ?     ? 
? 
hydrog5  hydrog ?    ? A DT  5  O4    ? ? ? 1_555 A DC  9  N4 ? ? A DT  5   A DC  9   12_555 ? ? ? ? ? ? 'DT-DC MISPAIR'  ?     ? 
? 
hydrog6  hydrog ?    ? A CBR 6  N4    ? ? ? 1_555 A DG  7  O6 ? ? A CBR 6   A DG  7   12_555 ? ? ? ? ? ? 'CBR-DG MISPAIR' ?     ? 
? 
hydrog7  hydrog ?    ? A DG  7  O6    ? ? ? 1_555 A CBR 6  N4 ? ? A DG  7   A CBR 6   12_555 ? ? ? ? ? ? 'DG-CBR MISPAIR' ?     ? 
? 
hydrog8  hydrog ?    ? A DC  9  N4    ? ? ? 1_555 A DT  5  O4 ? ? A DC  9   A DT  5   12_555 ? ? ? ? ? ? 'DC-DT MISPAIR'  ?     ? 
? 
hydrog9  hydrog ?    ? A DT  10 O4    ? ? ? 1_555 A DC  4  N4 ? ? A DT  10  A DC  4   12_555 ? ? ? ? ? ? 'DT-DC MISPAIR'  ?     ? 
? 
hydrog10 hydrog ?    ? A DC  11 N4    ? ? ? 1_555 A DG  2  O6 ? ? A DC  11  A DG  2   12_555 ? ? ? ? ? ? 'DC-DG PAIR'     ?     ? 
? 
hydrog11 hydrog ?    ? A DC  12 N4    ? ? ? 1_555 A DG  1  O6 ? ? A DC  12  A DG  1   12_555 ? ? ? ? ? ? 'DC-DG PAIR'     ?     ? 
? 
hydrog12 hydrog ?    ? A DC  12 O2    ? ? ? 1_555 A DG  2  N2 ? ? A DC  12  A DG  2   12_555 ? ? ? ? ? ? 'DC-DG PAIR'     ?     ? 
? 
# 
loop_
_struct_conn_type.id 
_struct_conn_type.criteria 
_struct_conn_type.reference 
covale ? ? 
metalc ? ? 
hydrog ? ? 
# 
loop_
_pdbx_struct_conn_angle.id 
_pdbx_struct_conn_angle.ptnr1_label_atom_id 
_pdbx_struct_conn_angle.ptnr1_label_alt_id 
_pdbx_struct_conn_angle.ptnr1_label_asym_id 
_pdbx_struct_conn_angle.ptnr1_label_comp_id 
_pdbx_struct_conn_angle.ptnr1_label_seq_id 
_pdbx_struct_conn_angle.ptnr1_auth_atom_id 
_pdbx_struct_conn_angle.ptnr1_auth_asym_id 
_pdbx_struct_conn_angle.ptnr1_auth_comp_id 
_pdbx_struct_conn_angle.ptnr1_auth_seq_id 
_pdbx_struct_conn_angle.ptnr1_PDB_ins_code 
_pdbx_struct_conn_angle.ptnr1_symmetry 
_pdbx_struct_conn_angle.ptnr2_label_atom_id 
_pdbx_struct_conn_angle.ptnr2_label_alt_id 
_pdbx_struct_conn_angle.ptnr2_label_asym_id 
_pdbx_struct_conn_angle.ptnr2_label_comp_id 
_pdbx_struct_conn_angle.ptnr2_label_seq_id 
_pdbx_struct_conn_angle.ptnr2_auth_atom_id 
_pdbx_struct_conn_angle.ptnr2_auth_asym_id 
_pdbx_struct_conn_angle.ptnr2_auth_comp_id 
_pdbx_struct_conn_angle.ptnr2_auth_seq_id 
_pdbx_struct_conn_angle.ptnr2_PDB_ins_code 
_pdbx_struct_conn_angle.ptnr2_symmetry 
_pdbx_struct_conn_angle.ptnr3_label_atom_id 
_pdbx_struct_conn_angle.ptnr3_label_alt_id 
_pdbx_struct_conn_angle.ptnr3_label_asym_id 
_pdbx_struct_conn_angle.ptnr3_label_comp_id 
_pdbx_struct_conn_angle.ptnr3_label_seq_id 
_pdbx_struct_conn_angle.ptnr3_auth_atom_id 
_pdbx_struct_conn_angle.ptnr3_auth_asym_id 
_pdbx_struct_conn_angle.ptnr3_auth_comp_id 
_pdbx_struct_conn_angle.ptnr3_auth_seq_id 
_pdbx_struct_conn_angle.ptnr3_PDB_ins_code 
_pdbx_struct_conn_angle.ptnr3_symmetry 
_pdbx_struct_conn_angle.value 
_pdbx_struct_conn_angle.value_esd 
1  N7    ? A DG  1  ? A DG  1   ? 1_555 AG ? G AG . ? A AG 106 ? 1_555 N7    ? A DG  1  ? A DG  1   ? 1_555 0.0   ? 
2  N1    ? A DG  2  ? A DG  2   ? 1_555 AG ? F AG . ? A AG 105 ? 1_555 N3    ? A DC  12 ? A DC  12  ? 1_555 61.3  ? 
3  N3    ? A DC  4  ? A DC  4   ? 1_555 AG ? E AG . ? A AG 104 ? 1_555 N3    ? A DC  11 ? A DC  11  ? 1_555 67.3  ? 
4  O2    ? A DC  4  ? A DC  4   ? 1_555 K  ? I K  . ? A K  108 ? 1_555 O2    ? A DT  5  ? A DT  5   ? 1_555 83.8  ? 
5  O2    ? A DC  4  ? A DC  4   ? 1_555 K  ? I K  . ? A K  108 ? 1_555 O2    ? A DC  11 ? A DC  11  ? 1_555 74.9  ? 
6  O2    ? A DT  5  ? A DT  5   ? 1_555 K  ? I K  . ? A K  108 ? 1_555 O2    ? A DC  11 ? A DC  11  ? 1_555 8.9   ? 
7  O2    ? A DC  4  ? A DC  4   ? 1_555 K  ? I K  . ? A K  108 ? 1_555 O     ? J HOH .  ? A HOH 251 ? 1_555 100.8 ? 
8  O2    ? A DT  5  ? A DT  5   ? 1_555 K  ? I K  . ? A K  108 ? 1_555 O     ? J HOH .  ? A HOH 251 ? 1_555 136.3 ? 
9  O2    ? A DC  11 ? A DC  11  ? 1_555 K  ? I K  . ? A K  108 ? 1_555 O     ? J HOH .  ? A HOH 251 ? 1_555 136.2 ? 
10 N3    ? A DT  5  ? A DT  5   ? 1_555 AG ? D AG . ? A AG 103 ? 1_555 N3    ? A DT  10 ? A DT  10  ? 1_555 85.5  ? 
11 N3    ? A CBR 6  ? A CBR 6   ? 1_555 AG ? C AG . ? A AG 102 ? 1_555 N3    ? A DC  9  ? A DC  9   ? 1_555 73.2  ? 
12 O2    ? A CBR 6  ? A CBR 6   ? 1_555 K  ? H K  . ? A K  107 ? 1_555 O2    ? A DC  9  ? A DC  9   ? 1_555 89.5  ? 
13 O2    ? A CBR 6  ? A CBR 6   ? 1_555 K  ? H K  . ? A K  107 ? 1_555 "O4'" ? A DT  10 ? A DT  10  ? 1_555 103.4 ? 
14 O2    ? A DC  9  ? A DC  9   ? 1_555 K  ? H K  . ? A K  107 ? 1_555 "O4'" ? A DT  10 ? A DT  10  ? 1_555 13.9  ? 
15 O2    ? A CBR 6  ? A CBR 6   ? 1_555 K  ? H K  . ? A K  107 ? 1_555 O2    ? A DT  10 ? A DT  10  ? 1_555 85.3  ? 
16 O2    ? A DC  9  ? A DC  9   ? 1_555 K  ? H K  . ? A K  107 ? 1_555 O2    ? A DT  10 ? A DT  10  ? 1_555 6.8   ? 
17 "O4'" ? A DT  10 ? A DT  10  ? 1_555 K  ? H K  . ? A K  107 ? 1_555 O2    ? A DT  10 ? A DT  10  ? 1_555 18.6  ? 
18 O2    ? A CBR 6  ? A CBR 6   ? 1_555 K  ? H K  . ? A K  107 ? 1_555 O     ? J HOH .  ? A HOH 229 ? 8_565 93.1  ? 
19 O2    ? A DC  9  ? A DC  9   ? 1_555 K  ? H K  . ? A K  107 ? 1_555 O     ? J HOH .  ? A HOH 229 ? 8_565 142.2 ? 
20 "O4'" ? A DT  10 ? A DT  10  ? 1_555 K  ? H K  . ? A K  107 ? 1_555 O     ? J HOH .  ? A HOH 229 ? 8_565 139.8 ? 
21 O2    ? A DT  10 ? A DT  10  ? 1_555 K  ? H K  . ? A K  107 ? 1_555 O     ? J HOH .  ? A HOH 229 ? 8_565 147.6 ? 
22 O2    ? A CBR 6  ? A CBR 6   ? 1_555 K  ? H K  . ? A K  107 ? 1_555 O     ? J HOH .  ? A HOH 245 ? 1_555 127.8 ? 
23 O2    ? A DC  9  ? A DC  9   ? 1_555 K  ? H K  . ? A K  107 ? 1_555 O     ? J HOH .  ? A HOH 245 ? 1_555 63.0  ? 
24 "O4'" ? A DT  10 ? A DT  10  ? 1_555 K  ? H K  . ? A K  107 ? 1_555 O     ? J HOH .  ? A HOH 245 ? 1_555 54.5  ? 
25 O2    ? A DT  10 ? A DT  10  ? 1_555 K  ? H K  . ? A K  107 ? 1_555 O     ? J HOH .  ? A HOH 245 ? 1_555 69.7  ? 
26 O     ? J HOH .  ? A HOH 229 ? 8_565 K  ? H K  . ? A K  107 ? 1_555 O     ? J HOH .  ? A HOH 245 ? 1_555 86.4  ? 
27 N7    ? A DG  7  ? A DG  7   ? 1_555 AG ? B AG . ? A AG 101 ? 1_555 N7    ? A DG  7  ? A DG  7   ? 1_555 0.0   ? 
# 
loop_
_struct_site.id 
_struct_site.pdbx_evidence_code 
_struct_site.pdbx_auth_asym_id 
_struct_site.pdbx_auth_comp_id 
_struct_site.pdbx_auth_seq_id 
_struct_site.pdbx_auth_ins_code 
_struct_site.pdbx_num_residues 
_struct_site.details 
AC1 Software A AG 101 ? 6 'binding site for residue AG A 101' 
AC2 Software A AG 102 ? 7 'binding site for residue AG A 102' 
AC3 Software A AG 103 ? 6 'binding site for residue AG A 103' 
AC4 Software A AG 104 ? 6 'binding site for residue AG A 104' 
AC5 Software A AG 105 ? 7 'binding site for residue AG A 105' 
AC6 Software A AG 106 ? 8 'binding site for residue AG A 106' 
AC7 Software A K  107 ? 6 'binding site for residue K A 107'  
AC8 Software A K  108 ? 5 'binding site for residue K A 108'  
# 
loop_
_struct_site_gen.id 
_struct_site_gen.site_id 
_struct_site_gen.pdbx_num_res 
_struct_site_gen.label_comp_id 
_struct_site_gen.label_asym_id 
_struct_site_gen.label_seq_id 
_struct_site_gen.pdbx_auth_ins_code 
_struct_site_gen.auth_comp_id 
_struct_site_gen.auth_asym_id 
_struct_site_gen.auth_seq_id 
_struct_site_gen.label_atom_id 
_struct_site_gen.label_alt_id 
_struct_site_gen.symmetry 
_struct_site_gen.details 
1  AC1 6 DG  A 7  ? DG  A 7   . ? 1_555  ? 
2  AC1 6 DG  A 7  ? DG  A 7   . ? 12_555 ? 
3  AC1 6 DC  A 9  ? DC  A 9   . ? 1_555  ? 
4  AC1 6 DC  A 9  ? DC  A 9   . ? 12_555 ? 
5  AC1 6 AG  C .  ? AG  A 102 . ? 1_555  ? 
6  AC1 6 AG  C .  ? AG  A 102 . ? 12_555 ? 
7  AC2 7 DT  A 5  ? DT  A 5   . ? 1_555  ? 
8  AC2 7 CBR A 6  ? CBR A 6   . ? 1_555  ? 
9  AC2 7 DG  A 7  ? DG  A 7   . ? 12_555 ? 
10 AC2 7 DC  A 9  ? DC  A 9   . ? 12_555 ? 
11 AC2 7 AG  B .  ? AG  A 101 . ? 12_555 ? 
12 AC2 7 AG  B .  ? AG  A 101 . ? 1_555  ? 
13 AC2 7 AG  D .  ? AG  A 103 . ? 1_555  ? 
14 AC3 6 DC  A 4  ? DC  A 4   . ? 1_555  ? 
15 AC3 6 DT  A 5  ? DT  A 5   . ? 1_555  ? 
16 AC3 6 DC  A 9  ? DC  A 9   . ? 12_555 ? 
17 AC3 6 DT  A 10 ? DT  A 10  . ? 12_555 ? 
18 AC3 6 AG  C .  ? AG  A 102 . ? 1_555  ? 
19 AC3 6 AG  E .  ? AG  A 104 . ? 1_555  ? 
20 AC4 6 DG  A 2  ? DG  A 2   . ? 1_555  ? 
21 AC4 6 DC  A 4  ? DC  A 4   . ? 1_555  ? 
22 AC4 6 DT  A 10 ? DT  A 10  . ? 12_555 ? 
23 AC4 6 DC  A 11 ? DC  A 11  . ? 12_555 ? 
24 AC4 6 AG  D .  ? AG  A 103 . ? 1_555  ? 
25 AC4 6 AG  F .  ? AG  A 105 . ? 1_555  ? 
26 AC5 7 DG  A 1  ? DG  A 1   . ? 1_555  ? 
27 AC5 7 DG  A 2  ? DG  A 2   . ? 1_555  ? 
28 AC5 7 DC  A 11 ? DC  A 11  . ? 12_555 ? 
29 AC5 7 DC  A 12 ? DC  A 12  . ? 12_555 ? 
30 AC5 7 AG  E .  ? AG  A 104 . ? 1_555  ? 
31 AC5 7 AG  G .  ? AG  A 106 . ? 12_565 ? 
32 AC5 7 AG  G .  ? AG  A 106 . ? 1_555  ? 
33 AC6 8 DG  A 1  ? DG  A 1   . ? 12_565 ? 
34 AC6 8 DG  A 1  ? DG  A 1   . ? 1_555  ? 
35 AC6 8 DG  A 2  ? DG  A 2   . ? 12_565 ? 
36 AC6 8 DG  A 2  ? DG  A 2   . ? 1_555  ? 
37 AC6 8 AG  F .  ? AG  A 105 . ? 12_565 ? 
38 AC6 8 AG  F .  ? AG  A 105 . ? 1_555  ? 
39 AC6 8 HOH J .  ? HOH A 239 . ? 12_565 ? 
40 AC6 8 HOH J .  ? HOH A 239 . ? 1_555  ? 
41 AC7 6 CBR A 6  ? CBR A 6   . ? 1_555  ? 
42 AC7 6 DG  A 7  ? DG  A 7   . ? 1_555  ? 
43 AC7 6 DC  A 9  ? DC  A 9   . ? 12_555 ? 
44 AC7 6 DT  A 10 ? DT  A 10  . ? 12_555 ? 
45 AC7 6 HOH J .  ? HOH A 229 . ? 8_565  ? 
46 AC7 6 HOH J .  ? HOH A 245 . ? 1_555  ? 
47 AC8 5 DC  A 4  ? DC  A 4   . ? 1_555  ? 
48 AC8 5 DT  A 5  ? DT  A 5   . ? 1_555  ? 
49 AC8 5 DA  A 8  ? DA  A 8   . ? 8_565  ? 
50 AC8 5 DC  A 11 ? DC  A 11  . ? 12_555 ? 
51 AC8 5 HOH J .  ? HOH A 251 . ? 1_555  ? 
# 
loop_
_pdbx_struct_special_symmetry.id 
_pdbx_struct_special_symmetry.PDB_model_num 
_pdbx_struct_special_symmetry.auth_asym_id 
_pdbx_struct_special_symmetry.auth_comp_id 
_pdbx_struct_special_symmetry.auth_seq_id 
_pdbx_struct_special_symmetry.PDB_ins_code 
_pdbx_struct_special_symmetry.label_asym_id 
_pdbx_struct_special_symmetry.label_comp_id 
_pdbx_struct_special_symmetry.label_seq_id 
1  1 A AG  101 ? B AG  . 
2  1 A AG  106 ? G AG  . 
3  1 A HOH 203 ? J HOH . 
4  1 A HOH 219 ? J HOH . 
5  1 A HOH 232 ? J HOH . 
6  1 A HOH 237 ? J HOH . 
7  1 A HOH 239 ? J HOH . 
8  1 A HOH 248 ? J HOH . 
9  1 A HOH 256 ? J HOH . 
10 1 A HOH 261 ? J HOH . 
11 1 A HOH 268 ? J HOH . 
# 
loop_
_pdbx_distant_solvent_atoms.id 
_pdbx_distant_solvent_atoms.PDB_model_num 
_pdbx_distant_solvent_atoms.auth_atom_id 
_pdbx_distant_solvent_atoms.label_alt_id 
_pdbx_distant_solvent_atoms.auth_asym_id 
_pdbx_distant_solvent_atoms.auth_comp_id 
_pdbx_distant_solvent_atoms.auth_seq_id 
_pdbx_distant_solvent_atoms.PDB_ins_code 
_pdbx_distant_solvent_atoms.neighbor_macromolecule_distance 
_pdbx_distant_solvent_atoms.neighbor_ligand_distance 
1  1 O ? A HOH 272 ? 6.37  . 
2  1 O ? A HOH 273 ? 6.40  . 
3  1 O ? A HOH 274 ? 6.54  . 
4  1 O ? A HOH 275 ? 7.12  . 
5  1 O ? A HOH 276 ? 7.21  . 
6  1 O ? A HOH 277 ? 7.42  . 
7  1 O ? A HOH 278 ? 7.50  . 
8  1 O ? A HOH 279 ? 7.62  . 
9  1 O ? A HOH 280 ? 8.11  . 
10 1 O ? A HOH 281 ? 8.46  . 
11 1 O ? A HOH 282 ? 9.25  . 
12 1 O ? A HOH 283 ? 10.08 . 
13 1 O ? A HOH 284 ? 10.31 . 
14 1 O ? A HOH 285 ? 10.55 . 
15 1 O ? A HOH 286 ? 10.89 . 
16 1 O ? A HOH 287 ? 11.24 . 
17 1 O ? A HOH 288 ? 11.34 . 
# 
loop_
_chem_comp_atom.comp_id 
_chem_comp_atom.atom_id 
_chem_comp_atom.type_symbol 
_chem_comp_atom.pdbx_aromatic_flag 
_chem_comp_atom.pdbx_stereo_config 
_chem_comp_atom.pdbx_ordinal 
AG  AG     AG N N 1   
CBR BR     BR N N 2   
CBR P      P  N N 3   
CBR OP1    O  N N 4   
CBR OP2    O  N N 5   
CBR "O5'"  O  N N 6   
CBR N1     N  N N 7   
CBR C6     C  N N 8   
CBR C2     C  N N 9   
CBR O2     O  N N 10  
CBR N3     N  N N 11  
CBR C4     C  N N 12  
CBR N4     N  N N 13  
CBR C5     C  N N 14  
CBR "C2'"  C  N N 15  
CBR "C5'"  C  N N 16  
CBR "C4'"  C  N R 17  
CBR "O4'"  O  N N 18  
CBR "C1'"  C  N R 19  
CBR "C3'"  C  N S 20  
CBR "O3'"  O  N N 21  
CBR OP3    O  N N 22  
CBR HOP2   H  N N 23  
CBR H6     H  N N 24  
CBR H41    H  N N 25  
CBR H42    H  N N 26  
CBR "H2'"  H  N N 27  
CBR "H2''" H  N N 28  
CBR "H5'"  H  N N 29  
CBR "H5''" H  N N 30  
CBR "H4'"  H  N N 31  
CBR "H1'"  H  N N 32  
CBR "H3'"  H  N N 33  
CBR "HO3'" H  N N 34  
CBR HOP3   H  N N 35  
DA  OP3    O  N N 36  
DA  P      P  N N 37  
DA  OP1    O  N N 38  
DA  OP2    O  N N 39  
DA  "O5'"  O  N N 40  
DA  "C5'"  C  N N 41  
DA  "C4'"  C  N R 42  
DA  "O4'"  O  N N 43  
DA  "C3'"  C  N S 44  
DA  "O3'"  O  N N 45  
DA  "C2'"  C  N N 46  
DA  "C1'"  C  N R 47  
DA  N9     N  Y N 48  
DA  C8     C  Y N 49  
DA  N7     N  Y N 50  
DA  C5     C  Y N 51  
DA  C6     C  Y N 52  
DA  N6     N  N N 53  
DA  N1     N  Y N 54  
DA  C2     C  Y N 55  
DA  N3     N  Y N 56  
DA  C4     C  Y N 57  
DA  HOP3   H  N N 58  
DA  HOP2   H  N N 59  
DA  "H5'"  H  N N 60  
DA  "H5''" H  N N 61  
DA  "H4'"  H  N N 62  
DA  "H3'"  H  N N 63  
DA  "HO3'" H  N N 64  
DA  "H2'"  H  N N 65  
DA  "H2''" H  N N 66  
DA  "H1'"  H  N N 67  
DA  H8     H  N N 68  
DA  H61    H  N N 69  
DA  H62    H  N N 70  
DA  H2     H  N N 71  
DC  OP3    O  N N 72  
DC  P      P  N N 73  
DC  OP1    O  N N 74  
DC  OP2    O  N N 75  
DC  "O5'"  O  N N 76  
DC  "C5'"  C  N N 77  
DC  "C4'"  C  N R 78  
DC  "O4'"  O  N N 79  
DC  "C3'"  C  N S 80  
DC  "O3'"  O  N N 81  
DC  "C2'"  C  N N 82  
DC  "C1'"  C  N R 83  
DC  N1     N  N N 84  
DC  C2     C  N N 85  
DC  O2     O  N N 86  
DC  N3     N  N N 87  
DC  C4     C  N N 88  
DC  N4     N  N N 89  
DC  C5     C  N N 90  
DC  C6     C  N N 91  
DC  HOP3   H  N N 92  
DC  HOP2   H  N N 93  
DC  "H5'"  H  N N 94  
DC  "H5''" H  N N 95  
DC  "H4'"  H  N N 96  
DC  "H3'"  H  N N 97  
DC  "HO3'" H  N N 98  
DC  "H2'"  H  N N 99  
DC  "H2''" H  N N 100 
DC  "H1'"  H  N N 101 
DC  H41    H  N N 102 
DC  H42    H  N N 103 
DC  H5     H  N N 104 
DC  H6     H  N N 105 
DG  OP3    O  N N 106 
DG  P      P  N N 107 
DG  OP1    O  N N 108 
DG  OP2    O  N N 109 
DG  "O5'"  O  N N 110 
DG  "C5'"  C  N N 111 
DG  "C4'"  C  N R 112 
DG  "O4'"  O  N N 113 
DG  "C3'"  C  N S 114 
DG  "O3'"  O  N N 115 
DG  "C2'"  C  N N 116 
DG  "C1'"  C  N R 117 
DG  N9     N  Y N 118 
DG  C8     C  Y N 119 
DG  N7     N  Y N 120 
DG  C5     C  Y N 121 
DG  C6     C  N N 122 
DG  O6     O  N N 123 
DG  N1     N  N N 124 
DG  C2     C  N N 125 
DG  N2     N  N N 126 
DG  N3     N  N N 127 
DG  C4     C  Y N 128 
DG  HOP3   H  N N 129 
DG  HOP2   H  N N 130 
DG  "H5'"  H  N N 131 
DG  "H5''" H  N N 132 
DG  "H4'"  H  N N 133 
DG  "H3'"  H  N N 134 
DG  "HO3'" H  N N 135 
DG  "H2'"  H  N N 136 
DG  "H2''" H  N N 137 
DG  "H1'"  H  N N 138 
DG  H8     H  N N 139 
DG  H1     H  N N 140 
DG  H21    H  N N 141 
DG  H22    H  N N 142 
DT  OP3    O  N N 143 
DT  P      P  N N 144 
DT  OP1    O  N N 145 
DT  OP2    O  N N 146 
DT  "O5'"  O  N N 147 
DT  "C5'"  C  N N 148 
DT  "C4'"  C  N R 149 
DT  "O4'"  O  N N 150 
DT  "C3'"  C  N S 151 
DT  "O3'"  O  N N 152 
DT  "C2'"  C  N N 153 
DT  "C1'"  C  N R 154 
DT  N1     N  N N 155 
DT  C2     C  N N 156 
DT  O2     O  N N 157 
DT  N3     N  N N 158 
DT  C4     C  N N 159 
DT  O4     O  N N 160 
DT  C5     C  N N 161 
DT  C7     C  N N 162 
DT  C6     C  N N 163 
DT  HOP3   H  N N 164 
DT  HOP2   H  N N 165 
DT  "H5'"  H  N N 166 
DT  "H5''" H  N N 167 
DT  "H4'"  H  N N 168 
DT  "H3'"  H  N N 169 
DT  "HO3'" H  N N 170 
DT  "H2'"  H  N N 171 
DT  "H2''" H  N N 172 
DT  "H1'"  H  N N 173 
DT  H3     H  N N 174 
DT  H71    H  N N 175 
DT  H72    H  N N 176 
DT  H73    H  N N 177 
DT  H6     H  N N 178 
HOH O      O  N N 179 
HOH H1     H  N N 180 
HOH H2     H  N N 181 
K   K      K  N N 182 
# 
loop_
_chem_comp_bond.comp_id 
_chem_comp_bond.atom_id_1 
_chem_comp_bond.atom_id_2 
_chem_comp_bond.value_order 
_chem_comp_bond.pdbx_aromatic_flag 
_chem_comp_bond.pdbx_stereo_config 
_chem_comp_bond.pdbx_ordinal 
CBR BR    C5     sing N N 1   
CBR P     OP1    doub N N 2   
CBR P     OP2    sing N N 3   
CBR P     "O5'"  sing N N 4   
CBR P     OP3    sing N N 5   
CBR OP2   HOP2   sing N N 6   
CBR "O5'" "C5'"  sing N N 7   
CBR N1    C6     sing N N 8   
CBR N1    C2     sing N N 9   
CBR N1    "C1'"  sing N N 10  
CBR C6    C5     doub N N 11  
CBR C6    H6     sing N N 12  
CBR C2    O2     doub N N 13  
CBR C2    N3     sing N N 14  
CBR N3    C4     doub N N 15  
CBR C4    N4     sing N N 16  
CBR C4    C5     sing N N 17  
CBR N4    H41    sing N N 18  
CBR N4    H42    sing N N 19  
CBR "C2'" "C1'"  sing N N 20  
CBR "C2'" "C3'"  sing N N 21  
CBR "C2'" "H2'"  sing N N 22  
CBR "C2'" "H2''" sing N N 23  
CBR "C5'" "C4'"  sing N N 24  
CBR "C5'" "H5'"  sing N N 25  
CBR "C5'" "H5''" sing N N 26  
CBR "C4'" "O4'"  sing N N 27  
CBR "C4'" "C3'"  sing N N 28  
CBR "C4'" "H4'"  sing N N 29  
CBR "O4'" "C1'"  sing N N 30  
CBR "C1'" "H1'"  sing N N 31  
CBR "C3'" "O3'"  sing N N 32  
CBR "C3'" "H3'"  sing N N 33  
CBR "O3'" "HO3'" sing N N 34  
CBR OP3   HOP3   sing N N 35  
DA  OP3   P      sing N N 36  
DA  OP3   HOP3   sing N N 37  
DA  P     OP1    doub N N 38  
DA  P     OP2    sing N N 39  
DA  P     "O5'"  sing N N 40  
DA  OP2   HOP2   sing N N 41  
DA  "O5'" "C5'"  sing N N 42  
DA  "C5'" "C4'"  sing N N 43  
DA  "C5'" "H5'"  sing N N 44  
DA  "C5'" "H5''" sing N N 45  
DA  "C4'" "O4'"  sing N N 46  
DA  "C4'" "C3'"  sing N N 47  
DA  "C4'" "H4'"  sing N N 48  
DA  "O4'" "C1'"  sing N N 49  
DA  "C3'" "O3'"  sing N N 50  
DA  "C3'" "C2'"  sing N N 51  
DA  "C3'" "H3'"  sing N N 52  
DA  "O3'" "HO3'" sing N N 53  
DA  "C2'" "C1'"  sing N N 54  
DA  "C2'" "H2'"  sing N N 55  
DA  "C2'" "H2''" sing N N 56  
DA  "C1'" N9     sing N N 57  
DA  "C1'" "H1'"  sing N N 58  
DA  N9    C8     sing Y N 59  
DA  N9    C4     sing Y N 60  
DA  C8    N7     doub Y N 61  
DA  C8    H8     sing N N 62  
DA  N7    C5     sing Y N 63  
DA  C5    C6     sing Y N 64  
DA  C5    C4     doub Y N 65  
DA  C6    N6     sing N N 66  
DA  C6    N1     doub Y N 67  
DA  N6    H61    sing N N 68  
DA  N6    H62    sing N N 69  
DA  N1    C2     sing Y N 70  
DA  C2    N3     doub Y N 71  
DA  C2    H2     sing N N 72  
DA  N3    C4     sing Y N 73  
DC  OP3   P      sing N N 74  
DC  OP3   HOP3   sing N N 75  
DC  P     OP1    doub N N 76  
DC  P     OP2    sing N N 77  
DC  P     "O5'"  sing N N 78  
DC  OP2   HOP2   sing N N 79  
DC  "O5'" "C5'"  sing N N 80  
DC  "C5'" "C4'"  sing N N 81  
DC  "C5'" "H5'"  sing N N 82  
DC  "C5'" "H5''" sing N N 83  
DC  "C4'" "O4'"  sing N N 84  
DC  "C4'" "C3'"  sing N N 85  
DC  "C4'" "H4'"  sing N N 86  
DC  "O4'" "C1'"  sing N N 87  
DC  "C3'" "O3'"  sing N N 88  
DC  "C3'" "C2'"  sing N N 89  
DC  "C3'" "H3'"  sing N N 90  
DC  "O3'" "HO3'" sing N N 91  
DC  "C2'" "C1'"  sing N N 92  
DC  "C2'" "H2'"  sing N N 93  
DC  "C2'" "H2''" sing N N 94  
DC  "C1'" N1     sing N N 95  
DC  "C1'" "H1'"  sing N N 96  
DC  N1    C2     sing N N 97  
DC  N1    C6     sing N N 98  
DC  C2    O2     doub N N 99  
DC  C2    N3     sing N N 100 
DC  N3    C4     doub N N 101 
DC  C4    N4     sing N N 102 
DC  C4    C5     sing N N 103 
DC  N4    H41    sing N N 104 
DC  N4    H42    sing N N 105 
DC  C5    C6     doub N N 106 
DC  C5    H5     sing N N 107 
DC  C6    H6     sing N N 108 
DG  OP3   P      sing N N 109 
DG  OP3   HOP3   sing N N 110 
DG  P     OP1    doub N N 111 
DG  P     OP2    sing N N 112 
DG  P     "O5'"  sing N N 113 
DG  OP2   HOP2   sing N N 114 
DG  "O5'" "C5'"  sing N N 115 
DG  "C5'" "C4'"  sing N N 116 
DG  "C5'" "H5'"  sing N N 117 
DG  "C5'" "H5''" sing N N 118 
DG  "C4'" "O4'"  sing N N 119 
DG  "C4'" "C3'"  sing N N 120 
DG  "C4'" "H4'"  sing N N 121 
DG  "O4'" "C1'"  sing N N 122 
DG  "C3'" "O3'"  sing N N 123 
DG  "C3'" "C2'"  sing N N 124 
DG  "C3'" "H3'"  sing N N 125 
DG  "O3'" "HO3'" sing N N 126 
DG  "C2'" "C1'"  sing N N 127 
DG  "C2'" "H2'"  sing N N 128 
DG  "C2'" "H2''" sing N N 129 
DG  "C1'" N9     sing N N 130 
DG  "C1'" "H1'"  sing N N 131 
DG  N9    C8     sing Y N 132 
DG  N9    C4     sing Y N 133 
DG  C8    N7     doub Y N 134 
DG  C8    H8     sing N N 135 
DG  N7    C5     sing Y N 136 
DG  C5    C6     sing N N 137 
DG  C5    C4     doub Y N 138 
DG  C6    O6     doub N N 139 
DG  C6    N1     sing N N 140 
DG  N1    C2     sing N N 141 
DG  N1    H1     sing N N 142 
DG  C2    N2     sing N N 143 
DG  C2    N3     doub N N 144 
DG  N2    H21    sing N N 145 
DG  N2    H22    sing N N 146 
DG  N3    C4     sing N N 147 
DT  OP3   P      sing N N 148 
DT  OP3   HOP3   sing N N 149 
DT  P     OP1    doub N N 150 
DT  P     OP2    sing N N 151 
DT  P     "O5'"  sing N N 152 
DT  OP2   HOP2   sing N N 153 
DT  "O5'" "C5'"  sing N N 154 
DT  "C5'" "C4'"  sing N N 155 
DT  "C5'" "H5'"  sing N N 156 
DT  "C5'" "H5''" sing N N 157 
DT  "C4'" "O4'"  sing N N 158 
DT  "C4'" "C3'"  sing N N 159 
DT  "C4'" "H4'"  sing N N 160 
DT  "O4'" "C1'"  sing N N 161 
DT  "C3'" "O3'"  sing N N 162 
DT  "C3'" "C2'"  sing N N 163 
DT  "C3'" "H3'"  sing N N 164 
DT  "O3'" "HO3'" sing N N 165 
DT  "C2'" "C1'"  sing N N 166 
DT  "C2'" "H2'"  sing N N 167 
DT  "C2'" "H2''" sing N N 168 
DT  "C1'" N1     sing N N 169 
DT  "C1'" "H1'"  sing N N 170 
DT  N1    C2     sing N N 171 
DT  N1    C6     sing N N 172 
DT  C2    O2     doub N N 173 
DT  C2    N3     sing N N 174 
DT  N3    C4     sing N N 175 
DT  N3    H3     sing N N 176 
DT  C4    O4     doub N N 177 
DT  C4    C5     sing N N 178 
DT  C5    C7     sing N N 179 
DT  C5    C6     doub N N 180 
DT  C7    H71    sing N N 181 
DT  C7    H72    sing N N 182 
DT  C7    H73    sing N N 183 
DT  C6    H6     sing N N 184 
HOH O     H1     sing N N 185 
HOH O     H2     sing N N 186 
# 
loop_
_ndb_struct_conf_na.entry_id 
_ndb_struct_conf_na.feature 
5IX7 'double helix' 
5IX7 'bulge loop'   
# 
loop_
_ndb_struct_na_base_pair.model_number 
_ndb_struct_na_base_pair.i_label_asym_id 
_ndb_struct_na_base_pair.i_label_comp_id 
_ndb_struct_na_base_pair.i_label_seq_id 
_ndb_struct_na_base_pair.i_symmetry 
_ndb_struct_na_base_pair.j_label_asym_id 
_ndb_struct_na_base_pair.j_label_comp_id 
_ndb_struct_na_base_pair.j_label_seq_id 
_ndb_struct_na_base_pair.j_symmetry 
_ndb_struct_na_base_pair.shear 
_ndb_struct_na_base_pair.stretch 
_ndb_struct_na_base_pair.stagger 
_ndb_struct_na_base_pair.buckle 
_ndb_struct_na_base_pair.propeller 
_ndb_struct_na_base_pair.opening 
_ndb_struct_na_base_pair.pair_number 
_ndb_struct_na_base_pair.pair_name 
_ndb_struct_na_base_pair.i_auth_asym_id 
_ndb_struct_na_base_pair.i_auth_seq_id 
_ndb_struct_na_base_pair.i_PDB_ins_code 
_ndb_struct_na_base_pair.j_auth_asym_id 
_ndb_struct_na_base_pair.j_auth_seq_id 
_ndb_struct_na_base_pair.j_PDB_ins_code 
_ndb_struct_na_base_pair.hbond_type_28 
_ndb_struct_na_base_pair.hbond_type_12 
1 A DG  2  1_555 A DC  12 12_555 -1.268 1.601  1.159  6.375   -29.041 24.572   1 A_DG2:DC12_A A 2  ? A 12 ? ? ? 
1 A DC  4  1_555 A DT  10 12_555 0.249  -0.127 -1.773 -4.133  -52.087 -19.544  2 A_DC4:DT10_A A 4  ? A 10 ? ? ? 
1 A DT  5  1_555 A DC  9  12_555 -0.071 -0.502 -2.412 10.875  -52.404 -13.960  3 A_DT5:DC9_A  A 5  ? A 9  ? ? ? 
1 A CBR 6  1_555 A DG  7  12_555 0.108  3.434  -0.699 -34.057 -21.275 -109.888 4 A_CBR6:DG7_A A 6  ? A 7  ? ? ? 
1 A DG  7  1_555 A CBR 6  12_555 -0.108 -3.434 0.699  34.057  21.275  109.888  5 A_DG7:CBR6_A A 7  ? A 6  ? ? ? 
1 A DC  9  1_555 A DT  5  12_555 0.071  -0.502 -2.412 -10.875 -52.404 -13.960  6 A_DC9:DT5_A  A 9  ? A 5  ? ? ? 
1 A DT  10 1_555 A DC  4  12_555 -0.249 -0.127 -1.773 4.133   -52.087 -19.544  7 A_DT10:DC4_A A 10 ? A 4  ? ? ? 
1 A DC  12 1_555 A DG  2  12_555 1.268  1.601  1.159  -6.375  -29.041 24.572   8 A_DC12:DG2_A A 12 ? A 2  ? ? ? 
# 
loop_
_ndb_struct_na_base_pair_step.model_number 
_ndb_struct_na_base_pair_step.i_label_asym_id_1 
_ndb_struct_na_base_pair_step.i_label_comp_id_1 
_ndb_struct_na_base_pair_step.i_label_seq_id_1 
_ndb_struct_na_base_pair_step.i_symmetry_1 
_ndb_struct_na_base_pair_step.j_label_asym_id_1 
_ndb_struct_na_base_pair_step.j_label_comp_id_1 
_ndb_struct_na_base_pair_step.j_label_seq_id_1 
_ndb_struct_na_base_pair_step.j_symmetry_1 
_ndb_struct_na_base_pair_step.i_label_asym_id_2 
_ndb_struct_na_base_pair_step.i_label_comp_id_2 
_ndb_struct_na_base_pair_step.i_label_seq_id_2 
_ndb_struct_na_base_pair_step.i_symmetry_2 
_ndb_struct_na_base_pair_step.j_label_asym_id_2 
_ndb_struct_na_base_pair_step.j_label_comp_id_2 
_ndb_struct_na_base_pair_step.j_label_seq_id_2 
_ndb_struct_na_base_pair_step.j_symmetry_2 
_ndb_struct_na_base_pair_step.shift 
_ndb_struct_na_base_pair_step.slide 
_ndb_struct_na_base_pair_step.rise 
_ndb_struct_na_base_pair_step.tilt 
_ndb_struct_na_base_pair_step.roll 
_ndb_struct_na_base_pair_step.twist 
_ndb_struct_na_base_pair_step.x_displacement 
_ndb_struct_na_base_pair_step.y_displacement 
_ndb_struct_na_base_pair_step.helical_rise 
_ndb_struct_na_base_pair_step.inclination 
_ndb_struct_na_base_pair_step.tip 
_ndb_struct_na_base_pair_step.helical_twist 
_ndb_struct_na_base_pair_step.step_number 
_ndb_struct_na_base_pair_step.step_name 
_ndb_struct_na_base_pair_step.i_auth_asym_id_1 
_ndb_struct_na_base_pair_step.i_auth_seq_id_1 
_ndb_struct_na_base_pair_step.i_PDB_ins_code_1 
_ndb_struct_na_base_pair_step.j_auth_asym_id_1 
_ndb_struct_na_base_pair_step.j_auth_seq_id_1 
_ndb_struct_na_base_pair_step.j_PDB_ins_code_1 
_ndb_struct_na_base_pair_step.i_auth_asym_id_2 
_ndb_struct_na_base_pair_step.i_auth_seq_id_2 
_ndb_struct_na_base_pair_step.i_PDB_ins_code_2 
_ndb_struct_na_base_pair_step.j_auth_asym_id_2 
_ndb_struct_na_base_pair_step.j_auth_seq_id_2 
_ndb_struct_na_base_pair_step.j_PDB_ins_code_2 
1 A DG  2  1_555 A DC  12 12_555 A DC  4  1_555 A DT  10 12_555 0.082  0.177  4.880  -10.312  10.225   54.377  -0.686 -0.969 4.755 
10.971  11.064  56.140  1 AA_DG2DC4:DT10DC12_AA A 2  ? A 12 ? A 4  ? A 10 ? 
1 A DC  4  1_555 A DT  10 12_555 A DT  5  1_555 A DC  9  12_555 -0.014 0.094  2.443  5.453    3.441    38.379  -0.172 0.516  2.417 
5.189   -8.224  38.897  2 AA_DC4DT5:DC9DT10_AA  A 4  ? A 10 ? A 5  ? A 9  ? 
1 A DT  5  1_555 A DC  9  12_555 A CBR 6  1_555 A DG  7  12_555 1.303  -1.157 2.805  0.574    5.668    89.170  -0.922 -0.917 2.750 
4.034   -0.408  89.314  3 AA_DT5CBR6:DG7DC9_AA  A 5  ? A 9  ? A 6  ? A 7  ? 
1 A CBR 6  1_555 A DG  7  12_555 A DG  7  1_555 A CBR 6  12_555 1.204  -4.979 0.000  -147.744 89.859   180.000 -2.489 -0.602 0.000 
44.929  73.872  180.000 4 AA_CBR6DG7:CBR6DG7_AA A 6  ? A 7  ? A 7  ? A 6  ? 
1 A DG  7  1_555 A CBR 6  12_555 A DC  9  1_555 A DT  5  12_555 -1.243 -2.714 -1.413 124.140  -122.355 168.440 -1.405 0.573  
-1.303 -61.188 -62.080 179.426 5 AA_DG7DC9:DT5CBR6_AA  A 7  ? A 6  ? A 9  ? A 5  ? 
1 A DC  9  1_555 A DT  5  12_555 A DT  10 1_555 A DC  4  12_555 0.014  0.094  2.443  -5.453   3.441    38.379  -0.172 -0.516 2.417 
5.189   8.224   38.897  6 AA_DC9DT10:DC4DT5_AA  A 9  ? A 5  ? A 10 ? A 4  ? 
1 A DT  10 1_555 A DC  4  12_555 A DC  12 1_555 A DG  2  12_555 -0.082 0.177  4.880  10.312   10.225   54.377  -0.686 0.969  4.755 
10.971  -11.064 56.140  7 AA_DT10DC12:DG2DC4_AA A 10 ? A 4  ? A 12 ? A 2  ? 
# 
loop_
_pdbx_audit_support.funding_organization 
_pdbx_audit_support.country 
_pdbx_audit_support.grant_number 
_pdbx_audit_support.ordinal 
MEXT                        Japan 24245037 1 
MEXT                        Japan S1201015 2 
'Murata Science Foundation' Japan ?        3 
# 
_atom_sites.entry_id                    5IX7 
_atom_sites.fract_transf_matrix[1][1]   -0.00382002 
_atom_sites.fract_transf_matrix[1][2]   -0.01298969 
_atom_sites.fract_transf_matrix[1][3]   0.03582470 
_atom_sites.fract_transf_matrix[2][1]   -0.02199901 
_atom_sites.fract_transf_matrix[2][2]   0.01893055 
_atom_sites.fract_transf_matrix[2][3]   0.02498982 
_atom_sites.fract_transf_matrix[3][1]   -0.00666679 
_atom_sites.fract_transf_matrix[3][2]   -0.00460487 
_atom_sites.fract_transf_matrix[3][3]   -0.00238057 
_atom_sites.fract_transf_vector[1]      0.776781 
_atom_sites.fract_transf_vector[2]      0.422061 
_atom_sites.fract_transf_vector[3]      0.080513 
# 
loop_
_atom_type.symbol 
AG 
B  
BR 
C  
H  
K  
N  
O  
P  
# 
loop_
_atom_site.group_PDB 
_atom_site.id 
_atom_site.type_symbol 
_atom_site.label_atom_id 
_atom_site.label_alt_id 
_atom_site.label_comp_id 
_atom_site.label_asym_id 
_atom_site.label_entity_id 
_atom_site.label_seq_id 
_atom_site.pdbx_PDB_ins_code 
_atom_site.Cartn_x 
_atom_site.Cartn_y 
_atom_site.Cartn_z 
_atom_site.occupancy 
_atom_site.B_iso_or_equiv 
_atom_site.pdbx_formal_charge 
_atom_site.auth_seq_id 
_atom_site.auth_comp_id 
_atom_site.auth_asym_id 
_atom_site.auth_atom_id 
_atom_site.pdbx_PDB_model_num 
ATOM   1   O  "O5'"  . DG  A 1 1  ? -13.340 4.841   -0.407  1.00 32.57 ? 1   DG  A "O5'"  1 
ATOM   2   C  "C5'"  . DG  A 1 1  ? -14.466 5.387   -1.104  1.00 31.46 ? 1   DG  A "C5'"  1 
ATOM   3   C  "C4'"  . DG  A 1 1  ? -14.058 6.538   -1.991  1.00 29.37 ? 1   DG  A "C4'"  1 
ATOM   4   O  "O4'"  . DG  A 1 1  ? -13.476 7.575   -1.166  1.00 27.70 ? 1   DG  A "O4'"  1 
ATOM   5   C  "C3'"  . DG  A 1 1  ? -12.996 6.189   -3.036  1.00 29.98 ? 1   DG  A "C3'"  1 
ATOM   6   O  "O3'"  . DG  A 1 1  ? -13.236 6.916   -4.246  1.00 30.73 ? 1   DG  A "O3'"  1 
ATOM   7   C  "C2'"  . DG  A 1 1  ? -11.707 6.650   -2.386  1.00 28.30 ? 1   DG  A "C2'"  1 
ATOM   8   C  "C1'"  . DG  A 1 1  ? -12.174 7.879   -1.631  1.00 25.14 ? 1   DG  A "C1'"  1 
ATOM   9   N  N9     . DG  A 1 1  ? -11.351 8.231   -0.479  1.00 20.44 ? 1   DG  A N9     1 
ATOM   10  C  C8     . DG  A 1 1  ? -10.570 9.350   -0.360  1.00 15.82 ? 1   DG  A C8     1 
ATOM   11  N  N7     . DG  A 1 1  ? -9.936  9.411   0.777   1.00 13.34 ? 1   DG  A N7     1 
ATOM   12  C  C5     . DG  A 1 1  ? -10.322 8.267   1.455   1.00 15.46 ? 1   DG  A C5     1 
ATOM   13  C  C6     . DG  A 1 1  ? -9.948  7.798   2.739   1.00 16.15 ? 1   DG  A C6     1 
ATOM   14  O  O6     . DG  A 1 1  ? -9.175  8.320   3.559   1.00 17.75 ? 1   DG  A O6     1 
ATOM   15  N  N1     . DG  A 1 1  ? -10.569 6.590   3.040   1.00 18.46 ? 1   DG  A N1     1 
ATOM   16  C  C2     . DG  A 1 1  ? -11.435 5.920   2.209   1.00 21.99 ? 1   DG  A C2     1 
ATOM   17  N  N2     . DG  A 1 1  ? -11.926 4.764   2.681   1.00 26.84 ? 1   DG  A N2     1 
ATOM   18  N  N3     . DG  A 1 1  ? -11.790 6.349   1.006   1.00 19.22 ? 1   DG  A N3     1 
ATOM   19  C  C4     . DG  A 1 1  ? -11.198 7.523   0.696   1.00 18.55 ? 1   DG  A C4     1 
ATOM   20  H  "H5'"  . DG  A 1 1  ? -15.192 5.705   -0.342  1.00 37.75 ? 1   DG  A "H5'"  1 
ATOM   21  H  "H5''" . DG  A 1 1  ? -14.899 4.600   -1.691  1.00 37.75 ? 1   DG  A "H5''" 1 
ATOM   22  H  "H4'"  . DG  A 1 1  ? -14.976 6.854   -2.458  1.00 35.24 ? 1   DG  A "H4'"  1 
ATOM   23  H  "H3'"  . DG  A 1 1  ? -12.993 5.180   -3.322  1.00 35.97 ? 1   DG  A "H3'"  1 
ATOM   24  H  "H2'"  . DG  A 1 1  ? -11.286 5.906   -1.699  1.00 33.95 ? 1   DG  A "H2'"  1 
ATOM   25  H  "H2''" . DG  A 1 1  ? -10.930 6.930   -3.097  1.00 33.95 ? 1   DG  A "H2''" 1 
ATOM   26  H  "H1'"  . DG  A 1 1  ? -12.131 8.767   -2.260  1.00 30.16 ? 1   DG  A "H1'"  1 
ATOM   27  H  H8     . DG  A 1 1  ? -10.481 10.134  -1.112  1.00 18.98 ? 1   DG  A H8     1 
ATOM   28  H  H1     . DG  A 1 1  ? -10.316 6.197   3.961   1.00 22.15 ? 1   DG  A H1     1 
ATOM   29  H  H21    . DG  A 1 1  ? -12.519 4.241   2.182   1.00 32.21 ? 1   DG  A H21    1 
ATOM   30  H  H22    . DG  A 1 1  ? -11.601 4.458   3.634   1.00 32.21 ? 1   DG  A H22    1 
ATOM   31  P  P      . DG  A 1 2  ? -12.600 6.397   -5.627  1.00 32.14 ? 2   DG  A P      1 
ATOM   32  O  OP1    . DG  A 1 2  ? -13.354 7.044   -6.732  1.00 31.40 ? 2   DG  A OP1    1 
ATOM   33  O  OP2    . DG  A 1 2  ? -12.504 4.917   -5.572  1.00 31.28 ? 2   DG  A OP2    1 
ATOM   34  O  "O5'"  . DG  A 1 2  ? -11.124 6.994   -5.623  1.00 32.51 ? 2   DG  A "O5'"  1 
ATOM   35  C  "C5'"  . DG  A 1 2  ? -10.890 8.364   -5.946  1.00 32.39 ? 2   DG  A "C5'"  1 
ATOM   36  C  "C4'"  . DG  A 1 2  ? -9.411  8.667   -5.904  1.00 29.66 ? 2   DG  A "C4'"  1 
ATOM   37  O  "O4'"  . DG  A 1 2  ? -8.923  8.568   -4.546  1.00 25.09 ? 2   DG  A "O4'"  1 
ATOM   38  C  "C3'"  . DG  A 1 2  ? -8.533  7.730   -6.733  1.00 30.61 ? 2   DG  A "C3'"  1 
ATOM   39  O  "O3'"  . DG  A 1 2  ? -7.444  8.474   -7.287  1.00 33.02 ? 2   DG  A "O3'"  1 
ATOM   40  C  "C2'"  . DG  A 1 2  ? -8.031  6.735   -5.702  1.00 28.73 ? 2   DG  A "C2'"  1 
ATOM   41  C  "C1'"  . DG  A 1 2  ? -7.863  7.624   -4.484  1.00 24.83 ? 2   DG  A "C1'"  1 
ATOM   42  N  N9     . DG  A 1 2  ? -7.945  6.960   -3.186  1.00 18.02 ? 2   DG  A N9     1 
ATOM   43  C  C8     . DG  A 1 2  ? -8.514  5.743   -2.890  1.00 19.29 ? 2   DG  A C8     1 
ATOM   44  N  N7     . DG  A 1 2  ? -8.443  5.442   -1.621  1.00 19.34 ? 2   DG  A N7     1 
ATOM   45  C  C5     . DG  A 1 2  ? -7.787  6.523   -1.048  1.00 17.91 ? 2   DG  A C5     1 
ATOM   46  C  C6     . DG  A 1 2  ? -7.419  6.771   0.299   1.00 14.93 ? 2   DG  A C6     1 
ATOM   47  O  O6     . DG  A 1 2  ? -7.620  6.070   1.302   1.00 15.92 ? 2   DG  A O6     1 
ATOM   48  N  N1     . DG  A 1 2  ? -6.750  7.983   0.428   1.00 14.56 ? 2   DG  A N1     1 
ATOM   49  C  C2     . DG  A 1 2  ? -6.474  8.850   -0.600  1.00 14.35 ? 2   DG  A C2     1 
ATOM   50  N  N2     . DG  A 1 2  ? -5.807  9.967   -0.275  1.00 14.20 ? 2   DG  A N2     1 
ATOM   51  N  N3     . DG  A 1 2  ? -6.821  8.636   -1.853  1.00 13.70 ? 2   DG  A N3     1 
ATOM   52  C  C4     . DG  A 1 2  ? -7.466  7.462   -2.004  1.00 18.14 ? 2   DG  A C4     1 
ATOM   53  H  "H5'"  . DG  A 1 2  ? -11.344 9.071   -5.297  1.00 38.87 ? 2   DG  A "H5'"  1 
ATOM   54  H  "H5''" . DG  A 1 2  ? -11.180 8.641   -7.004  1.00 38.87 ? 2   DG  A "H5''" 1 
ATOM   55  H  "H4'"  . DG  A 1 2  ? -9.192  9.657   -6.334  1.00 35.59 ? 2   DG  A "H4'"  1 
ATOM   56  H  "H3'"  . DG  A 1 2  ? -8.999  7.191   -7.551  1.00 36.72 ? 2   DG  A "H3'"  1 
ATOM   57  H  "H2'"  . DG  A 1 2  ? -8.751  5.887   -5.483  1.00 34.47 ? 2   DG  A "H2'"  1 
ATOM   58  H  "H2''" . DG  A 1 2  ? -7.069  6.182   -5.941  1.00 34.47 ? 2   DG  A "H2''" 1 
ATOM   59  H  "H1'"  . DG  A 1 2  ? -6.818  7.988   -4.497  1.00 29.79 ? 2   DG  A "H1'"  1 
ATOM   60  H  H8     . DG  A 1 2  ? -8.985  5.073   -3.575  1.00 23.14 ? 2   DG  A H8     1 
ATOM   61  H  H21    . DG  A 1 2  ? -5.542  10.632  -1.010  1.00 17.04 ? 2   DG  A H21    1 
ATOM   62  H  H22    . DG  A 1 2  ? -5.503  10.157  0.655   1.00 17.04 ? 2   DG  A H22    1 
ATOM   63  P  P      . DA  A 1 3  ? -7.338  8.669   -8.878  1.00 35.90 ? 3   DA  A P      1 
ATOM   64  O  OP1    . DA  A 1 3  ? -6.502  9.872   -9.118  1.00 34.92 ? 3   DA  A OP1    1 
ATOM   65  O  OP2    . DA  A 1 3  ? -8.706  8.600   -9.448  1.00 34.81 ? 3   DA  A OP2    1 
ATOM   66  O  "O5'"  . DA  A 1 3  ? -6.522  7.392   -9.366  1.00 39.69 ? 3   DA  A "O5'"  1 
ATOM   67  C  "C5'"  . DA  A 1 3  ? -7.110  6.429   -10.236 1.00 40.75 ? 3   DA  A "C5'"  1 
ATOM   68  C  "C4'"  . DA  A 1 3  ? -7.173  5.085   -9.551  1.00 37.40 ? 3   DA  A "C4'"  1 
ATOM   69  O  "O4'"  . DA  A 1 3  ? -7.747  4.110   -10.449 1.00 36.45 ? 3   DA  A "O4'"  1 
ATOM   70  C  "C3'"  . DA  A 1 3  ? -5.813  4.525   -9.122  1.00 35.68 ? 3   DA  A "C3'"  1 
ATOM   71  O  "O3'"  . DA  A 1 3  ? -5.779  4.347   -7.703  1.00 27.52 ? 3   DA  A "O3'"  1 
ATOM   72  C  "C2'"  . DA  A 1 3  ? -5.701  3.187   -9.836  1.00 38.67 ? 3   DA  A "C2'"  1 
ATOM   73  C  "C1'"  . DA  A 1 3  ? -7.132  2.862   -10.217 1.00 38.41 ? 3   DA  A "C1'"  1 
ATOM   74  N  N9     . DA  A 1 3  ? -7.250  2.070   -11.439 1.00 38.40 ? 3   DA  A N9     1 
ATOM   75  C  C8     . DA  A 1 3  ? -6.686  2.323   -12.665 1.00 40.36 ? 3   DA  A C8     1 
ATOM   76  N  N7     . DA  A 1 3  ? -6.969  1.422   -13.572 1.00 40.28 ? 3   DA  A N7     1 
ATOM   77  C  C5     . DA  A 1 3  ? -7.774  0.513   -12.900 1.00 40.78 ? 3   DA  A C5     1 
ATOM   78  C  C6     . DA  A 1 3  ? -8.404  -0.677  -13.307 1.00 42.87 ? 3   DA  A C6     1 
ATOM   79  N  N6     . DA  A 1 3  ? -8.317  -1.175  -14.542 1.00 47.67 ? 3   DA  A N6     1 
ATOM   80  N  N1     . DA  A 1 3  ? -9.134  -1.346  -12.389 1.00 42.26 ? 3   DA  A N1     1 
ATOM   81  C  C2     . DA  A 1 3  ? -9.222  -0.845  -11.151 1.00 42.31 ? 3   DA  A C2     1 
ATOM   82  N  N3     . DA  A 1 3  ? -8.678  0.261   -10.649 1.00 38.97 ? 3   DA  A N3     1 
ATOM   83  C  C4     . DA  A 1 3  ? -7.957  0.901   -11.585 1.00 39.06 ? 3   DA  A C4     1 
ATOM   84  H  "H5'"  . DA  A 1 3  ? -6.663  6.259   -11.263 1.00 48.90 ? 3   DA  A "H5'"  1 
ATOM   85  H  "H5''" . DA  A 1 3  ? -8.199  6.762   -10.546 1.00 48.90 ? 3   DA  A "H5''" 1 
ATOM   86  H  "H4'"  . DA  A 1 3  ? -7.889  5.305   -8.674  1.00 44.87 ? 3   DA  A "H4'"  1 
ATOM   87  H  "H3'"  . DA  A 1 3  ? -5.090  5.285   -9.280  1.00 42.82 ? 3   DA  A "H3'"  1 
ATOM   88  H  "H2'"  . DA  A 1 3  ? -5.087  3.393   -10.721 1.00 46.40 ? 3   DA  A "H2'"  1 
ATOM   89  H  "H2''" . DA  A 1 3  ? -5.224  2.506   -9.197  1.00 46.40 ? 3   DA  A "H2''" 1 
ATOM   90  H  "H1'"  . DA  A 1 3  ? -7.548  2.244   -9.381  1.00 46.09 ? 3   DA  A "H1'"  1 
ATOM   91  H  H8     . DA  A 1 3  ? -5.917  3.170   -12.776 1.00 48.42 ? 3   DA  A H8     1 
ATOM   92  H  H61    . DA  A 1 3  ? -8.610  -2.022  -14.809 1.00 57.20 ? 3   DA  A H61    1 
ATOM   93  H  H62    . DA  A 1 3  ? -7.562  -0.705  -15.221 1.00 57.20 ? 3   DA  A H62    1 
ATOM   94  H  H2     . DA  A 1 3  ? -9.880  -1.400  -10.547 1.00 50.76 ? 3   DA  A H2     1 
ATOM   95  P  P      . DC  A 1 4  ? -4.378  4.053   -6.974  1.00 24.75 ? 4   DC  A P      1 
ATOM   96  O  OP1    . DC  A 1 4  ? -3.314  4.002   -8.007  1.00 24.02 ? 4   DC  A OP1    1 
ATOM   97  O  OP2    . DC  A 1 4  ? -4.589  2.888   -6.078  1.00 25.85 ? 4   DC  A OP2    1 
ATOM   98  O  "O5'"  . DC  A 1 4  ? -4.132  5.337   -6.064  1.00 24.58 ? 4   DC  A "O5'"  1 
ATOM   99  C  "C5'"  . DC  A 1 4  ? -3.950  6.626   -6.646  1.00 25.44 ? 4   DC  A "C5'"  1 
ATOM   100 C  "C4'"  . DC  A 1 4  ? -3.413  7.590   -5.613  1.00 23.53 ? 4   DC  A "C4'"  1 
ATOM   101 O  "O4'"  . DC  A 1 4  ? -4.379  7.714   -4.545  1.00 20.80 ? 4   DC  A "O4'"  1 
ATOM   102 C  "C3'"  . DC  A 1 4  ? -2.119  7.144   -4.938  1.00 20.24 ? 4   DC  A "C3'"  1 
ATOM   103 O  "O3'"  . DC  A 1 4  ? -0.991  7.681   -5.635  1.00 22.44 ? 4   DC  A "O3'"  1 
ATOM   104 C  "C2'"  . DC  A 1 4  ? -2.225  7.757   -3.555  1.00 18.05 ? 4   DC  A "C2'"  1 
ATOM   105 C  "C1'"  . DC  A 1 4  ? -3.723  7.764   -3.283  1.00 18.61 ? 4   DC  A "C1'"  1 
ATOM   106 N  N1     . DC  A 1 4  ? -4.197  6.627   -2.481  1.00 13.30 ? 4   DC  A N1     1 
ATOM   107 C  C2     . DC  A 1 4  ? -4.025  6.669   -1.098  1.00 14.66 ? 4   DC  A C2     1 
ATOM   108 O  O2     . DC  A 1 4  ? -3.463  7.652   -0.594  1.00 16.89 ? 4   DC  A O2     1 
ATOM   109 N  N3     . DC  A 1 4  ? -4.474  5.641   -0.343  1.00 13.58 ? 4   DC  A N3     1 
ATOM   110 C  C4     . DC  A 1 4  ? -5.075  4.602   -0.921  1.00 16.05 ? 4   DC  A C4     1 
ATOM   111 N  N4     . DC  A 1 4  ? -5.522  3.625   -0.132  1.00 12.52 ? 4   DC  A N4     1 
ATOM   112 C  C5     . DC  A 1 4  ? -5.251  4.524   -2.332  1.00 16.43 ? 4   DC  A C5     1 
ATOM   113 C  C6     . DC  A 1 4  ? -4.802  5.550   -3.068  1.00 17.91 ? 4   DC  A C6     1 
ATOM   114 H  "H5'"  . DC  A 1 4  ? -5.005  7.010   -6.961  1.00 30.53 ? 4   DC  A "H5'"  1 
ATOM   115 H  "H5''" . DC  A 1 4  ? -3.360  6.578   -7.446  1.00 30.53 ? 4   DC  A "H5''" 1 
ATOM   116 H  "H4'"  . DC  A 1 4  ? -3.300  8.548   -6.133  1.00 28.23 ? 4   DC  A "H4'"  1 
ATOM   117 H  "H3'"  . DC  A 1 4  ? -2.045  6.089   -4.889  1.00 24.28 ? 4   DC  A "H3'"  1 
ATOM   118 H  "H2'"  . DC  A 1 4  ? -1.695  7.220   -2.792  1.00 21.65 ? 4   DC  A "H2'"  1 
ATOM   119 H  "H2''" . DC  A 1 4  ? -1.848  8.823   -3.524  1.00 21.65 ? 4   DC  A "H2''" 1 
ATOM   120 H  "H1'"  . DC  A 1 4  ? -3.968  8.695   -2.638  1.00 22.33 ? 4   DC  A "H1'"  1 
ATOM   121 H  H41    . DC  A 1 4  ? -5.980  2.836   -0.510  1.00 15.02 ? 4   DC  A H41    1 
ATOM   122 H  H42    . DC  A 1 4  ? -5.419  3.695   0.886   1.00 15.02 ? 4   DC  A H42    1 
ATOM   123 H  H5     . DC  A 1 4  ? -5.720  3.665   -2.777  1.00 19.71 ? 4   DC  A H5     1 
ATOM   124 H  H6     . DC  A 1 4  ? -4.909  5.545   -4.128  1.00 21.49 ? 4   DC  A H6     1 
ATOM   125 P  P      . DT  A 1 5  ? 0.429   6.932   -5.550  1.00 21.19 ? 5   DT  A P      1 
ATOM   126 O  OP1    . DT  A 1 5  ? 1.368   7.651   -6.450  1.00 23.68 ? 5   DT  A OP1    1 
ATOM   127 O  OP2    . DT  A 1 5  ? 0.206   5.475   -5.738  1.00 20.62 ? 5   DT  A OP2    1 
ATOM   128 O  "O5'"  . DT  A 1 5  ? 0.907   7.170   -4.051  1.00 20.19 ? 5   DT  A "O5'"  1 
ATOM   129 C  "C5'"  . DT  A 1 5  ? 1.073   8.487   -3.533  1.00 22.18 ? 5   DT  A "C5'"  1 
ATOM   130 C  "C4'"  . DT  A 1 5  ? 1.583   8.423   -2.112  1.00 21.52 ? 5   DT  A "C4'"  1 
ATOM   131 O  "O4'"  . DT  A 1 5  ? 0.582   7.780   -1.286  1.00 19.11 ? 5   DT  A "O4'"  1 
ATOM   132 C  "C3'"  . DT  A 1 5  ? 2.860   7.600   -1.947  1.00 20.26 ? 5   DT  A "C3'"  1 
ATOM   133 O  "O3'"  . DT  A 1 5  ? 3.705   8.172   -0.944  1.00 22.09 ? 5   DT  A "O3'"  1 
ATOM   134 C  "C2'"  . DT  A 1 5  ? 2.349   6.237   -1.521  1.00 20.94 ? 5   DT  A "C2'"  1 
ATOM   135 C  "C1'"  . DT  A 1 5  ? 1.092   6.573   -0.735  1.00 18.61 ? 5   DT  A "C1'"  1 
ATOM   136 N  N1     . DT  A 1 5  ? 0.037   5.546   -0.833  1.00 13.81 ? 5   DT  A N1     1 
ATOM   137 C  C2     . DT  A 1 5  ? -0.733  5.306   0.279   1.00 13.81 ? 5   DT  A C2     1 
ATOM   138 O  O2     . DT  A 1 5  ? -0.617  5.933   1.319   1.00 15.35 ? 5   DT  A O2     1 
ATOM   139 N  N3     . DT  A 1 5  ? -1.653  4.302   0.128   1.00 14.69 ? 5   DT  A N3     1 
ATOM   140 C  C4     . DT  A 1 5  ? -1.886  3.539   -0.997  1.00 12.12 ? 5   DT  A C4     1 
ATOM   141 O  O4     . DT  A 1 5  ? -2.733  2.651   -0.969  1.00 13.82 ? 5   DT  A O4     1 
ATOM   142 C  C5     . DT  A 1 5  ? -1.068  3.869   -2.142  1.00 14.14 ? 5   DT  A C5     1 
ATOM   143 C  C7     . DT  A 1 5  ? -1.272  3.119   -3.422  1.00 17.16 ? 5   DT  A C7     1 
ATOM   144 C  C6     . DT  A 1 5  ? -0.157  4.842   -2.003  1.00 17.21 ? 5   DT  A C6     1 
ATOM   145 H  "H5'"  . DT  A 1 5  ? 0.043   8.988   -3.509  1.00 26.61 ? 5   DT  A "H5'"  1 
ATOM   146 H  "H5''" . DT  A 1 5  ? 1.702   9.120   -4.110  1.00 26.61 ? 5   DT  A "H5''" 1 
ATOM   147 H  "H4'"  . DT  A 1 5  ? 1.761   9.449   -1.775  1.00 25.82 ? 5   DT  A "H4'"  1 
ATOM   148 H  "H3'"  . DT  A 1 5  ? 3.417   7.558   -2.881  1.00 24.31 ? 5   DT  A "H3'"  1 
ATOM   149 H  "H2'"  . DT  A 1 5  ? 2.078   5.593   -2.419  1.00 25.13 ? 5   DT  A "H2'"  1 
ATOM   150 H  "H2''" . DT  A 1 5  ? 3.063   5.667   -0.951  1.00 25.13 ? 5   DT  A "H2''" 1 
ATOM   151 H  "H1'"  . DT  A 1 5  ? 1.369   6.606   0.330   1.00 22.32 ? 5   DT  A "H1'"  1 
ATOM   152 H  H71    . DT  A 1 5  ? -0.591  3.441   -4.153  1.00 20.58 ? 5   DT  A H71    1 
ATOM   153 H  H72    . DT  A 1 5  ? -1.100  1.998   -3.213  1.00 20.58 ? 5   DT  A H72    1 
ATOM   154 H  H73    . DT  A 1 5  ? -2.321  3.208   -3.735  1.00 20.58 ? 5   DT  A H73    1 
ATOM   155 H  H6     . DT  A 1 5  ? 0.455   5.050   -2.852  1.00 20.65 ? 5   DT  A H6     1 
HETATM 156 BR BR     . CBR A 1 6  ? 2.879   2.497   -2.528  1.00 22.75 ? 6   CBR A BR     1 
HETATM 157 P  P      . CBR A 1 6  ? 5.228   7.674   -0.809  1.00 24.42 ? 6   CBR A P      1 
HETATM 158 O  OP1    . CBR A 1 6  ? 6.074   8.844   -0.457  1.00 23.27 ? 6   CBR A OP1    1 
HETATM 159 O  OP2    . CBR A 1 6  ? 5.547   6.875   -2.019  1.00 25.09 ? 6   CBR A OP2    1 
HETATM 160 O  "O5'"  . CBR A 1 6  ? 5.196   6.691   0.443   1.00 23.43 ? 6   CBR A "O5'"  1 
HETATM 161 N  N1     . CBR A 1 6  ? 2.660   3.180   1.563   1.00 18.16 ? 6   CBR A N1     1 
HETATM 162 C  C6     . CBR A 1 6  ? 3.060   3.184   0.257   1.00 18.16 ? 6   CBR A C6     1 
HETATM 163 C  C2     . CBR A 1 6  ? 1.533   2.447   1.952   1.00 15.07 ? 6   CBR A C2     1 
HETATM 164 O  O2     . CBR A 1 6  ? 1.211   2.423   3.148   1.00 13.81 ? 6   CBR A O2     1 
HETATM 165 N  N3     . CBR A 1 6  ? 0.824   1.783   1.015   1.00 9.54  ? 6   CBR A N3     1 
HETATM 166 C  C4     . CBR A 1 6  ? 1.201   1.821   -0.261  1.00 9.18  ? 6   CBR A C4     1 
HETATM 167 N  N4     . CBR A 1 6  ? 0.444   1.174   -1.152  1.00 5.28  ? 6   CBR A N4     1 
HETATM 168 C  C5     . CBR A 1 6  ? 2.368   2.528   -0.677  1.00 15.30 ? 6   CBR A C5     1 
HETATM 169 C  "C2'"  . CBR A 1 6  ? 4.861   3.622   2.741   1.00 25.73 ? 6   CBR A "C2'"  1 
HETATM 170 C  "C5'"  . CBR A 1 6  ? 4.824   7.171   1.734   1.00 25.91 ? 6   CBR A "C5'"  1 
HETATM 171 C  "C4'"  . CBR A 1 6  ? 4.496   6.011   2.644   1.00 22.78 ? 6   CBR A "C4'"  1 
HETATM 172 O  "O4'"  . CBR A 1 6  ? 3.343   5.316   2.140   1.00 19.69 ? 6   CBR A "O4'"  1 
HETATM 173 C  "C1'"  . CBR A 1 6  ? 3.383   3.972   2.569   1.00 22.50 ? 6   CBR A "C1'"  1 
HETATM 174 C  "C3'"  . CBR A 1 6  ? 5.596   4.959   2.759   1.00 23.44 ? 6   CBR A "C3'"  1 
HETATM 175 O  "O3'"  . CBR A 1 6  ? 6.313   5.171   3.980   1.00 24.65 ? 6   CBR A "O3'"  1 
HETATM 176 H  H6     . CBR A 1 6  ? 3.954   3.718   -0.022  1.00 21.79 ? 6   CBR A H6     1 
HETATM 177 H  H41    . CBR A 1 6  ? 0.670   1.188   -2.131  1.00 6.34  ? 6   CBR A H41    1 
HETATM 178 H  H42    . CBR A 1 6  ? -0.397  0.683   -0.863  1.00 6.34  ? 6   CBR A H42    1 
HETATM 179 H  "H2'"  . CBR A 1 6  ? 5.205   2.958   1.973   1.00 30.87 ? 6   CBR A "H2'"  1 
HETATM 180 H  "H2''" . CBR A 1 6  ? 4.986   3.073   3.725   1.00 30.87 ? 6   CBR A "H2''" 1 
HETATM 181 H  "H5'"  . CBR A 1 6  ? 3.933   7.795   1.588   1.00 31.09 ? 6   CBR A "H5'"  1 
HETATM 182 H  "H5''" . CBR A 1 6  ? 5.592   7.775   2.203   1.00 31.09 ? 6   CBR A "H5''" 1 
HETATM 183 H  "H4'"  . CBR A 1 6  ? 4.287   6.457   3.619   1.00 27.33 ? 6   CBR A "H4'"  1 
HETATM 184 H  "H1'"  . CBR A 1 6  ? 2.854   3.763   3.529   1.00 26.99 ? 6   CBR A "H1'"  1 
HETATM 185 H  "H3'"  . CBR A 1 6  ? 6.320   4.972   1.979   1.00 28.13 ? 6   CBR A "H3'"  1 
ATOM   186 P  P      . DG  A 1 7  ? 7.671   4.366   4.261   1.00 29.43 ? 7   DG  A P      1 
ATOM   187 O  OP1    . DG  A 1 7  ? 8.517   5.210   5.143   1.00 32.18 ? 7   DG  A OP1    1 
ATOM   188 O  OP2    . DG  A 1 7  ? 8.217   3.879   2.969   1.00 29.30 ? 7   DG  A OP2    1 
ATOM   189 O  "O5'"  . DG  A 1 7  ? 7.178   3.117   5.113   1.00 30.86 ? 7   DG  A "O5'"  1 
ATOM   190 C  "C5'"  . DG  A 1 7  ? 7.638   1.807   4.821   1.00 34.67 ? 7   DG  A "C5'"  1 
ATOM   191 C  "C4'"  . DG  A 1 7  ? 6.816   0.791   5.576   1.00 29.89 ? 7   DG  A "C4'"  1 
ATOM   192 O  "O4'"  . DG  A 1 7  ? 5.429   0.901   5.199   1.00 27.00 ? 7   DG  A "O4'"  1 
ATOM   193 C  "C3'"  . DG  A 1 7  ? 7.188   -0.649  5.256   1.00 28.42 ? 7   DG  A "C3'"  1 
ATOM   194 O  "O3'"  . DG  A 1 7  ? 8.252   -1.064  6.117   1.00 29.42 ? 7   DG  A "O3'"  1 
ATOM   195 C  "C2'"  . DG  A 1 7  ? 5.905   -1.403  5.562   1.00 25.50 ? 7   DG  A "C2'"  1 
ATOM   196 C  "C1'"  . DG  A 1 7  ? 4.796   -0.363  5.364   1.00 19.22 ? 7   DG  A "C1'"  1 
ATOM   197 N  N9     . DG  A 1 7  ? 3.949   -0.599  4.198   1.00 14.64 ? 7   DG  A N9     1 
ATOM   198 C  C8     . DG  A 1 7  ? 2.653   -1.049  4.206   1.00 15.50 ? 7   DG  A C8     1 
ATOM   199 N  N7     . DG  A 1 7  ? 2.144   -1.170  3.011   1.00 12.42 ? 7   DG  A N7     1 
ATOM   200 C  C5     . DG  A 1 7  ? 3.166   -0.777  2.158   1.00 16.88 ? 7   DG  A C5     1 
ATOM   201 C  C6     . DG  A 1 7  ? 3.203   -0.706  0.741   1.00 16.13 ? 7   DG  A C6     1 
ATOM   202 O  O6     . DG  A 1 7  ? 2.310   -0.988  -0.072  1.00 12.33 ? 7   DG  A O6     1 
ATOM   203 N  N1     . DG  A 1 7  ? 4.438   -0.254  0.286   1.00 18.20 ? 7   DG  A N1     1 
ATOM   204 C  C2     . DG  A 1 7  ? 5.500   0.084   1.087   1.00 17.19 ? 7   DG  A C2     1 
ATOM   205 N  N2     . DG  A 1 7  ? 6.609   0.499   0.456   1.00 22.06 ? 7   DG  A N2     1 
ATOM   206 N  N3     . DG  A 1 7  ? 5.478   0.019   2.411   1.00 16.42 ? 7   DG  A N3     1 
ATOM   207 C  C4     . DG  A 1 7  ? 4.288   -0.416  2.875   1.00 14.83 ? 7   DG  A C4     1 
ATOM   208 H  "H5'"  . DG  A 1 7  ? 8.653   1.660   5.056   1.00 41.61 ? 7   DG  A "H5'"  1 
ATOM   209 H  "H5''" . DG  A 1 7  ? 7.469   1.673   3.742   1.00 41.61 ? 7   DG  A "H5''" 1 
ATOM   210 H  "H4'"  . DG  A 1 7  ? 6.949   0.975   6.628   1.00 35.86 ? 7   DG  A "H4'"  1 
ATOM   211 H  "H3'"  . DG  A 1 7  ? 7.442   -0.805  4.162   1.00 34.10 ? 7   DG  A "H3'"  1 
ATOM   212 H  "H2'"  . DG  A 1 7  ? 5.725   -2.285  4.890   1.00 30.59 ? 7   DG  A "H2'"  1 
ATOM   213 H  "H2''" . DG  A 1 7  ? 5.882   -1.790  6.580   1.00 30.59 ? 7   DG  A "H2''" 1 
ATOM   214 H  "H1'"  . DG  A 1 7  ? 4.082   -0.441  6.221   1.00 23.06 ? 7   DG  A "H1'"  1 
ATOM   215 H  H8     . DG  A 1 7  ? 2.062   -1.321  5.095   1.00 18.60 ? 7   DG  A H8     1 
ATOM   216 H  H1     . DG  A 1 7  ? 4.527   -0.173  -0.724  1.00 21.84 ? 7   DG  A H1     1 
ATOM   217 H  H21    . DG  A 1 7  ? 7.375   0.775   0.967   1.00 26.47 ? 7   DG  A H21    1 
ATOM   218 H  H22    . DG  A 1 7  ? 6.588   0.561   -0.561  1.00 26.47 ? 7   DG  A H22    1 
ATOM   219 P  P      . DA  A 1 8  ? 9.772   -0.726  5.723   1.00 30.13 ? 8   DA  A P      1 
ATOM   220 O  OP1    . DA  A 1 8  ? 10.117  0.603   6.288   1.00 27.86 ? 8   DA  A OP1    1 
ATOM   221 O  OP2    . DA  A 1 8  ? 9.917   -0.963  4.265   1.00 30.98 ? 8   DA  A OP2    1 
ATOM   222 O  "O5'"  . DA  A 1 8  ? 10.618  -1.831  6.496   1.00 28.03 ? 8   DA  A "O5'"  1 
ATOM   223 C  "C5'"  . DA  A 1 8  ? 10.533  -3.205  6.124   1.00 25.73 ? 8   DA  A "C5'"  1 
ATOM   224 C  "C4'"  . DA  A 1 8  ? 10.148  -4.046  7.319   1.00 24.39 ? 8   DA  A "C4'"  1 
ATOM   225 O  "O4'"  . DA  A 1 8  ? 11.201  -3.997  8.310   1.00 20.76 ? 8   DA  A "O4'"  1 
ATOM   226 C  "C3'"  . DA  A 1 8  ? 8.868   -3.603  8.034   1.00 22.52 ? 8   DA  A "C3'"  1 
ATOM   227 O  "O3'"  . DA  A 1 8  ? 8.132   -4.755  8.458   1.00 23.89 ? 8   DA  A "O3'"  1 
ATOM   228 C  "C2'"  . DA  A 1 8  ? 9.398   -2.863  9.251   1.00 22.61 ? 8   DA  A "C2'"  1 
ATOM   229 C  "C1'"  . DA  A 1 8  ? 10.644  -3.667  9.569   1.00 21.90 ? 8   DA  A "C1'"  1 
ATOM   230 N  N9     . DA  A 1 8  ? 11.671  -2.967  10.342  1.00 20.75 ? 8   DA  A N9     1 
ATOM   231 C  C8     . DA  A 1 8  ? 12.080  -1.660  10.235  1.00 18.64 ? 8   DA  A C8     1 
ATOM   232 N  N7     . DA  A 1 8  ? 13.038  -1.336  11.071  1.00 14.88 ? 8   DA  A N7     1 
ATOM   233 C  C5     . DA  A 1 8  ? 13.274  -2.509  11.777  1.00 15.59 ? 8   DA  A C5     1 
ATOM   234 C  C6     . DA  A 1 8  ? 14.175  -2.827  12.809  1.00 16.42 ? 8   DA  A C6     1 
ATOM   235 N  N6     . DA  A 1 8  ? 15.044  -1.956  13.327  1.00 15.87 ? 8   DA  A N6     1 
ATOM   236 N  N1     . DA  A 1 8  ? 14.154  -4.086  13.296  1.00 17.70 ? 8   DA  A N1     1 
ATOM   237 C  C2     . DA  A 1 8  ? 13.283  -4.961  12.772  1.00 19.97 ? 8   DA  A C2     1 
ATOM   238 N  N3     . DA  A 1 8  ? 12.392  -4.783  11.801  1.00 19.72 ? 8   DA  A N3     1 
ATOM   239 C  C4     . DA  A 1 8  ? 12.437  -3.520  11.340  1.00 18.08 ? 8   DA  A C4     1 
ATOM   240 H  "H5'"  . DA  A 1 8  ? 11.595  -3.631  5.745   1.00 30.88 ? 8   DA  A "H5'"  1 
ATOM   241 H  "H5''" . DA  A 1 8  ? 9.897   -3.476  5.275   1.00 30.88 ? 8   DA  A "H5''" 1 
ATOM   242 H  "H4'"  . DA  A 1 8  ? 10.009  -5.050  6.969   1.00 29.26 ? 8   DA  A "H4'"  1 
ATOM   243 H  "H3'"  . DA  A 1 8  ? 8.285   -2.916  7.353   1.00 27.02 ? 8   DA  A "H3'"  1 
ATOM   244 H  "H2'"  . DA  A 1 8  ? 9.715   -1.730  8.977   1.00 27.13 ? 8   DA  A "H2'"  1 
ATOM   245 H  "H2''" . DA  A 1 8  ? 8.723   -2.737  10.042  1.00 27.13 ? 8   DA  A "H2''" 1 
ATOM   246 H  "H1'"  . DA  A 1 8  ? 10.339  -4.437  10.202  1.00 26.27 ? 8   DA  A "H1'"  1 
ATOM   247 H  H8     . DA  A 1 8  ? 11.694  -0.893  9.554   1.00 22.36 ? 8   DA  A H8     1 
ATOM   248 H  H61    . DA  A 1 8  ? 15.701  -2.281  14.078  1.00 19.04 ? 8   DA  A H61    1 
ATOM   249 H  H62    . DA  A 1 8  ? 15.133  -1.040  13.012  1.00 19.04 ? 8   DA  A H62    1 
ATOM   250 H  H2     . DA  A 1 8  ? 13.307  -5.970  13.188  1.00 23.96 ? 8   DA  A H2     1 
ATOM   251 P  P      . DC  A 1 9  ? 7.136   -5.496  7.433   1.00 21.67 ? 9   DC  A P      1 
ATOM   252 O  OP1    . DC  A 1 9  ? 6.439   -6.572  8.177   1.00 24.85 ? 9   DC  A OP1    1 
ATOM   253 O  OP2    . DC  A 1 9  ? 7.919   -5.835  6.218   1.00 22.88 ? 9   DC  A OP2    1 
ATOM   254 O  "O5'"  . DC  A 1 9  ? 6.060   -4.393  7.030   1.00 23.98 ? 9   DC  A "O5'"  1 
ATOM   255 C  "C5'"  . DC  A 1 9  ? 5.144   -3.871  7.992   1.00 22.66 ? 9   DC  A "C5'"  1 
ATOM   256 C  "C4'"  . DC  A 1 9  ? 3.725   -4.243  7.622   1.00 22.37 ? 9   DC  A "C4'"  1 
ATOM   257 O  "O4'"  . DC  A 1 9  ? 3.384   -3.686  6.329   1.00 18.94 ? 9   DC  A "O4'"  1 
ATOM   258 C  "C3'"  . DC  A 1 9  ? 3.442   -5.742  7.526   1.00 16.16 ? 9   DC  A "C3'"  1 
ATOM   259 O  "O3'"  . DC  A 1 9  ? 2.161   -6.038  8.085   1.00 19.53 ? 9   DC  A "O3'"  1 
ATOM   260 C  "C2'"  . DC  A 1 9  ? 3.452   -6.015  6.033   1.00 18.29 ? 9   DC  A "C2'"  1 
ATOM   261 C  "C1'"  . DC  A 1 9  ? 2.947   -4.709  5.444   1.00 18.12 ? 9   DC  A "C1'"  1 
ATOM   262 N  N1     . DC  A 1 9  ? 3.497   -4.406  4.113   1.00 13.77 ? 9   DC  A N1     1 
ATOM   263 C  C2     . DC  A 1 9  ? 2.647   -4.425  3.000   1.00 12.03 ? 9   DC  A C2     1 
ATOM   264 O  O2     . DC  A 1 9  ? 1.448   -4.716  3.157   1.00 10.03 ? 9   DC  A O2     1 
ATOM   265 N  N3     . DC  A 1 9  ? 3.152   -4.130  1.780   1.00 12.44 ? 9   DC  A N3     1 
ATOM   266 C  C4     . DC  A 1 9  ? 4.445   -3.824  1.646   1.00 13.03 ? 9   DC  A C4     1 
ATOM   267 N  N4     . DC  A 1 9  ? 4.893   -3.523  0.425   1.00 13.37 ? 9   DC  A N4     1 
ATOM   268 C  C5     . DC  A 1 9  ? 5.335   -3.808  2.760   1.00 12.20 ? 9   DC  A C5     1 
ATOM   269 C  C6     . DC  A 1 9  ? 4.823   -4.103  3.962   1.00 10.48 ? 9   DC  A C6     1 
ATOM   270 H  "H5'"  . DC  A 1 9  ? 5.225   -2.685  7.841   1.00 27.19 ? 9   DC  A "H5'"  1 
ATOM   271 H  "H5''" . DC  A 1 9  ? 5.397   -4.096  8.892   1.00 27.19 ? 9   DC  A "H5''" 1 
ATOM   272 H  "H4'"  . DC  A 1 9  ? 3.128   -3.769  8.396   1.00 26.85 ? 9   DC  A "H4'"  1 
ATOM   273 H  "H3'"  . DC  A 1 9  ? 4.206   -6.279  8.064   1.00 19.39 ? 9   DC  A "H3'"  1 
ATOM   274 H  "H2'"  . DC  A 1 9  ? 4.478   -6.238  5.662   1.00 21.95 ? 9   DC  A "H2'"  1 
ATOM   275 H  "H2''" . DC  A 1 9  ? 2.832   -6.870  5.787   1.00 21.95 ? 9   DC  A "H2''" 1 
ATOM   276 H  "H1'"  . DC  A 1 9  ? 1.841   -4.839  5.275   1.00 21.75 ? 9   DC  A "H1'"  1 
ATOM   277 H  H41    . DC  A 1 9  ? 5.858   -3.279  0.269   1.00 16.04 ? 9   DC  A H41    1 
ATOM   278 H  H42    . DC  A 1 9  ? 4.270   -3.511  -0.380  1.00 16.04 ? 9   DC  A H42    1 
ATOM   279 H  H5     . DC  A 1 9  ? 6.397   -3.585  2.615   1.00 14.63 ? 9   DC  A H5     1 
ATOM   280 H  H6     . DC  A 1 9  ? 5.466   -4.135  4.815   1.00 12.58 ? 9   DC  A H6     1 
ATOM   281 P  P      . DT  A 1 10 ? 1.790   -7.551  8.472   1.00 21.66 ? 10  DT  A P      1 
ATOM   282 O  OP1    . DT  A 1 10 ? 0.537   -7.526  9.270   1.00 22.05 ? 10  DT  A OP1    1 
ATOM   283 O  OP2    . DT  A 1 10 ? 3.008   -8.185  9.037   1.00 20.20 ? 10  DT  A OP2    1 
ATOM   284 O  "O5'"  . DT  A 1 10 ? 1.482   -8.245  7.071   1.00 17.79 ? 10  DT  A "O5'"  1 
ATOM   285 C  "C5'"  . DT  A 1 10 ? 0.193   -8.149  6.473   1.00 17.98 ? 10  DT  A "C5'"  1 
ATOM   286 C  "C4'"  . DT  A 1 10 ? 0.180   -8.861  5.139   1.00 20.85 ? 10  DT  A "C4'"  1 
ATOM   287 O  "O4'"  . DT  A 1 10 ? 1.002   -8.155  4.184   1.00 19.94 ? 10  DT  A "O4'"  1 
ATOM   288 C  "C3'"  . DT  A 1 10 ? 0.683   -10.310 5.150   1.00 22.07 ? 10  DT  A "C3'"  1 
ATOM   289 O  "O3'"  . DT  A 1 10 ? -0.359  -11.178 4.690   1.00 25.55 ? 10  DT  A "O3'"  1 
ATOM   290 C  "C2'"  . DT  A 1 10 ? 1.864   -10.307 4.187   1.00 21.59 ? 10  DT  A "C2'"  1 
ATOM   291 C  "C1'"  . DT  A 1 10 ? 1.573   -9.104  3.314   1.00 17.93 ? 10  DT  A "C1'"  1 
ATOM   292 N  N1     . DT  A 1 10 ? 2.740   -8.480  2.663   1.00 16.01 ? 10  DT  A N1     1 
ATOM   293 C  C2     . DT  A 1 10 ? 2.527   -7.884  1.444   1.00 13.75 ? 10  DT  A C2     1 
ATOM   294 O  O2     . DT  A 1 10 ? 1.435   -7.853  0.902   1.00 14.01 ? 10  DT  A O2     1 
ATOM   295 N  N3     . DT  A 1 10 ? 3.640   -7.320  0.881   1.00 12.11 ? 10  DT  A N3     1 
ATOM   296 C  C4     . DT  A 1 10 ? 4.917   -7.288  1.398   1.00 15.65 ? 10  DT  A C4     1 
ATOM   297 O  O4     . DT  A 1 10 ? 5.816   -6.740  0.766   1.00 14.07 ? 10  DT  A O4     1 
ATOM   298 C  C5     . DT  A 1 10 ? 5.074   -7.930  2.685   1.00 18.19 ? 10  DT  A C5     1 
ATOM   299 C  C7     . DT  A 1 10 ? 6.426   -7.945  3.327   1.00 18.43 ? 10  DT  A C7     1 
ATOM   300 C  C6     . DT  A 1 10 ? 3.991   -8.488  3.248   1.00 15.51 ? 10  DT  A C6     1 
ATOM   301 H  "H5'"  . DT  A 1 10 ? -0.019  -7.029  6.316   1.00 21.58 ? 10  DT  A "H5'"  1 
ATOM   302 H  "H5''" . DT  A 1 10 ? -0.595  -8.495  7.119   1.00 21.58 ? 10  DT  A "H5''" 1 
ATOM   303 H  "H4'"  . DT  A 1 10 ? -0.906  -8.819  4.854   1.00 25.02 ? 10  DT  A "H4'"  1 
ATOM   304 H  "H3'"  . DT  A 1 10 ? 0.943   -10.610 6.165   1.00 26.48 ? 10  DT  A "H3'"  1 
ATOM   305 H  "H2'"  . DT  A 1 10 ? 2.799   -10.179 4.745   1.00 25.91 ? 10  DT  A "H2'"  1 
ATOM   306 H  "H2''" . DT  A 1 10 ? 1.897   -11.219 3.635   1.00 25.91 ? 10  DT  A "H2''" 1 
ATOM   307 H  "H1'"  . DT  A 1 10 ? 0.935   -9.434  2.486   1.00 21.51 ? 10  DT  A "H1'"  1 
ATOM   308 H  H71    . DT  A 1 10 ? 6.368   -8.465  4.287   1.00 22.11 ? 10  DT  A H71    1 
ATOM   309 H  H72    . DT  A 1 10 ? 7.134   -8.470  2.662   1.00 22.11 ? 10  DT  A H72    1 
ATOM   310 H  H73    . DT  A 1 10 ? 6.768   -6.912  3.477   1.00 22.11 ? 10  DT  A H73    1 
ATOM   311 H  H6     . DT  A 1 10 ? 4.102   -8.967  4.229   1.00 18.60 ? 10  DT  A H6     1 
ATOM   312 P  P      . DC  A 1 11 ? -0.102  -12.762 4.597   1.00 27.34 ? 11  DC  A P      1 
ATOM   313 O  OP1    . DC  A 1 11 ? -1.355  -13.457 4.985   1.00 29.36 ? 11  DC  A OP1    1 
ATOM   314 O  OP2    . DC  A 1 11 ? 1.160   -13.071 5.315   1.00 30.70 ? 11  DC  A OP2    1 
ATOM   315 O  "O5'"  . DC  A 1 11 ? 0.141   -13.006 3.043   1.00 26.32 ? 11  DC  A "O5'"  1 
ATOM   316 C  "C5'"  . DC  A 1 11 ? -0.778  -12.497 2.078   1.00 27.41 ? 11  DC  A "C5'"  1 
ATOM   317 C  "C4'"  . DC  A 1 11 ? -0.137  -12.453 0.712   1.00 27.93 ? 11  DC  A "C4'"  1 
ATOM   318 O  "O4'"  . DC  A 1 11 ? 0.968   -11.531 0.710   1.00 26.32 ? 11  DC  A "O4'"  1 
ATOM   319 C  "C3'"  . DC  A 1 11 ? 0.445   -13.777 0.219   1.00 26.54 ? 11  DC  A "C3'"  1 
ATOM   320 O  "O3'"  . DC  A 1 11 ? -0.500  -14.431 -0.634  1.00 24.99 ? 11  DC  A "O3'"  1 
ATOM   321 C  "C2'"  . DC  A 1 11 ? 1.697   -13.374 -0.551  1.00 25.58 ? 11  DC  A "C2'"  1 
ATOM   322 C  "C1'"  . DC  A 1 11 ? 1.793   -11.859 -0.387  1.00 23.19 ? 11  DC  A "C1'"  1 
ATOM   323 N  N1     . DC  A 1 11 ? 3.144   -11.358 -0.100  1.00 19.38 ? 11  DC  A N1     1 
ATOM   324 C  C2     . DC  A 1 11 ? 3.762   -10.527 -1.036  1.00 17.64 ? 11  DC  A C2     1 
ATOM   325 O  O2     . DC  A 1 11 ? 3.151   -10.237 -2.074  1.00 19.07 ? 11  DC  A O2     1 
ATOM   326 N  N3     . DC  A 1 11 ? 5.007   -10.061 -0.785  1.00 14.14 ? 11  DC  A N3     1 
ATOM   327 C  C4     . DC  A 1 11 ? 5.628   -10.390 0.349   1.00 17.13 ? 11  DC  A C4     1 
ATOM   328 N  N4     . DC  A 1 11 ? 6.856   -9.904  0.552   1.00 23.56 ? 11  DC  A N4     1 
ATOM   329 C  C5     . DC  A 1 11 ? 5.020   -11.235 1.323   1.00 15.03 ? 11  DC  A C5     1 
ATOM   330 C  C6     . DC  A 1 11 ? 3.788   -11.692 1.059   1.00 18.67 ? 11  DC  A C6     1 
ATOM   331 H  "H5'"  . DC  A 1 11 ? -1.085  -11.439 2.357   1.00 32.89 ? 11  DC  A "H5'"  1 
ATOM   332 H  "H5''" . DC  A 1 11 ? -1.723  -13.048 1.993   1.00 32.89 ? 11  DC  A "H5''" 1 
ATOM   333 H  "H4'"  . DC  A 1 11 ? -0.940  -12.114 0.020   1.00 33.52 ? 11  DC  A "H4'"  1 
ATOM   334 H  "H3'"  . DC  A 1 11 ? 0.693   -14.433 1.052   1.00 31.85 ? 11  DC  A "H3'"  1 
ATOM   335 H  "H2'"  . DC  A 1 11 ? 2.595   -13.859 -0.166  1.00 30.69 ? 11  DC  A "H2'"  1 
ATOM   336 H  "H2''" . DC  A 1 11 ? 1.609   -13.629 -1.617  1.00 30.69 ? 11  DC  A "H2''" 1 
ATOM   337 H  "H1'"  . DC  A 1 11 ? 1.510   -11.372 -1.341  1.00 27.83 ? 11  DC  A "H1'"  1 
ATOM   338 H  H41    . DC  A 1 11 ? 7.378   -10.128 1.370   1.00 28.27 ? 11  DC  A H41    1 
ATOM   339 H  H42    . DC  A 1 11 ? 7.300   -9.305  -0.153  1.00 28.27 ? 11  DC  A H42    1 
ATOM   340 H  H5     . DC  A 1 11 ? 5.569   -11.501 2.235   1.00 18.03 ? 11  DC  A H5     1 
ATOM   341 H  H6     . DC  A 1 11 ? 3.310   -12.339 1.776   1.00 22.40 ? 11  DC  A H6     1 
ATOM   342 P  P      . DC  A 1 12 ? -0.114  -15.823 -1.334  1.00 26.81 ? 12  DC  A P      1 
ATOM   343 O  OP1    . DC  A 1 12 ? -1.369  -16.461 -1.805  1.00 28.11 ? 12  DC  A OP1    1 
ATOM   344 O  OP2    . DC  A 1 12 ? 0.786   -16.565 -0.416  1.00 22.90 ? 12  DC  A OP2    1 
ATOM   345 O  "O5'"  . DC  A 1 12 ? 0.730   -15.382 -2.611  1.00 27.26 ? 12  DC  A "O5'"  1 
ATOM   346 C  "C5'"  . DC  A 1 12 ? 0.190   -14.455 -3.551  1.00 28.80 ? 12  DC  A "C5'"  1 
ATOM   347 C  "C4'"  . DC  A 1 12 ? 1.164   -14.220 -4.683  1.00 28.68 ? 12  DC  A "C4'"  1 
ATOM   348 O  "O4'"  . DC  A 1 12 ? 2.329   -13.514 -4.193  1.00 27.18 ? 12  DC  A "O4'"  1 
ATOM   349 C  "C3'"  . DC  A 1 12 ? 1.699   -15.480 -5.365  1.00 27.45 ? 12  DC  A "C3'"  1 
ATOM   350 O  "O3'"  . DC  A 1 12 ? 2.025   -15.154 -6.718  1.00 29.60 ? 12  DC  A "O3'"  1 
ATOM   351 C  "C2'"  . DC  A 1 12 ? 3.026   -15.696 -4.663  1.00 25.42 ? 12  DC  A "C2'"  1 
ATOM   352 C  "C1'"  . DC  A 1 12 ? 3.498   -14.262 -4.491  1.00 25.43 ? 12  DC  A "C1'"  1 
ATOM   353 N  N1     . DC  A 1 12 ? 4.472   -14.036 -3.410  1.00 20.10 ? 12  DC  A N1     1 
ATOM   354 C  C2     . DC  A 1 12 ? 5.350   -12.954 -3.517  1.00 16.88 ? 12  DC  A C2     1 
ATOM   355 O  O2     . DC  A 1 12 ? 5.276   -12.218 -4.512  1.00 17.11 ? 12  DC  A O2     1 
ATOM   356 N  N3     . DC  A 1 12 ? 6.254   -12.734 -2.534  1.00 16.41 ? 12  DC  A N3     1 
ATOM   357 C  C4     . DC  A 1 12 ? 6.302   -13.546 -1.478  1.00 18.34 ? 12  DC  A C4     1 
ATOM   358 N  N4     . DC  A 1 12 ? 7.216   -13.290 -0.540  1.00 14.26 ? 12  DC  A N4     1 
ATOM   359 C  C5     . DC  A 1 12 ? 5.417   -14.655 -1.341  1.00 20.73 ? 12  DC  A C5     1 
ATOM   360 C  C6     . DC  A 1 12 ? 4.526   -14.861 -2.320  1.00 19.72 ? 12  DC  A C6     1 
ATOM   361 H  "H5'"  . DC  A 1 12 ? -0.019  -13.526 -3.089  1.00 34.56 ? 12  DC  A "H5'"  1 
ATOM   362 H  "H5''" . DC  A 1 12 ? -0.737  -14.856 -4.007  1.00 34.56 ? 12  DC  A "H5''" 1 
ATOM   363 H  "H4'"  . DC  A 1 12 ? 0.611   -13.662 -5.461  1.00 34.41 ? 12  DC  A "H4'"  1 
ATOM   364 H  "H3'"  . DC  A 1 12 ? 1.042   -16.339 -5.366  1.00 32.93 ? 12  DC  A "H3'"  1 
ATOM   365 H  "HO3'" . DC  A 1 12 ? 2.410   -15.965 -7.224  1.00 35.52 ? 12  DC  A "HO3'" 1 
ATOM   366 H  "H2'"  . DC  A 1 12 ? 2.951   -16.222 -3.744  1.00 30.51 ? 12  DC  A "H2'"  1 
ATOM   367 H  "H2''" . DC  A 1 12 ? 3.767   -16.285 -5.310  1.00 30.51 ? 12  DC  A "H2''" 1 
ATOM   368 H  "H1'"  . DC  A 1 12 ? 4.048   -13.959 -5.440  1.00 30.52 ? 12  DC  A "H1'"  1 
ATOM   369 H  H41    . DC  A 1 12 ? 7.308   -13.861 0.245   1.00 17.11 ? 12  DC  A H41    1 
ATOM   370 H  H42    . DC  A 1 12 ? 7.859   -12.496 -0.668  1.00 17.11 ? 12  DC  A H42    1 
ATOM   371 H  H5     . DC  A 1 12 ? 5.491   -15.307 -0.487  1.00 24.87 ? 12  DC  A H5     1 
ATOM   372 H  H6     . DC  A 1 12 ? 3.856   -15.702 -2.272  1.00 23.66 ? 12  DC  A H6     1 
HETATM 373 AG AG     . AG  B 2 .  ? 0.083   -1.874  2.208   0.50 13.92 ? 101 AG  A AG     1 
HETATM 374 AG AG     . AG  C 2 .  ? -1.090  1.032   1.734   1.00 11.43 ? 102 AG  A AG     1 
HETATM 375 AG AG     . AG  D 2 .  ? -2.577  3.779   2.061   1.00 11.32 ? 103 AG  A AG     1 
HETATM 376 AG AG     . AG  E 2 .  ? -4.573  6.273   1.925   1.00 14.69 ? 104 AG  A AG     1 
HETATM 377 AG AG     . AG  F 2 .  ? -6.644  8.845   2.500   1.00 16.42 ? 105 AG  A AG     1 
HETATM 378 AG AG     . AG  G 2 .  ? -8.631  11.099  1.517   0.50 18.09 ? 106 AG  A AG     1 
HETATM 379 K  K      . K   H 3 .  ? 0.329   1.461   5.409   1.00 12.76 ? 107 K   A K      1 
HETATM 380 K  K      . K   I 3 .  ? -1.562  8.541   1.497   1.00 32.60 ? 108 K   A K      1 
HETATM 381 O  O      . HOH J 4 .  ? -3.458  0.726   -5.496  1.00 21.16 ? 201 HOH A O      1 
HETATM 382 O  O      . HOH J 4 .  ? 5.952   -8.860  7.262   1.00 35.16 ? 202 HOH A O      1 
HETATM 383 O  O      . HOH J 4 .  ? -14.279 2.577   -1.191  0.50 31.76 ? 203 HOH A O      1 
HETATM 384 O  O      . HOH J 4 .  ? -0.769  3.545   -7.166  1.00 17.99 ? 204 HOH A O      1 
HETATM 385 O  O      . HOH J 4 .  ? 3.741   -9.434  6.351   1.00 33.47 ? 205 HOH A O      1 
HETATM 386 O  O      . HOH J 4 .  ? -10.763 4.286   -7.493  1.00 40.62 ? 206 HOH A O      1 
HETATM 387 O  O      . HOH J 4 .  ? -3.253  -17.898 -0.577  1.00 32.57 ? 207 HOH A O      1 
HETATM 388 O  O      . HOH J 4 .  ? -4.019  10.109  -8.111  1.00 27.62 ? 208 HOH A O      1 
HETATM 389 O  O      . HOH J 4 .  ? 1.864   6.693   -8.956  1.00 30.53 ? 209 HOH A O      1 
HETATM 390 O  O      . HOH J 4 .  ? -2.786  1.846   -9.632  1.00 41.81 ? 210 HOH A O      1 
HETATM 391 O  O      . HOH J 4 .  ? 4.996   -1.019  -2.300  1.00 15.21 ? 211 HOH A O      1 
HETATM 392 O  O      . HOH J 4 .  ? 11.636  -2.430  2.674   1.00 37.97 ? 212 HOH A O      1 
HETATM 393 O  O      . HOH J 4 .  ? 8.560   -6.609  0.437   1.00 23.31 ? 213 HOH A O      1 
HETATM 394 O  O      . HOH J 4 .  ? 4.298   2.922   6.717   1.00 37.34 ? 214 HOH A O      1 
HETATM 395 O  O      . HOH J 4 .  ? 6.851   7.554   5.320   0.50 30.06 ? 215 HOH A O      1 
HETATM 396 O  O      . HOH J 4 .  ? -2.230  5.791   -9.852  1.00 26.11 ? 216 HOH A O      1 
HETATM 397 O  O      . HOH J 4 .  ? 7.614   -2.965  -0.151  1.00 19.36 ? 217 HOH A O      1 
HETATM 398 O  O      . HOH J 4 .  ? -3.724  7.912   -9.420  1.00 32.63 ? 218 HOH A O      1 
HETATM 399 O  O      . HOH J 4 .  ? -12.243 2.108   -5.989  0.50 32.61 ? 219 HOH A O      1 
HETATM 400 O  O      . HOH J 4 .  ? 4.920   11.407  -1.106  1.00 25.09 ? 220 HOH A O      1 
HETATM 401 O  O      . HOH J 4 .  ? 8.714   -4.639  3.706   1.00 24.11 ? 221 HOH A O      1 
HETATM 402 O  O      . HOH J 4 .  ? 0.656   -5.424  11.265  1.00 27.74 ? 222 HOH A O      1 
HETATM 403 O  O      . HOH J 4 .  ? 3.320   -13.859 3.513   1.00 33.53 ? 223 HOH A O      1 
HETATM 404 O  O      . HOH J 4 .  ? -8.973  2.863   -0.304  1.00 29.92 ? 224 HOH A O      1 
HETATM 405 O  O      . HOH J 4 .  ? -7.232  2.887   -4.766  1.00 24.92 ? 225 HOH A O      1 
HETATM 406 O  O      . HOH J 4 .  ? 8.377   8.023   1.228   1.00 30.17 ? 226 HOH A O      1 
HETATM 407 O  O      . HOH J 4 .  ? 9.169   1.149   2.263   1.00 30.88 ? 227 HOH A O      1 
HETATM 408 O  O      . HOH J 4 .  ? -10.804 10.603  -3.439  1.00 29.47 ? 228 HOH A O      1 
HETATM 409 O  O      . HOH J 4 .  ? 15.700  -5.110  15.677  1.00 22.18 ? 229 HOH A O      1 
HETATM 410 O  O      . HOH J 4 .  ? -9.374  5.436   5.610   1.00 30.49 ? 230 HOH A O      1 
HETATM 411 O  O      . HOH J 4 .  ? 8.647   4.119   -0.106  1.00 39.20 ? 231 HOH A O      1 
HETATM 412 O  O      . HOH J 4 .  ? 0.752   0.448   -4.177  0.50 22.91 ? 232 HOH A O      1 
HETATM 413 O  O      . HOH J 4 .  ? 4.747   5.280   -4.728  1.00 30.03 ? 233 HOH A O      1 
HETATM 414 O  O      . HOH J 4 .  ? -11.768 2.073   0.275   1.00 35.98 ? 234 HOH A O      1 
HETATM 415 O  O      . HOH J 4 .  ? -9.316  11.683  -8.515  1.00 33.28 ? 235 HOH A O      1 
HETATM 416 O  O      . HOH J 4 .  ? 8.256   8.328   6.127   0.50 21.05 ? 236 HOH A O      1 
HETATM 417 O  O      . HOH J 4 .  ? -0.262  -3.045  5.440   0.25 26.26 ? 237 HOH A O      1 
HETATM 418 O  O      . HOH J 4 .  ? -6.470  8.428   -12.566 1.00 40.21 ? 238 HOH A O      1 
HETATM 419 O  O      . HOH J 4 .  ? -8.349  12.061  -1.133  0.50 35.39 ? 239 HOH A O      1 
HETATM 420 O  O      . HOH J 4 .  ? -2.854  -16.033 1.236   1.00 39.30 ? 240 HOH A O      1 
HETATM 421 O  O      . HOH J 4 .  ? -11.299 3.249   5.675   1.00 49.84 ? 241 HOH A O      1 
HETATM 422 O  O      . HOH J 4 .  ? -10.715 2.552   -3.724  1.00 48.46 ? 242 HOH A O      1 
HETATM 423 O  O      . HOH J 4 .  ? -3.819  1.031   -12.081 1.00 35.06 ? 243 HOH A O      1 
HETATM 424 O  O      . HOH J 4 .  ? -15.990 4.604   -4.557  1.00 40.03 ? 244 HOH A O      1 
HETATM 425 O  O      . HOH J 4 .  ? 1.570   -0.233  7.069   1.00 22.93 ? 245 HOH A O      1 
HETATM 426 O  O      . HOH J 4 .  ? -7.298  -1.362  -7.560  1.00 38.00 ? 246 HOH A O      1 
HETATM 427 O  O      . HOH J 4 .  ? -10.295 11.862  -5.761  1.00 37.35 ? 247 HOH A O      1 
HETATM 428 O  O      . HOH J 4 .  ? -0.375  -3.427  6.496   0.25 18.49 ? 248 HOH A O      1 
HETATM 429 O  O      . HOH J 4 .  ? 5.481   5.137   7.854   1.00 35.78 ? 249 HOH A O      1 
HETATM 430 O  O      . HOH J 4 .  ? 7.373   12.461  -0.637  1.00 32.65 ? 250 HOH A O      1 
HETATM 431 O  O      . HOH J 4 .  ? -0.857  10.868  0.558   1.00 24.96 ? 251 HOH A O      1 
HETATM 432 O  O      . HOH J 4 .  ? -4.526  -0.272  -9.860  1.00 33.89 ? 252 HOH A O      1 
HETATM 433 O  O      . HOH J 4 .  ? 4.370   -4.882  11.224  1.00 33.55 ? 253 HOH A O      1 
HETATM 434 O  O      . HOH J 4 .  ? -6.690  0.927   -2.963  1.00 37.72 ? 254 HOH A O      1 
HETATM 435 O  O      . HOH J 4 .  ? 1.537   -2.946  10.739  1.00 35.03 ? 255 HOH A O      1 
HETATM 436 O  O      . HOH J 4 .  ? -0.208  -19.571 2.245   0.50 36.32 ? 256 HOH A O      1 
HETATM 437 O  O      . HOH J 4 .  ? -5.470  -1.004  -4.702  1.00 29.64 ? 257 HOH A O      1 
HETATM 438 O  O      . HOH J 4 .  ? -0.867  0.806   -6.279  1.00 19.00 ? 258 HOH A O      1 
HETATM 439 O  O      . HOH J 4 .  ? -14.466 11.070  -5.692  1.00 32.14 ? 259 HOH A O      1 
HETATM 440 O  O      . HOH J 4 .  ? 5.585   -11.891 8.193   1.00 36.42 ? 260 HOH A O      1 
HETATM 441 O  O      . HOH J 4 .  ? 1.250   2.099   -8.747  0.25 28.35 ? 261 HOH A O      1 
HETATM 442 O  O      . HOH J 4 .  ? -6.392  12.524  -5.164  1.00 28.87 ? 262 HOH A O      1 
HETATM 443 O  O      . HOH J 4 .  ? 0.804   7.705   -11.143 1.00 42.26 ? 263 HOH A O      1 
HETATM 444 O  O      . HOH J 4 .  ? 2.875   0.266   9.315   1.00 41.57 ? 264 HOH A O      1 
HETATM 445 O  O      . HOH J 4 .  ? 12.235  -5.267  3.038   1.00 36.27 ? 265 HOH A O      1 
HETATM 446 O  O      . HOH J 4 .  ? -4.696  -20.081 -0.547  1.00 40.59 ? 266 HOH A O      1 
HETATM 447 O  O      . HOH J 4 .  ? -1.318  12.720  -1.315  1.00 35.00 ? 267 HOH A O      1 
HETATM 448 O  O      . HOH J 4 .  ? 1.390   2.573   -10.055 0.25 28.03 ? 268 HOH A O      1 
HETATM 449 O  O      . HOH J 4 .  ? -8.648  -0.771  0.830   1.00 36.88 ? 269 HOH A O      1 
HETATM 450 O  O      . HOH J 4 .  ? 2.252   5.328   -11.376 1.00 43.49 ? 270 HOH A O      1 
HETATM 451 O  O      . HOH J 4 .  ? -0.575  -1.106  -8.127  1.00 28.35 ? 271 HOH A O      1 
HETATM 452 O  O      . HOH J 4 .  ? 2.172   4.037   9.689   1.00 34.32 ? 272 HOH A O      1 
HETATM 453 O  O      . HOH J 4 .  ? -10.569 -5.983  -8.216  1.00 36.66 ? 273 HOH A O      1 
HETATM 454 O  O      . HOH J 4 .  ? 7.985   -12.882 7.462   1.00 43.62 ? 274 HOH A O      1 
HETATM 455 O  O      . HOH J 4 .  ? -2.020  14.714  -6.119  1.00 37.33 ? 275 HOH A O      1 
HETATM 456 O  O      . HOH J 4 .  ? 6.261   11.548  7.735   1.00 30.01 ? 276 HOH A O      1 
HETATM 457 O  O      . HOH J 4 .  ? -0.266  13.706  -10.411 1.00 36.50 ? 277 HOH A O      1 
HETATM 458 O  O      . HOH J 4 .  ? -7.374  3.384   9.018   1.00 35.66 ? 278 HOH A O      1 
HETATM 459 O  O      . HOH J 4 .  ? 7.609   10.603  10.455  1.00 33.20 ? 279 HOH A O      1 
HETATM 460 O  O      . HOH J 4 .  ? 0.753   1.084   12.331  1.00 36.33 ? 280 HOH A O      1 
HETATM 461 O  O      . HOH J 4 .  ? 3.645   12.362  7.555   1.00 51.16 ? 281 HOH A O      1 
HETATM 462 O  O      . HOH J 4 .  ? 5.395   12.293  10.206  1.00 41.41 ? 282 HOH A O      1 
HETATM 463 O  O      . HOH J 4 .  ? 6.890   14.270  9.262   1.00 34.07 ? 283 HOH A O      1 
HETATM 464 O  O      . HOH J 4 .  ? 4.760   14.846  7.819   1.00 28.50 ? 284 HOH A O      1 
HETATM 465 O  O      . HOH J 4 .  ? 1.179   7.587   -17.002 1.00 52.94 ? 285 HOH A O      1 
HETATM 466 O  O      . HOH J 4 .  ? 2.032   14.442  7.969   1.00 33.84 ? 286 HOH A O      1 
HETATM 467 O  O      . HOH J 4 .  ? 3.447   10.882  13.422  1.00 50.71 ? 287 HOH A O      1 
HETATM 468 O  O      . HOH J 4 .  ? 1.526   5.056   -20.153 1.00 34.34 ? 288 HOH A O      1 
# 
loop_
_atom_site_anisotrop.id 
_atom_site_anisotrop.type_symbol 
_atom_site_anisotrop.pdbx_label_atom_id 
_atom_site_anisotrop.pdbx_label_alt_id 
_atom_site_anisotrop.pdbx_label_comp_id 
_atom_site_anisotrop.pdbx_label_asym_id 
_atom_site_anisotrop.pdbx_label_seq_id 
_atom_site_anisotrop.pdbx_PDB_ins_code 
_atom_site_anisotrop.U[1][1] 
_atom_site_anisotrop.U[2][2] 
_atom_site_anisotrop.U[3][3] 
_atom_site_anisotrop.U[1][2] 
_atom_site_anisotrop.U[1][3] 
_atom_site_anisotrop.U[2][3] 
_atom_site_anisotrop.pdbx_auth_seq_id 
_atom_site_anisotrop.pdbx_auth_comp_id 
_atom_site_anisotrop.pdbx_auth_asym_id 
_atom_site_anisotrop.pdbx_auth_atom_id 
1   O  "O5'"  . DG  A 1  ? 0.4112 0.3637 0.4625 0.0651  -0.0088 0.0386  1   DG  A "O5'"  
2   C  "C5'"  . DG  A 1  ? 0.4223 0.4072 0.3658 0.0138  0.0066  0.0399  1   DG  A "C5'"  
3   C  "C4'"  . DG  A 1  ? 0.3935 0.3969 0.3256 0.0230  0.0181  0.0256  1   DG  A "C4'"  
4   O  "O4'"  . DG  A 1  ? 0.3493 0.3476 0.3554 0.0450  0.0125  0.0383  1   DG  A "O4'"  
5   C  "C3'"  . DG  A 1  ? 0.3929 0.4119 0.3341 0.0149  0.0120  0.0113  1   DG  A "C3'"  
6   O  "O3'"  . DG  A 1  ? 0.3772 0.4154 0.3750 0.0182  -0.0054 0.0037  1   DG  A "O3'"  
7   C  "C2'"  . DG  A 1  ? 0.3695 0.3903 0.3154 0.0113  0.0295  0.0007  1   DG  A "C2'"  
8   C  "C1'"  . DG  A 1  ? 0.3313 0.3493 0.2744 0.0244  0.0294  0.0107  1   DG  A "C1'"  
9   N  N9     . DG  A 1  ? 0.2364 0.2786 0.2617 0.0494  0.0224  0.0187  1   DG  A N9     
10  C  C8     . DG  A 1  ? 0.1809 0.2408 0.1794 0.0581  0.0573  -0.0212 1   DG  A C8     
11  N  N7     . DG  A 1  ? 0.1575 0.2225 0.1270 0.0644  0.0904  -0.0116 1   DG  A N7     
12  C  C5     . DG  A 1  ? 0.2005 0.2384 0.1484 0.0477  0.0290  0.0453  1   DG  A C5     
13  C  C6     . DG  A 1  ? 0.1670 0.2435 0.2030 0.0857  0.0521  -0.0303 1   DG  A C6     
14  O  O6     . DG  A 1  ? 0.1693 0.2816 0.2235 0.0564  0.0453  -0.0006 1   DG  A O6     
15  N  N1     . DG  A 1  ? 0.2133 0.2364 0.2518 0.0713  0.0353  -0.0192 1   DG  A N1     
16  C  C2     . DG  A 1  ? 0.2379 0.2665 0.3310 0.0648  0.0210  0.0197  1   DG  A C2     
17  N  N2     . DG  A 1  ? 0.3304 0.3525 0.3371 0.0148  0.0189  0.0138  1   DG  A N2     
18  N  N3     . DG  A 1  ? 0.2080 0.2488 0.2734 0.0778  0.0164  0.0256  1   DG  A N3     
19  C  C4     . DG  A 1  ? 0.2069 0.2562 0.2416 0.0593  0.0166  0.0344  1   DG  A C4     
20  H  "H5'"  . DG  A 1  ? 0.4781 0.4781 0.4781 0.0000  0.0000  0.0000  1   DG  A "H5'"  
21  H  "H5''" . DG  A 1  ? 0.4781 0.4781 0.4781 0.0000  0.0000  0.0000  1   DG  A "H5''" 
22  H  "H4'"  . DG  A 1  ? 0.4464 0.4464 0.4464 0.0000  0.0000  0.0000  1   DG  A "H4'"  
23  H  "H3'"  . DG  A 1  ? 0.4555 0.4555 0.4555 0.0000  0.0000  0.0000  1   DG  A "H3'"  
24  H  "H2'"  . DG  A 1  ? 0.4300 0.4300 0.4300 0.0000  0.0000  0.0000  1   DG  A "H2'"  
25  H  "H2''" . DG  A 1  ? 0.4300 0.4300 0.4300 0.0000  0.0000  0.0000  1   DG  A "H2''" 
26  H  "H1'"  . DG  A 1  ? 0.3820 0.3820 0.3820 0.0000  0.0000  0.0000  1   DG  A "H1'"  
27  H  H8     . DG  A 1  ? 0.2404 0.2404 0.2404 0.0000  0.0000  0.0000  1   DG  A H8     
28  H  H1     . DG  A 1  ? 0.2806 0.2806 0.2806 0.0000  0.0000  0.0000  1   DG  A H1     
29  H  H21    . DG  A 1  ? 0.4079 0.4079 0.4079 0.0000  0.0000  0.0000  1   DG  A H21    
30  H  H22    . DG  A 1  ? 0.4079 0.4079 0.4079 0.0000  0.0000  0.0000  1   DG  A H22    
31  P  P      . DG  A 2  ? 0.3893 0.4048 0.4269 0.0154  -0.0421 -0.0129 2   DG  A P      
32  O  OP1    . DG  A 2  ? 0.3723 0.3752 0.4456 0.0341  -0.0637 -0.0228 2   DG  A OP1    
33  O  OP2    . DG  A 2  ? 0.3827 0.3556 0.4503 0.0181  -0.0306 -0.0456 2   DG  A OP2    
34  O  "O5'"  . DG  A 2  ? 0.4042 0.3891 0.4420 0.0361  -0.0329 -0.0100 2   DG  A "O5'"  
35  C  "C5'"  . DG  A 2  ? 0.4289 0.4170 0.3849 0.0159  0.0007  0.0079  2   DG  A "C5'"  
36  C  "C4'"  . DG  A 2  ? 0.4001 0.3660 0.3609 0.0485  -0.0009 0.0000  2   DG  A "C4'"  
37  O  "O4'"  . DG  A 2  ? 0.3231 0.2491 0.3812 0.1441  -0.0404 -0.0194 2   DG  A "O4'"  
38  C  "C3'"  . DG  A 2  ? 0.4260 0.4026 0.3343 0.0168  0.0048  0.0077  2   DG  A "C3'"  
39  O  "O3'"  . DG  A 2  ? 0.4538 0.4248 0.3761 0.0176  -0.0073 -0.0256 2   DG  A "O3'"  
40  C  "C2'"  . DG  A 2  ? 0.3975 0.3737 0.3204 0.0145  0.0007  0.0243  2   DG  A "C2'"  
41  C  "C1'"  . DG  A 2  ? 0.3412 0.2958 0.3063 0.0621  -0.0189 0.0174  2   DG  A "C1'"  
42  N  N9     . DG  A 2  ? 0.2406 0.2119 0.2322 0.1088  -0.0053 0.0032  2   DG  A N9     
43  C  C8     . DG  A 2  ? 0.2349 0.2099 0.2880 0.0863  -0.0259 0.0131  2   DG  A C8     
44  N  N7     . DG  A 2  ? 0.2317 0.2039 0.2994 0.0899  -0.0601 0.0429  2   DG  A N7     
45  C  C5     . DG  A 2  ? 0.1942 0.2032 0.2830 0.1132  -0.0471 0.0228  2   DG  A C5     
46  C  C6     . DG  A 2  ? 0.1649 0.1978 0.2045 0.0992  0.0394  -0.0050 2   DG  A C6     
47  O  O6     . DG  A 2  ? 0.1419 0.2362 0.2270 0.0897  0.0812  -0.0231 2   DG  A O6     
48  N  N1     . DG  A 2  ? 0.2022 0.1480 0.2033 0.0902  -0.0438 0.0804  2   DG  A N1     
49  C  C2     . DG  A 2  ? 0.1947 0.1803 0.1701 0.0765  0.0023  0.0026  2   DG  A C2     
50  N  N2     . DG  A 2  ? 0.2043 0.1687 0.1665 0.0274  0.0068  0.0168  2   DG  A N2     
51  N  N3     . DG  A 2  ? 0.1749 0.1253 0.2202 0.1445  -0.0017 -0.0365 2   DG  A N3     
52  C  C4     . DG  A 2  ? 0.2214 0.1757 0.2922 0.1154  -0.0473 0.0103  2   DG  A C4     
53  H  "H5'"  . DG  A 2  ? 0.4923 0.4923 0.4923 0.0000  0.0000  0.0000  2   DG  A "H5'"  
54  H  "H5''" . DG  A 2  ? 0.4923 0.4923 0.4923 0.0000  0.0000  0.0000  2   DG  A "H5''" 
55  H  "H4'"  . DG  A 2  ? 0.4508 0.4508 0.4508 0.0000  0.0000  0.0000  2   DG  A "H4'"  
56  H  "H3'"  . DG  A 2  ? 0.4651 0.4651 0.4651 0.0000  0.0000  0.0000  2   DG  A "H3'"  
57  H  "H2'"  . DG  A 2  ? 0.4366 0.4366 0.4366 0.0000  0.0000  0.0000  2   DG  A "H2'"  
58  H  "H2''" . DG  A 2  ? 0.4366 0.4366 0.4366 0.0000  0.0000  0.0000  2   DG  A "H2''" 
59  H  "H1'"  . DG  A 2  ? 0.3773 0.3773 0.3773 0.0000  0.0000  0.0000  2   DG  A "H1'"  
60  H  H8     . DG  A 2  ? 0.2931 0.2931 0.2931 0.0000  0.0000  0.0000  2   DG  A H8     
61  H  H21    . DG  A 2  ? 0.2158 0.2158 0.2158 0.0000  0.0000  0.0000  2   DG  A H21    
62  H  H22    . DG  A 2  ? 0.2158 0.2158 0.2158 0.0000  0.0000  0.0000  2   DG  A H22    
63  P  P      . DA  A 3  ? 0.4680 0.4854 0.4106 -0.0060 -0.0236 0.0013  3   DA  A P      
64  O  OP1    . DA  A 3  ? 0.4613 0.4910 0.3743 -0.0204 -0.0268 -0.0173 3   DA  A OP1    
65  O  OP2    . DA  A 3  ? 0.4421 0.5303 0.3502 -0.0397 -0.0056 0.0192  3   DA  A OP2    
66  O  "O5'"  . DA  A 3  ? 0.5094 0.4890 0.5096 0.0270  -0.0250 -0.0010 3   DA  A "O5'"  
67  C  "C5'"  . DA  A 3  ? 0.5476 0.5289 0.4719 0.0118  0.0021  0.0137  3   DA  A "C5'"  
68  C  "C4'"  . DA  A 3  ? 0.5273 0.4993 0.3943 0.0245  0.0141  0.0278  3   DA  A "C4'"  
69  O  "O4'"  . DA  A 3  ? 0.5307 0.5060 0.3481 0.0404  0.0159  0.0194  3   DA  A "O4'"  
70  C  "C3'"  . DA  A 3  ? 0.4896 0.4575 0.4087 0.0448  0.0010  0.0136  3   DA  A "C3'"  
71  O  "O3'"  . DA  A 3  ? 0.4243 0.3902 0.2313 0.0656  0.0104  0.0068  3   DA  A "O3'"  
72  C  "C2'"  . DA  A 3  ? 0.5234 0.5037 0.4420 0.0209  0.0136  0.0086  3   DA  A "C2'"  
73  C  "C1'"  . DA  A 3  ? 0.5307 0.5034 0.4255 0.0276  0.0151  0.0124  3   DA  A "C1'"  
74  N  N9     . DA  A 3  ? 0.5206 0.4947 0.4435 0.0306  0.0137  0.0026  3   DA  A N9     
75  C  C8     . DA  A 3  ? 0.5395 0.5260 0.4678 0.0113  0.0140  0.0053  3   DA  A C8     
76  N  N7     . DA  A 3  ? 0.5317 0.5240 0.4748 0.0066  0.0158  0.0027  3   DA  A N7     
77  C  C5     . DA  A 3  ? 0.5466 0.5360 0.4667 0.0054  0.0184  0.0033  3   DA  A C5     
78  C  C6     . DA  A 3  ? 0.5826 0.5639 0.4823 0.0169  0.0261  0.0032  3   DA  A C6     
79  N  N6     . DA  A 3  ? 0.6332 0.6240 0.5539 0.0115  0.0258  0.0043  3   DA  A N6     
80  N  N1     . DA  A 3  ? 0.5786 0.5628 0.4641 0.0091  0.0102  0.0059  3   DA  A N1     
81  C  C2     . DA  A 3  ? 0.5634 0.5529 0.4912 0.0121  0.0132  0.0044  3   DA  A C2     
82  N  N3     . DA  A 3  ? 0.5307 0.5042 0.4459 0.0210  0.0128  -0.0033 3   DA  A N3     
83  C  C4     . DA  A 3  ? 0.5243 0.5023 0.4576 0.0224  0.0113  -0.0023 3   DA  A C4     
84  H  "H5'"  . DA  A 3  ? 0.6193 0.6193 0.6193 0.0000  0.0000  0.0000  3   DA  A "H5'"  
85  H  "H5''" . DA  A 3  ? 0.6193 0.6193 0.6193 0.0000  0.0000  0.0000  3   DA  A "H5''" 
86  H  "H4'"  . DA  A 3  ? 0.5683 0.5683 0.5683 0.0000  0.0000  0.0000  3   DA  A "H4'"  
87  H  "H3'"  . DA  A 3  ? 0.5423 0.5423 0.5423 0.0000  0.0000  0.0000  3   DA  A "H3'"  
88  H  "H2'"  . DA  A 3  ? 0.5876 0.5876 0.5876 0.0000  0.0000  0.0000  3   DA  A "H2'"  
89  H  "H2''" . DA  A 3  ? 0.5876 0.5876 0.5876 0.0000  0.0000  0.0000  3   DA  A "H2''" 
90  H  "H1'"  . DA  A 3  ? 0.5838 0.5838 0.5838 0.0000  0.0000  0.0000  3   DA  A "H1'"  
91  H  H8     . DA  A 3  ? 0.6133 0.6133 0.6133 0.0000  0.0000  0.0000  3   DA  A H8     
92  H  H61    . DA  A 3  ? 0.7244 0.7244 0.7244 0.0000  0.0000  0.0000  3   DA  A H61    
93  H  H62    . DA  A 3  ? 0.7244 0.7244 0.7244 0.0000  0.0000  0.0000  3   DA  A H62    
94  H  H2     . DA  A 3  ? 0.6429 0.6429 0.6429 0.0000  0.0000  0.0000  3   DA  A H2     
95  P  P      . DC  A 4  ? 0.3760 0.2856 0.2786 0.0875  -0.0560 0.0297  4   DC  A P      
96  O  OP1    . DC  A 4  ? 0.3996 0.3399 0.1732 0.0230  -0.0447 0.0873  4   DC  A OP1    
97  O  OP2    . DC  A 4  ? 0.3832 0.2905 0.3086 0.0624  -0.0679 0.0359  4   DC  A OP2    
98  O  "O5'"  . DC  A 4  ? 0.3640 0.2496 0.3204 0.0762  -0.0571 0.0389  4   DC  A "O5'"  
99  C  "C5'"  . DC  A 4  ? 0.3520 0.3242 0.2905 0.0234  -0.0194 0.0157  4   DC  A "C5'"  
100 C  "C4'"  . DC  A 4  ? 0.3199 0.2761 0.2980 0.0374  -0.0188 0.0022  4   DC  A "C4'"  
101 O  "O4'"  . DC  A 4  ? 0.2657 0.2693 0.2554 0.0620  -0.0271 -0.0105 4   DC  A "O4'"  
102 C  "C3'"  . DC  A 4  ? 0.2752 0.2651 0.2288 0.0442  0.0165  -0.0270 4   DC  A "C3'"  
103 O  "O3'"  . DC  A 4  ? 0.2711 0.3087 0.2728 0.0420  0.0123  -0.0380 4   DC  A "O3'"  
104 C  "C2'"  . DC  A 4  ? 0.2365 0.2541 0.1951 0.0334  0.0321  -0.0144 4   DC  A "C2'"  
105 C  "C1'"  . DC  A 4  ? 0.2290 0.1766 0.3015 0.0916  -0.0154 -0.0223 4   DC  A "C1'"  
106 N  N1     . DC  A 4  ? 0.1893 0.1645 0.1514 0.1311  0.0347  -0.0791 4   DC  A N1     
107 C  C2     . DC  A 4  ? 0.2520 0.1903 0.1145 0.0602  -0.0098 -0.0153 4   DC  A C2     
108 O  O2     . DC  A 4  ? 0.2572 0.2358 0.1490 0.0571  -0.0274 -0.0213 4   DC  A O2     
109 N  N3     . DC  A 4  ? 0.1799 0.1985 0.1376 0.0740  0.0273  -0.0404 4   DC  A N3     
110 C  C4     . DC  A 4  ? 0.1644 0.1006 0.3447 0.1250  -0.0605 -0.0045 4   DC  A C4     
111 N  N4     . DC  A 4  ? 0.1413 0.1176 0.2168 0.0737  0.0054  -0.0087 4   DC  A N4     
112 C  C5     . DC  A 4  ? 0.2150 0.1678 0.2414 0.0719  -0.0308 -0.0119 4   DC  A C5     
113 C  C6     . DC  A 4  ? 0.2495 0.2081 0.2228 0.0367  0.0066  -0.0264 4   DC  A C6     
114 H  "H5'"  . DC  A 4  ? 0.3866 0.3866 0.3866 0.0000  0.0000  0.0000  4   DC  A "H5'"  
115 H  "H5''" . DC  A 4  ? 0.3866 0.3866 0.3866 0.0000  0.0000  0.0000  4   DC  A "H5''" 
116 H  "H4'"  . DC  A 4  ? 0.3575 0.3575 0.3575 0.0000  0.0000  0.0000  4   DC  A "H4'"  
117 H  "H3'"  . DC  A 4  ? 0.3075 0.3075 0.3075 0.0000  0.0000  0.0000  4   DC  A "H3'"  
118 H  "H2'"  . DC  A 4  ? 0.2742 0.2742 0.2742 0.0000  0.0000  0.0000  4   DC  A "H2'"  
119 H  "H2''" . DC  A 4  ? 0.2742 0.2742 0.2742 0.0000  0.0000  0.0000  4   DC  A "H2''" 
120 H  "H1'"  . DC  A 4  ? 0.2828 0.2828 0.2828 0.0000  0.0000  0.0000  4   DC  A "H1'"  
121 H  H41    . DC  A 4  ? 0.1902 0.1902 0.1902 0.0000  0.0000  0.0000  4   DC  A H41    
122 H  H42    . DC  A 4  ? 0.1902 0.1902 0.1902 0.0000  0.0000  0.0000  4   DC  A H42    
123 H  H5     . DC  A 4  ? 0.2496 0.2496 0.2496 0.0000  0.0000  0.0000  4   DC  A H5     
124 H  H6     . DC  A 4  ? 0.2721 0.2721 0.2721 0.0000  0.0000  0.0000  4   DC  A H6     
125 P  P      . DT  A 5  ? 0.2283 0.3137 0.2632 0.0332  0.0551  0.0304  5   DT  A P      
126 O  OP1    . DT  A 5  ? 0.2637 0.3259 0.3101 0.0181  0.0441  0.0085  5   DT  A OP1    
127 O  OP2    . DT  A 5  ? 0.2633 0.2956 0.2247 0.0470  0.0239  -0.0062 5   DT  A OP2    
128 O  "O5'"  . DT  A 5  ? 0.2430 0.2396 0.2846 0.0647  0.0179  0.0310  5   DT  A "O5'"  
129 C  "C5'"  . DT  A 5  ? 0.3000 0.2738 0.2688 0.0087  -0.0108 0.0606  5   DT  A "C5'"  
130 C  "C4'"  . DT  A 5  ? 0.2816 0.2535 0.2824 0.0168  -0.0002 0.0597  5   DT  A "C4'"  
131 O  "O4'"  . DT  A 5  ? 0.2388 0.2084 0.2790 0.0554  -0.0081 0.0532  5   DT  A "O4'"  
132 C  "C3'"  . DT  A 5  ? 0.2616 0.2703 0.2380 0.0009  0.0374  0.0712  5   DT  A "C3'"  
133 O  "O3'"  . DT  A 5  ? 0.2224 0.2447 0.3722 0.0171  0.0455  0.0948  5   DT  A "O3'"  
134 C  "C2'"  . DT  A 5  ? 0.2686 0.2686 0.2585 0.0048  0.0178  0.0412  5   DT  A "C2'"  
135 C  "C1'"  . DT  A 5  ? 0.2255 0.2284 0.2531 0.0339  0.0166  0.0334  5   DT  A "C1'"  
136 N  N1     . DT  A 5  ? 0.1738 0.2579 0.0928 0.0183  0.0724  0.0144  5   DT  A N1     
137 C  C2     . DT  A 5  ? 0.1514 0.1925 0.1806 0.0435  0.0387  -0.0060 5   DT  A C2     
138 O  O2     . DT  A 5  ? 0.2140 0.2120 0.1570 -0.0255 0.0453  0.0230  5   DT  A O2     
139 N  N3     . DT  A 5  ? 0.1385 0.1196 0.3001 0.1039  -0.0316 -0.0405 5   DT  A N3     
140 C  C4     . DT  A 5  ? 0.1525 0.2169 0.0910 0.0300  0.0527  -0.0250 5   DT  A C4     
141 O  O4     . DT  A 5  ? 0.1954 0.2199 0.1097 0.0100  -0.0263 0.0121  5   DT  A O4     
142 C  C5     . DT  A 5  ? 0.2056 0.2446 0.0870 0.0076  0.0204  0.0331  5   DT  A C5     
143 C  C7     . DT  A 5  ? 0.2654 0.2743 0.1121 -0.0356 0.0092  0.0373  5   DT  A C7     
144 C  C6     . DT  A 5  ? 0.2126 0.1992 0.2421 0.0298  -0.0082 0.0366  5   DT  A C6     
145 H  "H5'"  . DT  A 5  ? 0.3370 0.3370 0.3370 0.0000  0.0000  0.0000  5   DT  A "H5'"  
146 H  "H5''" . DT  A 5  ? 0.3370 0.3370 0.3370 0.0000  0.0000  0.0000  5   DT  A "H5''" 
147 H  "H4'"  . DT  A 5  ? 0.3270 0.3270 0.3270 0.0000  0.0000  0.0000  5   DT  A "H4'"  
148 H  "H3'"  . DT  A 5  ? 0.3079 0.3079 0.3079 0.0000  0.0000  0.0000  5   DT  A "H3'"  
149 H  "H2'"  . DT  A 5  ? 0.3183 0.3183 0.3183 0.0000  0.0000  0.0000  5   DT  A "H2'"  
150 H  "H2''" . DT  A 5  ? 0.3183 0.3183 0.3183 0.0000  0.0000  0.0000  5   DT  A "H2''" 
151 H  "H1'"  . DT  A 5  ? 0.2827 0.2827 0.2827 0.0000  0.0000  0.0000  5   DT  A "H1'"  
152 H  H71    . DT  A 5  ? 0.2607 0.2607 0.2607 0.0000  0.0000  0.0000  5   DT  A H71    
153 H  H72    . DT  A 5  ? 0.2607 0.2607 0.2607 0.0000  0.0000  0.0000  5   DT  A H72    
154 H  H73    . DT  A 5  ? 0.2607 0.2607 0.2607 0.0000  0.0000  0.0000  5   DT  A H73    
155 H  H6     . DT  A 5  ? 0.2615 0.2615 0.2615 0.0000  0.0000  0.0000  5   DT  A H6     
156 BR BR     . CBR A 6  ? 0.2500 0.2731 0.3414 0.0332  0.0737  0.0238  6   CBR A BR     
157 P  P      . CBR A 6  ? 0.2336 0.2602 0.4342 0.0234  0.0317  0.0734  6   CBR A P      
158 O  OP1    . CBR A 6  ? 0.2605 0.2927 0.3310 -0.0158 0.0368  0.0909  6   CBR A OP1    
159 O  OP2    . CBR A 6  ? 0.2545 0.3122 0.3865 -0.0142 0.0164  0.0981  6   CBR A OP2    
160 O  "O5'"  . CBR A 6  ? 0.2622 0.2445 0.3834 0.0545  0.0011  0.0788  6   CBR A "O5'"  
161 N  N1     . CBR A 6  ? 0.2063 0.2162 0.2676 0.0517  0.0136  0.0262  6   CBR A N1     
162 C  C6     . CBR A 6  ? 0.2057 0.1977 0.2866 0.0602  0.0180  0.0146  6   CBR A C6     
163 C  C2     . CBR A 6  ? 0.1793 0.1762 0.2169 0.0337  0.0088  0.0269  6   CBR A C2     
164 O  O2     . CBR A 6  ? 0.1645 0.2133 0.1469 -0.0045 0.0030  0.0476  6   CBR A O2     
165 N  N3     . CBR A 6  ? 0.1261 0.0967 0.1395 0.0703  0.0522  0.0267  6   CBR A N3     
166 C  C4     . CBR A 6  ? 0.1371 0.1167 0.0951 0.0605  0.0338  0.0263  6   CBR A C4     
167 N  N4     . CBR A 6  ? 0.0731 0.0503 0.0773 0.0546  0.0299  0.0263  6   CBR A N4     
168 C  C5     . CBR A 6  ? 0.1960 0.2033 0.1821 0.0444  0.0657  0.0237  6   CBR A C5     
169 C  "C2'"  . CBR A 6  ? 0.3339 0.3245 0.3192 0.0204  0.0059  0.0181  6   CBR A "C2'"  
170 C  "C5'"  . CBR A 6  ? 0.3289 0.3280 0.3275 0.0203  0.0132  0.0345  6   CBR A "C5'"  
171 C  "C4'"  . CBR A 6  ? 0.2899 0.2891 0.2864 0.0421  0.0213  0.0373  6   CBR A "C4'"  
172 O  "O4'"  . CBR A 6  ? 0.2423 0.2022 0.3037 0.0961  -0.0062 0.0764  6   CBR A "O4'"  
173 C  "C1'"  . CBR A 6  ? 0.2700 0.2809 0.3039 0.0470  0.0045  0.0249  6   CBR A "C1'"  
174 C  "C3'"  . CBR A 6  ? 0.3144 0.3311 0.2452 0.0066  0.0438  0.0369  6   CBR A "C3'"  
175 O  "O3'"  . CBR A 6  ? 0.2825 0.3061 0.3480 0.0460  0.0086  0.0330  6   CBR A "O3'"  
176 H  H6     . CBR A 6  ? 0.2759 0.2759 0.2759 0.0000  0.0000  0.0000  6   CBR A H6     
177 H  H41    . CBR A 6  ? 0.0803 0.0803 0.0803 0.0000  0.0000  0.0000  6   CBR A H41    
178 H  H42    . CBR A 6  ? 0.0803 0.0803 0.0803 0.0000  0.0000  0.0000  6   CBR A H42    
179 H  "H2'"  . CBR A 6  ? 0.3910 0.3910 0.3910 0.0000  0.0000  0.0000  6   CBR A "H2'"  
180 H  "H2''" . CBR A 6  ? 0.3910 0.3910 0.3910 0.0000  0.0000  0.0000  6   CBR A "H2''" 
181 H  "H5'"  . CBR A 6  ? 0.3937 0.3937 0.3937 0.0000  0.0000  0.0000  6   CBR A "H5'"  
182 H  "H5''" . CBR A 6  ? 0.3937 0.3937 0.3937 0.0000  0.0000  0.0000  6   CBR A "H5''" 
183 H  "H4'"  . CBR A 6  ? 0.3461 0.3461 0.3461 0.0000  0.0000  0.0000  6   CBR A "H4'"  
184 H  "H1'"  . CBR A 6  ? 0.3419 0.3419 0.3419 0.0000  0.0000  0.0000  6   CBR A "H1'"  
185 H  "H3'"  . CBR A 6  ? 0.3562 0.3562 0.3562 0.0000  0.0000  0.0000  6   CBR A "H3'"  
186 P  P      . DG  A 7  ? 0.3585 0.3659 0.3938 0.0144  -0.0424 0.0046  7   DG  A P      
187 O  OP1    . DG  A 7  ? 0.3728 0.3899 0.4600 -0.0111 -0.0545 -0.0088 7   DG  A OP1    
188 O  OP2    . DG  A 7  ? 0.2934 0.3665 0.4532 0.0466  -0.0599 -0.0103 7   DG  A OP2    
189 O  "O5'"  . DG  A 7  ? 0.3705 0.3322 0.4697 0.0640  -0.0343 0.0145  7   DG  A "O5'"  
190 C  "C5'"  . DG  A 7  ? 0.4290 0.4043 0.4842 0.0351  -0.0164 0.0077  7   DG  A "C5'"  
191 C  "C4'"  . DG  A 7  ? 0.3784 0.3446 0.4125 0.0514  -0.0120 0.0127  7   DG  A "C4'"  
192 O  "O4'"  . DG  A 7  ? 0.3313 0.2197 0.4746 0.1008  -0.0495 0.0128  7   DG  A "O4'"  
193 C  "C3'"  . DG  A 7  ? 0.3607 0.3557 0.3633 0.0292  0.0007  0.0137  7   DG  A "C3'"  
194 O  "O3'"  . DG  A 7  ? 0.3276 0.3845 0.4058 0.0279  -0.0019 -0.0075 7   DG  A "O3'"  
195 C  "C2'"  . DG  A 7  ? 0.3380 0.3196 0.3111 0.0224  0.0098  0.0069  7   DG  A "C2'"  
196 C  "C1'"  . DG  A 7  ? 0.2847 0.2838 0.1617 0.0188  0.0427  0.0395  7   DG  A "C1'"  
197 N  N9     . DG  A 7  ? 0.1886 0.1941 0.1734 0.0569  0.0651  0.0269  7   DG  A N9     
198 C  C8     . DG  A 7  ? 0.2427 0.1924 0.1539 0.0295  0.0104  0.0005  7   DG  A C8     
199 N  N7     . DG  A 7  ? 0.1835 0.1675 0.1209 0.0305  0.0907  0.0318  7   DG  A N7     
200 C  C5     . DG  A 7  ? 0.2202 0.1501 0.2709 0.0395  0.0279  0.0244  7   DG  A C5     
201 C  C6     . DG  A 7  ? 0.2010 0.1247 0.2871 0.0665  0.0052  0.0595  7   DG  A C6     
202 O  O6     . DG  A 7  ? 0.1559 0.1120 0.2008 0.1015  0.0294  0.0448  7   DG  A O6     
203 N  N1     . DG  A 7  ? 0.2088 0.1898 0.2929 0.0458  0.0318  0.0281  7   DG  A N1     
204 C  C2     . DG  A 7  ? 0.2154 0.2159 0.2220 0.0319  0.0541  0.0420  7   DG  A C2     
205 N  N2     . DG  A 7  ? 0.2930 0.2774 0.2678 0.0089  -0.0063 0.0395  7   DG  A N2     
206 N  N3     . DG  A 7  ? 0.1934 0.1929 0.2376 0.0478  0.0457  0.0174  7   DG  A N3     
207 C  C4     . DG  A 7  ? 0.1853 0.1549 0.2233 0.0751  0.0330  0.0029  7   DG  A C4     
208 H  "H5'"  . DG  A 7  ? 0.5270 0.5270 0.5270 0.0000  0.0000  0.0000  7   DG  A "H5'"  
209 H  "H5''" . DG  A 7  ? 0.5270 0.5270 0.5270 0.0000  0.0000  0.0000  7   DG  A "H5''" 
210 H  "H4'"  . DG  A 7  ? 0.4542 0.4542 0.4542 0.0000  0.0000  0.0000  7   DG  A "H4'"  
211 H  "H3'"  . DG  A 7  ? 0.4318 0.4318 0.4318 0.0000  0.0000  0.0000  7   DG  A "H3'"  
212 H  "H2'"  . DG  A 7  ? 0.3875 0.3875 0.3875 0.0000  0.0000  0.0000  7   DG  A "H2'"  
213 H  "H2''" . DG  A 7  ? 0.3875 0.3875 0.3875 0.0000  0.0000  0.0000  7   DG  A "H2''" 
214 H  "H1'"  . DG  A 7  ? 0.2920 0.2920 0.2920 0.0000  0.0000  0.0000  7   DG  A "H1'"  
215 H  H8     . DG  A 7  ? 0.2356 0.2356 0.2356 0.0000  0.0000  0.0000  7   DG  A H8     
216 H  H1     . DG  A 7  ? 0.2766 0.2766 0.2766 0.0000  0.0000  0.0000  7   DG  A H1     
217 H  H21    . DG  A 7  ? 0.3353 0.3353 0.3353 0.0000  0.0000  0.0000  7   DG  A H21    
218 H  H22    . DG  A 7  ? 0.3353 0.3353 0.3353 0.0000  0.0000  0.0000  7   DG  A H22    
219 P  P      . DA  A 8  ? 0.3483 0.4245 0.3720 -0.0407 0.0083  0.0074  8   DA  A P      
220 O  OP1    . DA  A 8  ? 0.3275 0.3983 0.3327 -0.0347 0.0229  -0.0246 8   DA  A OP1    
221 O  OP2    . DA  A 8  ? 0.3356 0.4447 0.3969 -0.0537 0.0066  0.0029  8   DA  A OP2    
222 O  "O5'"  . DA  A 8  ? 0.3260 0.3720 0.3670 0.0274  -0.0508 0.0294  8   DA  A "O5'"  
223 C  "C5'"  . DA  A 8  ? 0.3512 0.3673 0.2592 -0.0066 0.0046  0.0268  8   DA  A "C5'"  
224 C  "C4'"  . DA  A 8  ? 0.3211 0.3287 0.2769 0.0158  -0.0012 0.0193  8   DA  A "C4'"  
225 O  "O4'"  . DA  A 8  ? 0.2867 0.3034 0.1988 0.0480  0.0003  0.0002  8   DA  A "O4'"  
226 C  "C3'"  . DA  A 8  ? 0.2914 0.2929 0.2711 0.0227  -0.0037 0.0301  8   DA  A "C3'"  
227 O  "O3'"  . DA  A 8  ? 0.2741 0.3234 0.3103 0.0060  -0.0433 0.0317  8   DA  A "O3'"  
228 C  "C2'"  . DA  A 8  ? 0.2963 0.2981 0.2645 0.0106  0.0127  0.0176  8   DA  A "C2'"  
229 C  "C1'"  . DA  A 8  ? 0.2800 0.2852 0.2667 0.0269  -0.0049 0.0123  8   DA  A "C1'"  
230 N  N9     . DA  A 8  ? 0.2450 0.2605 0.2831 0.0191  -0.0203 0.0172  8   DA  A N9     
231 C  C8     . DA  A 8  ? 0.2138 0.2456 0.2488 0.0239  0.0026  0.0203  8   DA  A C8     
232 N  N7     . DA  A 8  ? 0.1605 0.2482 0.1568 0.0184  0.0370  0.0544  8   DA  A N7     
233 C  C5     . DA  A 8  ? 0.1742 0.2672 0.1510 -0.0087 0.0403  0.0675  8   DA  A C5     
234 C  C6     . DA  A 8  ? 0.1826 0.2411 0.2001 -0.0064 0.0315  0.0670  8   DA  A C6     
235 N  N6     . DA  A 8  ? 0.2084 0.2579 0.1367 -0.0157 0.0324  0.0357  8   DA  A N6     
236 N  N1     . DA  A 8  ? 0.1751 0.2459 0.2516 0.0022  0.0322  0.0559  8   DA  A N1     
237 C  C2     . DA  A 8  ? 0.2158 0.2551 0.2879 0.0041  0.0037  0.0469  8   DA  A C2     
238 N  N3     . DA  A 8  ? 0.1922 0.2674 0.2897 0.0118  -0.0138 0.0444  8   DA  A N3     
239 C  C4     . DA  A 8  ? 0.1943 0.2497 0.2431 0.0129  0.0028  0.0459  8   DA  A C4     
240 H  "H5'"  . DA  A 8  ? 0.3911 0.3911 0.3911 0.0000  0.0000  0.0000  8   DA  A "H5'"  
241 H  "H5''" . DA  A 8  ? 0.3911 0.3911 0.3911 0.0000  0.0000  0.0000  8   DA  A "H5''" 
242 H  "H4'"  . DA  A 8  ? 0.3706 0.3706 0.3706 0.0000  0.0000  0.0000  8   DA  A "H4'"  
243 H  "H3'"  . DA  A 8  ? 0.3422 0.3422 0.3422 0.0000  0.0000  0.0000  8   DA  A "H3'"  
244 H  "H2'"  . DA  A 8  ? 0.3435 0.3435 0.3435 0.0000  0.0000  0.0000  8   DA  A "H2'"  
245 H  "H2''" . DA  A 8  ? 0.3435 0.3435 0.3435 0.0000  0.0000  0.0000  8   DA  A "H2''" 
246 H  "H1'"  . DA  A 8  ? 0.3328 0.3328 0.3328 0.0000  0.0000  0.0000  8   DA  A "H1'"  
247 H  H8     . DA  A 8  ? 0.2833 0.2833 0.2833 0.0000  0.0000  0.0000  8   DA  A H8     
248 H  H61    . DA  A 8  ? 0.2412 0.2412 0.2412 0.0000  0.0000  0.0000  8   DA  A H61    
249 H  H62    . DA  A 8  ? 0.2412 0.2412 0.2412 0.0000  0.0000  0.0000  8   DA  A H62    
250 H  H2     . DA  A 8  ? 0.3035 0.3035 0.3035 0.0000  0.0000  0.0000  8   DA  A H2     
251 P  P      . DC  A 9  ? 0.2444 0.2820 0.2969 0.0186  -0.0551 0.0084  9   DC  A P      
252 O  OP1    . DC  A 9  ? 0.2362 0.3335 0.3745 -0.0094 -0.0396 -0.0344 9   DC  A OP1    
253 O  OP2    . DC  A 9  ? 0.2543 0.2947 0.3204 0.0028  -0.0627 -0.0200 9   DC  A OP2    
254 O  "O5'"  . DC  A 9  ? 0.2877 0.3072 0.3163 0.0152  -0.0697 0.0048  9   DC  A "O5'"  
255 C  "C5'"  . DC  A 9  ? 0.3021 0.3317 0.2272 -0.0058 -0.0005 0.0091  9   DC  A "C5'"  
256 C  "C4'"  . DC  A 9  ? 0.2825 0.2852 0.2824 0.0098  -0.0167 0.0223  9   DC  A "C4'"  
257 O  "O4'"  . DC  A 9  ? 0.2508 0.1912 0.2778 0.0461  -0.0454 0.0429  9   DC  A "O4'"  
258 C  "C3'"  . DC  A 9  ? 0.2201 0.2025 0.1912 0.0327  0.0148  0.0366  9   DC  A "C3'"  
259 O  "O3'"  . DC  A 9  ? 0.2454 0.2660 0.2305 -0.0011 -0.0019 0.0354  9   DC  A "O3'"  
260 C  "C2'"  . DC  A 9  ? 0.2476 0.2383 0.2090 0.0014  0.0044  0.0393  9   DC  A "C2'"  
261 C  "C1'"  . DC  A 9  ? 0.2250 0.2158 0.2478 0.0204  -0.0180 0.0548  9   DC  A "C1'"  
262 N  N1     . DC  A 9  ? 0.1603 0.1728 0.1904 0.0146  0.0110  0.0771  9   DC  A N1     
263 C  C2     . DC  A 9  ? 0.1028 0.1042 0.2500 0.0579  0.0110  0.0705  9   DC  A C2     
264 O  O2     . DC  A 9  ? 0.1522 0.1845 0.0442 -0.0015 0.0062  0.0898  9   DC  A O2     
265 N  N3     . DC  A 9  ? 0.1381 0.1514 0.1834 0.0484  -0.0277 0.0413  9   DC  A N3     
266 C  C4     . DC  A 9  ? 0.0965 0.1955 0.2030 0.0448  0.0369  -0.0064 9   DC  A C4     
267 N  N4     . DC  A 9  ? 0.1080 0.1536 0.2464 0.0666  0.0365  -0.0342 9   DC  A N4     
268 C  C5     . DC  A 9  ? 0.1633 0.2066 0.0934 -0.0163 -0.0027 0.0810  9   DC  A C5     
269 C  C6     . DC  A 9  ? 0.1240 0.1685 0.1059 0.0244  0.0118  0.0575  9   DC  A C6     
270 H  "H5'"  . DC  A 9  ? 0.3444 0.3444 0.3444 0.0000  0.0000  0.0000  9   DC  A "H5'"  
271 H  "H5''" . DC  A 9  ? 0.3444 0.3444 0.3444 0.0000  0.0000  0.0000  9   DC  A "H5''" 
272 H  "H4'"  . DC  A 9  ? 0.3400 0.3400 0.3400 0.0000  0.0000  0.0000  9   DC  A "H4'"  
273 H  "H3'"  . DC  A 9  ? 0.2455 0.2455 0.2455 0.0000  0.0000  0.0000  9   DC  A "H3'"  
274 H  "H2'"  . DC  A 9  ? 0.2779 0.2779 0.2779 0.0000  0.0000  0.0000  9   DC  A "H2'"  
275 H  "H2''" . DC  A 9  ? 0.2779 0.2779 0.2779 0.0000  0.0000  0.0000  9   DC  A "H2''" 
276 H  "H1'"  . DC  A 9  ? 0.2754 0.2754 0.2754 0.0000  0.0000  0.0000  9   DC  A "H1'"  
277 H  H41    . DC  A 9  ? 0.2032 0.2032 0.2032 0.0000  0.0000  0.0000  9   DC  A H41    
278 H  H42    . DC  A 9  ? 0.2032 0.2032 0.2032 0.0000  0.0000  0.0000  9   DC  A H42    
279 H  H5     . DC  A 9  ? 0.1853 0.1853 0.1853 0.0000  0.0000  0.0000  9   DC  A H5     
280 H  H6     . DC  A 9  ? 0.1593 0.1593 0.1593 0.0000  0.0000  0.0000  9   DC  A H6     
281 P  P      . DT  A 10 ? 0.2751 0.3005 0.2474 -0.0346 -0.0177 0.0337  10  DT  A P      
282 O  OP1    . DT  A 10 ? 0.2655 0.2878 0.2843 -0.0229 -0.0388 0.0352  10  DT  A OP1    
283 O  OP2    . DT  A 10 ? 0.2935 0.2164 0.2576 -0.0147 -0.0293 0.0343  10  DT  A OP2    
284 O  "O5'"  . DT  A 10 ? 0.2283 0.2598 0.1879 -0.0020 0.0452  0.0182  10  DT  A "O5'"  
285 C  "C5'"  . DT  A 10 ? 0.2639 0.2848 0.1346 -0.0200 0.0360  0.0220  10  DT  A "C5'"  
286 C  "C4'"  . DT  A 10 ? 0.2789 0.2893 0.2240 -0.0064 0.0202  0.0281  10  DT  A "C4'"  
287 O  "O4'"  . DT  A 10 ? 0.2739 0.2626 0.2212 0.0016  -0.0067 0.0422  10  DT  A "O4'"  
288 C  "C3'"  . DT  A 10 ? 0.2884 0.2650 0.2850 0.0202  0.0202  -0.0035 10  DT  A "C3'"  
289 O  "O3'"  . DT  A 10 ? 0.3489 0.2975 0.3244 -0.0160 0.0097  -0.0308 10  DT  A "O3'"  
290 C  "C2'"  . DT  A 10 ? 0.2935 0.2522 0.2747 0.0120  -0.0065 0.0216  10  DT  A "C2'"  
291 C  "C1'"  . DT  A 10 ? 0.2574 0.2290 0.1946 0.0033  0.0065  0.0502  10  DT  A "C1'"  
292 N  N1     . DT  A 10 ? 0.2260 0.1194 0.2628 0.0419  -0.0378 0.0582  10  DT  A N1     
293 C  C2     . DT  A 10 ? 0.1832 0.1135 0.2257 0.0433  0.0159  0.0031  10  DT  A C2     
294 O  O2     . DT  A 10 ? 0.1479 0.1941 0.1901 0.0296  0.0403  -0.0382 10  DT  A O2     
295 N  N3     . DT  A 10 ? 0.1700 0.0638 0.2265 0.0595  0.0106  0.0510  10  DT  A N3     
296 C  C4     . DT  A 10 ? 0.1563 0.1341 0.3044 0.0769  -0.0159 -0.0167 10  DT  A C4     
297 O  O4     . DT  A 10 ? 0.1324 0.1560 0.2460 0.0748  -0.0025 0.0068  10  DT  A O4     
298 C  C5     . DT  A 10 ? 0.2017 0.1333 0.3561 0.0873  -0.0588 -0.0160 10  DT  A C5     
299 C  C7     . DT  A 10 ? 0.2397 0.2036 0.2570 0.0344  -0.0582 0.0413  10  DT  A C7     
300 C  C6     . DT  A 10 ? 0.1940 0.1701 0.2250 0.0380  0.0065  0.0168  10  DT  A C6     
301 H  "H5'"  . DT  A 10 ? 0.2733 0.2733 0.2733 0.0000  0.0000  0.0000  10  DT  A "H5'"  
302 H  "H5''" . DT  A 10 ? 0.2733 0.2733 0.2733 0.0000  0.0000  0.0000  10  DT  A "H5''" 
303 H  "H4'"  . DT  A 10 ? 0.3169 0.3169 0.3169 0.0000  0.0000  0.0000  10  DT  A "H4'"  
304 H  "H3'"  . DT  A 10 ? 0.3353 0.3353 0.3353 0.0000  0.0000  0.0000  10  DT  A "H3'"  
305 H  "H2'"  . DT  A 10 ? 0.3281 0.3281 0.3281 0.0000  0.0000  0.0000  10  DT  A "H2'"  
306 H  "H2''" . DT  A 10 ? 0.3281 0.3281 0.3281 0.0000  0.0000  0.0000  10  DT  A "H2''" 
307 H  "H1'"  . DT  A 10 ? 0.2724 0.2724 0.2724 0.0000  0.0000  0.0000  10  DT  A "H1'"  
308 H  H71    . DT  A 10 ? 0.2801 0.2801 0.2801 0.0000  0.0000  0.0000  10  DT  A H71    
309 H  H72    . DT  A 10 ? 0.2801 0.2801 0.2801 0.0000  0.0000  0.0000  10  DT  A H72    
310 H  H73    . DT  A 10 ? 0.2801 0.2801 0.2801 0.0000  0.0000  0.0000  10  DT  A H73    
311 H  H6     . DT  A 10 ? 0.2356 0.2356 0.2356 0.0000  0.0000  0.0000  10  DT  A H6     
312 P  P      . DC  A 11 ? 0.3712 0.2912 0.3764 -0.0207 -0.0083 -0.0278 11  DC  A P      
313 O  OP1    . DC  A 11 ? 0.3672 0.3342 0.4141 -0.0355 -0.0096 -0.0469 11  DC  A OP1    
314 O  OP2    . DC  A 11 ? 0.3816 0.3261 0.4588 -0.0469 -0.0418 -0.0148 11  DC  A OP2    
315 O  "O5'"  . DC  A 11 ? 0.3975 0.3662 0.2363 -0.0364 0.0203  0.0049  11  DC  A "O5'"  
316 C  "C5'"  . DC  A 11 ? 0.3868 0.4091 0.2456 -0.0273 0.0398  0.0109  11  DC  A "C5'"  
317 C  "C4'"  . DC  A 11 ? 0.3750 0.3728 0.3135 -0.0055 0.0259  0.0235  11  DC  A "C4'"  
318 O  "O4'"  . DC  A 11 ? 0.3652 0.3472 0.2877 -0.0210 0.0422  0.0484  11  DC  A "O4'"  
319 C  "C3'"  . DC  A 11 ? 0.3642 0.3481 0.2962 0.0051  0.0177  0.0212  11  DC  A "C3'"  
320 O  "O3'"  . DC  A 11 ? 0.3623 0.3329 0.2544 0.0008  0.0109  0.0242  11  DC  A "O3'"  
321 C  "C2'"  . DC  A 11 ? 0.3488 0.3534 0.2695 -0.0015 0.0201  0.0193  11  DC  A "C2'"  
322 C  "C1'"  . DC  A 11 ? 0.3238 0.3058 0.2519 -0.0017 0.0335  0.0444  11  DC  A "C1'"  
323 N  N1     . DC  A 11 ? 0.2658 0.2195 0.2512 0.0205  0.0254  0.0433  11  DC  A N1     
324 C  C2     . DC  A 11 ? 0.2647 0.2033 0.2022 0.0097  0.0152  0.0326  11  DC  A C2     
325 O  O2     . DC  A 11 ? 0.2934 0.1480 0.2834 -0.0279 0.0003  0.0747  11  DC  A O2     
326 N  N3     . DC  A 11 ? 0.1881 0.1866 0.1625 0.0658  0.0315  0.0345  11  DC  A N3     
327 C  C4     . DC  A 11 ? 0.2401 0.2582 0.1525 0.0224  0.0530  0.0088  11  DC  A C4     
328 N  N4     . DC  A 11 ? 0.3238 0.2731 0.2984 0.0160  -0.0340 0.0370  11  DC  A N4     
329 C  C5     . DC  A 11 ? 0.1982 0.2096 0.1633 0.0451  0.0780  -0.0413 11  DC  A C5     
330 C  C6     . DC  A 11 ? 0.2477 0.2667 0.1948 0.0007  0.0434  0.0178  11  DC  A C6     
331 H  "H5'"  . DC  A 11 ? 0.4166 0.4166 0.4166 0.0000  0.0000  0.0000  11  DC  A "H5'"  
332 H  "H5''" . DC  A 11 ? 0.4166 0.4166 0.4166 0.0000  0.0000  0.0000  11  DC  A "H5''" 
333 H  "H4'"  . DC  A 11 ? 0.4245 0.4245 0.4245 0.0000  0.0000  0.0000  11  DC  A "H4'"  
334 H  "H3'"  . DC  A 11 ? 0.4033 0.4033 0.4033 0.0000  0.0000  0.0000  11  DC  A "H3'"  
335 H  "H2'"  . DC  A 11 ? 0.3887 0.3887 0.3887 0.0000  0.0000  0.0000  11  DC  A "H2'"  
336 H  "H2''" . DC  A 11 ? 0.3887 0.3887 0.3887 0.0000  0.0000  0.0000  11  DC  A "H2''" 
337 H  "H1'"  . DC  A 11 ? 0.3525 0.3525 0.3525 0.0000  0.0000  0.0000  11  DC  A "H1'"  
338 H  H41    . DC  A 11 ? 0.3581 0.3581 0.3581 0.0000  0.0000  0.0000  11  DC  A H41    
339 H  H42    . DC  A 11 ? 0.3581 0.3581 0.3581 0.0000  0.0000  0.0000  11  DC  A H42    
340 H  H5     . DC  A 11 ? 0.2283 0.2283 0.2283 0.0000  0.0000  0.0000  11  DC  A H5     
341 H  H6     . DC  A 11 ? 0.2837 0.2837 0.2837 0.0000  0.0000  0.0000  11  DC  A H6     
342 P  P      . DC  A 12 ? 0.3844 0.3135 0.3208 -0.0221 -0.0041 0.0090  12  DC  A P      
343 O  OP1    . DC  A 12 ? 0.3620 0.3217 0.3844 -0.0356 -0.0155 0.0287  12  DC  A OP1    
344 O  OP2    . DC  A 12 ? 0.3650 0.2915 0.2137 -0.0421 0.0317  0.0428  12  DC  A OP2    
345 O  "O5'"  . DC  A 12 ? 0.3553 0.3478 0.3327 0.0032  0.0200  0.0242  12  DC  A "O5'"  
346 C  "C5'"  . DC  A 12 ? 0.3872 0.3954 0.3117 -0.0023 0.0238  0.0099  12  DC  A "C5'"  
347 C  "C4'"  . DC  A 12 ? 0.3797 0.3738 0.3361 0.0198  0.0148  0.0110  12  DC  A "C4'"  
348 O  "O4'"  . DC  A 12 ? 0.3541 0.3317 0.3469 0.0458  0.0024  -0.0037 12  DC  A "O4'"  
349 C  "C3'"  . DC  A 12 ? 0.3702 0.3701 0.3026 0.0215  0.0301  0.0103  12  DC  A "C3'"  
350 O  "O3'"  . DC  A 12 ? 0.4033 0.3697 0.3517 0.0380  -0.0020 0.0078  12  DC  A "O3'"  
351 C  "C2'"  . DC  A 12 ? 0.3561 0.3474 0.2626 0.0074  0.0189  0.0202  12  DC  A "C2'"  
352 C  "C1'"  . DC  A 12 ? 0.3487 0.3309 0.2868 0.0160  -0.0020 0.0296  12  DC  A "C1'"  
353 N  N1     . DC  A 12 ? 0.2923 0.2770 0.1946 0.0186  -0.0018 0.0438  12  DC  A N1     
354 C  C2     . DC  A 12 ? 0.2556 0.2687 0.1170 0.0097  0.0305  0.0209  12  DC  A C2     
355 O  O2     . DC  A 12 ? 0.2102 0.2572 0.1828 0.0389  0.0276  0.0044  12  DC  A O2     
356 N  N3     . DC  A 12 ? 0.2259 0.2053 0.1924 0.0236  0.0527  -0.0079 12  DC  A N3     
357 C  C4     . DC  A 12 ? 0.2533 0.2037 0.2398 0.0254  -0.0231 0.0282  12  DC  A C4     
358 N  N4     . DC  A 12 ? 0.2360 0.2300 0.0758 -0.0365 0.0285  0.0798  12  DC  A N4     
359 C  C5     . DC  A 12 ? 0.2917 0.2407 0.2551 0.0002  -0.0119 0.0499  12  DC  A C5     
360 C  C6     . DC  A 12 ? 0.2881 0.2552 0.2059 0.0063  -0.0054 0.0492  12  DC  A C6     
361 H  "H5'"  . DC  A 12 ? 0.4377 0.4377 0.4377 0.0000  0.0000  0.0000  12  DC  A "H5'"  
362 H  "H5''" . DC  A 12 ? 0.4377 0.4377 0.4377 0.0000  0.0000  0.0000  12  DC  A "H5''" 
363 H  "H4'"  . DC  A 12 ? 0.4358 0.4358 0.4358 0.0000  0.0000  0.0000  12  DC  A "H4'"  
364 H  "H3'"  . DC  A 12 ? 0.4171 0.4171 0.4171 0.0000  0.0000  0.0000  12  DC  A "H3'"  
365 H  "HO3'" . DC  A 12 ? 0.4498 0.4498 0.4498 0.0000  0.0000  0.0000  12  DC  A "HO3'" 
366 H  "H2'"  . DC  A 12 ? 0.3864 0.3864 0.3864 0.0000  0.0000  0.0000  12  DC  A "H2'"  
367 H  "H2''" . DC  A 12 ? 0.3864 0.3864 0.3864 0.0000  0.0000  0.0000  12  DC  A "H2''" 
368 H  "H1'"  . DC  A 12 ? 0.3865 0.3865 0.3865 0.0000  0.0000  0.0000  12  DC  A "H1'"  
369 H  H41    . DC  A 12 ? 0.2166 0.2166 0.2166 0.0000  0.0000  0.0000  12  DC  A H41    
370 H  H42    . DC  A 12 ? 0.2166 0.2166 0.2166 0.0000  0.0000  0.0000  12  DC  A H42    
371 H  H5     . DC  A 12 ? 0.3150 0.3150 0.3150 0.0000  0.0000  0.0000  12  DC  A H5     
372 H  H6     . DC  A 12 ? 0.2996 0.2996 0.2996 0.0000  0.0000  0.0000  12  DC  A H6     
373 AG AG     . AG  B .  ? 0.1375 0.1925 0.1992 0.0442  0.0087  0.0047  101 AG  A AG     
374 AG AG     . AG  C .  ? 0.1119 0.1757 0.1468 0.0366  0.0168  0.0152  102 AG  A AG     
375 AG AG     . AG  D .  ? 0.1266 0.1734 0.1302 0.0441  0.0088  -0.0066 103 AG  A AG     
376 AG AG     . AG  E .  ? 0.1483 0.2178 0.1920 0.0735  -0.0088 -0.0117 104 AG  A AG     
377 AG AG     . AG  F .  ? 0.1617 0.2270 0.2350 0.0562  -0.0041 -0.0009 105 AG  A AG     
378 AG AG     . AG  G .  ? 0.1791 0.2252 0.2831 0.0672  -0.0679 0.0566  106 AG  A AG     
379 K  K      . K   H .  ? 0.1456 0.2083 0.1310 -0.0082 -0.0112 0.0285  107 K   A K      
380 K  K      . K   I .  ? 0.2573 0.5293 0.4520 0.0573  -0.0345 -0.0943 108 K   A K      
381 O  O      . HOH J .  ? 0.3341 0.3312 0.1386 0.0401  -0.0326 0.0938  201 HOH A O      
382 O  O      . HOH J .  ? 0.5157 0.4432 0.3772 0.0173  0.0171  0.0245  202 HOH A O      
383 O  O      . HOH J .  ? 0.4532 0.3757 0.3779 -0.0060 0.0354  0.0010  203 HOH A O      
384 O  O      . HOH J .  ? 0.2976 0.1786 0.2075 0.1394  0.0048  -0.0787 204 HOH A O      
385 O  O      . HOH J .  ? 0.5146 0.4395 0.3176 -0.0008 -0.0770 -0.0139 205 HOH A O      
386 O  O      . HOH J .  ? 0.5203 0.5097 0.5134 0.0296  0.0467  -0.0264 206 HOH A O      
387 O  O      . HOH J .  ? 0.4269 0.4762 0.3343 -0.0617 0.0696  0.0372  207 HOH A O      
388 O  O      . HOH J .  ? 0.4706 0.2785 0.3004 0.0935  -0.0580 -0.0267 208 HOH A O      
389 O  O      . HOH J .  ? 0.5212 0.3767 0.2621 0.0800  -0.1059 -0.0677 209 HOH A O      
390 O  O      . HOH J .  ? 0.5375 0.5977 0.4535 -0.0425 0.0250  0.0210  210 HOH A O      
391 O  O      . HOH J .  ? 0.2054 0.1834 0.1889 -0.0199 0.0909  0.0574  211 HOH A O      
392 O  O      . HOH J .  ? 0.4641 0.5202 0.4586 0.0031  0.0017  -0.0169 212 HOH A O      
393 O  O      . HOH J .  ? 0.2183 0.2192 0.4483 0.0799  0.0384  0.0714  213 HOH A O      
394 O  O      . HOH J .  ? 0.5298 0.4047 0.4843 -0.0105 0.0072  0.0080  214 HOH A O      
395 O  O      . HOH J .  ? 0.3896 0.4236 0.3289 -0.0320 0.0289  -0.0069 215 HOH A O      
396 O  O      . HOH J .  ? 0.4226 0.2271 0.3423 0.1378  -0.1110 0.0262  216 HOH A O      
397 O  O      . HOH J .  ? 0.2641 0.2003 0.2711 0.0150  0.0994  0.0371  217 HOH A O      
398 O  O      . HOH J .  ? 0.3755 0.4023 0.4620 0.1047  -0.0382 -0.0312 218 HOH A O      
399 O  O      . HOH J .  ? 0.4149 0.4045 0.4195 0.0426  -0.0070 0.0185  219 HOH A O      
400 O  O      . HOH J .  ? 0.3614 0.4002 0.1917 -0.0578 -0.0522 0.0160  220 HOH A O      
401 O  O      . HOH J .  ? 0.2915 0.3545 0.2699 0.0397  -0.0945 -0.0183 221 HOH A O      
402 O  O      . HOH J .  ? 0.3526 0.3230 0.3782 -0.0041 0.0568  0.0592  222 HOH A O      
403 O  O      . HOH J .  ? 0.4264 0.3852 0.4623 0.0162  0.0516  0.0259  223 HOH A O      
404 O  O      . HOH J .  ? 0.2719 0.5541 0.3108 0.0177  0.0535  0.0298  224 HOH A O      
405 O  O      . HOH J .  ? 0.2927 0.2444 0.4098 0.0570  -0.0008 -0.0701 225 HOH A O      
406 O  O      . HOH J .  ? 0.4158 0.4014 0.3289 -0.0450 -0.0052 0.0032  226 HOH A O      
407 O  O      . HOH J .  ? 0.4154 0.4335 0.3243 -0.0503 0.0021  -0.0072 227 HOH A O      
408 O  O      . HOH J .  ? 0.2100 0.4139 0.4957 0.1691  0.0664  0.0073  228 HOH A O      
409 O  O      . HOH J .  ? 0.2275 0.3289 0.2864 -0.0875 -0.0691 -0.0566 229 HOH A O      
410 O  O      . HOH J .  ? 0.3609 0.3312 0.4661 -0.0227 -0.0045 0.0581  230 HOH A O      
411 O  O      . HOH J .  ? 0.4813 0.5354 0.4727 0.0428  -0.0519 -0.0466 231 HOH A O      
412 O  O      . HOH J .  ? 0.4103 0.3020 0.1584 -0.0162 0.0466  0.0344  232 HOH A O      
413 O  O      . HOH J .  ? 0.3143 0.4202 0.4063 -0.0233 0.1073  0.0374  233 HOH A O      
414 O  O      . HOH J .  ? 0.3954 0.5017 0.4700 0.0137  0.0041  -0.0098 234 HOH A O      
415 O  O      . HOH J .  ? 0.4484 0.4337 0.3824 0.0225  -0.0064 0.0336  235 HOH A O      
416 O  O      . HOH J .  ? 0.2521 0.2371 0.3106 0.0143  -0.0167 0.0058  236 HOH A O      
417 O  O      . HOH J .  ? 0.3053 0.3710 0.3214 0.0229  0.0088  0.0217  237 HOH A O      
418 O  O      . HOH J .  ? 0.5131 0.4204 0.5944 -0.0335 0.0343  0.0460  238 HOH A O      
419 O  O      . HOH J .  ? 0.3690 0.4883 0.4871 0.0860  0.0182  0.0136  239 HOH A O      
420 O  O      . HOH J .  ? 0.4362 0.5011 0.5560 -0.0331 0.0319  0.0393  240 HOH A O      
421 O  O      . HOH J .  ? 0.6927 0.6261 0.5747 -0.0192 0.0175  0.0257  241 HOH A O      
422 O  O      . HOH J .  ? 0.5740 0.5803 0.6870 0.0482  -0.0124 -0.0261 242 HOH A O      
423 O  O      . HOH J .  ? 0.4017 0.5438 0.3865 0.0437  0.0216  0.0114  243 HOH A O      
424 O  O      . HOH J .  ? 0.5201 0.5031 0.4978 0.0004  0.0217  -0.0300 244 HOH A O      
425 O  O      . HOH J .  ? 0.2138 0.3826 0.2750 0.0409  0.0443  0.1408  245 HOH A O      
426 O  O      . HOH J .  ? 0.4500 0.5309 0.4628 -0.0074 0.0028  0.0063  246 HOH A O      
427 O  O      . HOH J .  ? 0.5004 0.5065 0.4125 0.0290  -0.0412 -0.0179 247 HOH A O      
428 O  O      . HOH J .  ? 0.2144 0.2714 0.2168 0.0928  0.0324  0.0408  248 HOH A O      
429 O  O      . HOH J .  ? 0.4435 0.4533 0.4627 0.0907  0.0139  -0.0160 249 HOH A O      
430 O  O      . HOH J .  ? 0.3981 0.3034 0.5392 0.0150  0.0114  -0.0141 250 HOH A O      
431 O  O      . HOH J .  ? 0.3733 0.3664 0.2088 0.0314  0.0177  0.0209  251 HOH A O      
432 O  O      . HOH J .  ? 0.5164 0.3733 0.3978 0.0448  -0.0269 0.0080  252 HOH A O      
433 O  O      . HOH J .  ? 0.4128 0.5791 0.2830 0.0066  -0.0400 0.0189  253 HOH A O      
434 O  O      . HOH J .  ? 0.4222 0.4262 0.5849 0.0149  0.0960  0.0364  254 HOH A O      
435 O  O      . HOH J .  ? 0.5118 0.3317 0.4874 0.0859  -0.0149 0.0091  255 HOH A O      
436 O  O      . HOH J .  ? 0.4457 0.5009 0.4335 -0.0090 0.0073  -0.0102 256 HOH A O      
437 O  O      . HOH J .  ? 0.3607 0.4439 0.3217 0.0280  -0.0204 0.0079  257 HOH A O      
438 O  O      . HOH J .  ? 0.4139 0.1680 0.1398 0.1101  0.0423  0.0892  258 HOH A O      
439 O  O      . HOH J .  ? 0.4184 0.3244 0.4782 0.0420  0.0258  -0.0548 259 HOH A O      
440 O  O      . HOH J .  ? 0.4524 0.4280 0.5035 0.0886  -0.0266 0.0439  260 HOH A O      
441 O  O      . HOH J .  ? 0.4444 0.3072 0.3256 -0.0047 0.0123  -0.0116 261 HOH A O      
442 O  O      . HOH J .  ? 0.5286 0.3127 0.2556 -0.0587 0.0909  -0.0454 262 HOH A O      
443 O  O      . HOH J .  ? 0.5905 0.6298 0.3854 -0.0378 -0.0426 -0.0299 263 HOH A O      
444 O  O      . HOH J .  ? 0.5066 0.4923 0.5806 -0.0298 0.0500  0.0283  264 HOH A O      
445 O  O      . HOH J .  ? 0.4842 0.3696 0.5244 0.0092  -0.0220 -0.0348 265 HOH A O      
446 O  O      . HOH J .  ? 0.4848 0.5481 0.5095 0.0188  0.0476  0.0073  266 HOH A O      
447 O  O      . HOH J .  ? 0.3467 0.5079 0.4752 0.0286  0.0254  0.0282  267 HOH A O      
448 O  O      . HOH J .  ? 0.3956 0.3979 0.2716 -0.0453 0.0111  0.0265  268 HOH A O      
449 O  O      . HOH J .  ? 0.5038 0.4777 0.4197 -0.0169 0.0318  -0.0445 269 HOH A O      
450 O  O      . HOH J .  ? 0.5563 0.5822 0.5138 -0.0469 0.0380  -0.0418 270 HOH A O      
451 O  O      . HOH J .  ? 0.3622 0.4153 0.2997 0.0693  0.0589  -0.0511 271 HOH A O      
452 O  O      . HOH J .  ? 0.4439 0.4374 0.4228 -0.0416 -0.0133 -0.0023 272 HOH A O      
453 O  O      . HOH J .  ? 0.4348 0.4114 0.5467 0.0614  -0.0376 -0.0314 273 HOH A O      
454 O  O      . HOH J .  ? 0.5380 0.5802 0.5390 0.0609  -0.0213 0.0205  274 HOH A O      
455 O  O      . HOH J .  ? 0.4765 0.4982 0.4438 0.0391  0.0050  -0.0347 275 HOH A O      
456 O  O      . HOH J .  ? 0.5209 0.3565 0.2626 -0.0298 -0.0067 0.0801  276 HOH A O      
457 O  O      . HOH J .  ? 0.4908 0.4558 0.4400 -0.0020 -0.0462 -0.0100 277 HOH A O      
458 O  O      . HOH J .  ? 0.5449 0.3998 0.4103 -0.0548 0.0618  0.0057  278 HOH A O      
459 O  O      . HOH J .  ? 0.4036 0.4715 0.3863 -0.0122 -0.0098 0.0236  279 HOH A O      
460 O  O      . HOH J .  ? 0.4065 0.4974 0.4763 0.0146  0.0163  0.0397  280 HOH A O      
461 O  O      . HOH J .  ? 0.6844 0.6401 0.6196 -0.0187 0.0203  -0.0077 281 HOH A O      
462 O  O      . HOH J .  ? 0.5372 0.5252 0.5111 0.0246  -0.0255 -0.0281 282 HOH A O      
463 O  O      . HOH J .  ? 0.4387 0.5461 0.3098 0.0204  -0.0311 -0.0640 283 HOH A O      
464 O  O      . HOH J .  ? 0.3940 0.3874 0.3016 0.0188  -0.0121 0.0456  284 HOH A O      
465 O  O      . HOH J .  ? 0.6615 0.7148 0.6352 -0.0157 0.0437  0.0094  285 HOH A O      
466 O  O      . HOH J .  ? 0.3987 0.4637 0.4236 0.0458  -0.0387 -0.0164 286 HOH A O      
467 O  O      . HOH J .  ? 0.6454 0.6834 0.5979 -0.0276 0.0323  0.0002  287 HOH A O      
468 O  O      . HOH J .  ? 0.4063 0.3972 0.5011 0.0348  -0.1011 0.0406  288 HOH A O      
# 
